data_3HZN
#
_entry.id   3HZN
#
_cell.length_a   280.340
_cell.length_b   96.760
_cell.length_c   131.840
_cell.angle_alpha   90.00
_cell.angle_beta   90.36
_cell.angle_gamma   90.00
#
_symmetry.space_group_name_H-M   'C 1 2 1'
#
loop_
_entity.id
_entity.type
_entity.pdbx_description
1 polymer 'Oxygen-insensitive NAD(P)H nitroreductase'
2 non-polymer 'L(+)-TARTARIC ACID'
3 non-polymer 'SUCCINIC ACID'
4 non-polymer 'MALONATE ION'
5 non-polymer 'CHLORIDE ION'
6 non-polymer 'CITRATE ANION'
7 non-polymer 'SODIUM ION'
8 non-polymer 'ACETATE ION'
9 water water
#
_entity_poly.entity_id   1
_entity_poly.type   'polypeptide(L)'
_entity_poly.pdbx_seq_one_letter_code
;SNA(MSE)DIVSVALQRYSTKAFDPSKKLTAEEADKIKTLLQYSPSSTNSQPWHFIVASTEEGKARVAKSAAGNYTFNER
K(MSE)LDASHVVVFCAKTA(MSE)DDAWLERVVDQEDADGRFATPEAKAANDKGRRFFAD(MSE)HRVSLKDDHQW
(MSE)AKQVYLNVGNFLLGVAA(MSE)GLDAVPIEGFDAEVLDAEFGLKEKGYTSLVVVPVGHHSVEDFNAGLPKSRLPL
ETTLTEV
;
_entity_poly.pdbx_strand_id   A,B,C,D,E,F,G,H
#
# COMPACT_ATOMS: atom_id res chain seq x y z
N ASN A 2 -30.69 -25.95 27.07
CA ASN A 2 -31.21 -26.64 25.86
C ASN A 2 -30.77 -26.00 24.56
N ALA A 3 -29.51 -26.23 24.20
CA ALA A 3 -29.00 -26.00 22.82
C ALA A 3 -29.75 -26.85 21.79
N ASP A 5 -34.26 -28.15 21.32
CA ASP A 5 -35.60 -28.06 21.95
C ASP A 5 -35.75 -26.86 22.90
N ILE A 6 -35.32 -25.70 22.42
CA ILE A 6 -35.49 -24.45 23.14
C ILE A 6 -36.97 -24.06 23.24
N VAL A 7 -37.79 -24.53 22.29
CA VAL A 7 -39.20 -24.21 22.35
C VAL A 7 -39.86 -24.87 23.56
N SER A 8 -39.48 -26.11 23.87
CA SER A 8 -40.03 -26.77 25.05
CA SER A 8 -40.03 -26.77 25.05
C SER A 8 -39.66 -25.95 26.27
N VAL A 9 -38.45 -25.41 26.28
CA VAL A 9 -38.02 -24.56 27.39
C VAL A 9 -38.93 -23.35 27.46
N ALA A 10 -39.16 -22.71 26.32
CA ALA A 10 -39.99 -21.53 26.31
C ALA A 10 -41.42 -21.84 26.77
N LEU A 11 -41.92 -23.03 26.45
CA LEU A 11 -43.26 -23.42 26.87
C LEU A 11 -43.32 -23.82 28.35
N GLN A 12 -42.19 -24.19 28.93
CA GLN A 12 -42.20 -24.74 30.28
C GLN A 12 -41.78 -23.74 31.34
N ARG A 13 -41.18 -22.63 30.95
CA ARG A 13 -40.75 -21.65 31.95
C ARG A 13 -41.91 -20.77 32.39
N TYR A 14 -41.73 -20.12 33.53
CA TYR A 14 -42.76 -19.28 34.11
C TYR A 14 -42.04 -18.44 35.15
N SER A 15 -42.72 -17.42 35.65
CA SER A 15 -42.23 -16.56 36.73
C SER A 15 -42.43 -17.23 38.09
N THR A 16 -41.33 -17.56 38.74
CA THR A 16 -41.44 -18.13 40.07
C THR A 16 -41.71 -17.03 41.10
N LYS A 17 -42.56 -17.33 42.08
CA LYS A 17 -42.93 -16.40 43.14
C LYS A 17 -42.42 -16.88 44.50
N ALA A 18 -42.25 -18.18 44.65
CA ALA A 18 -41.80 -18.73 45.92
C ALA A 18 -40.54 -19.56 45.72
N PHE A 19 -39.41 -19.02 46.17
CA PHE A 19 -38.14 -19.70 46.07
C PHE A 19 -37.87 -20.52 47.33
N ASP A 20 -37.32 -21.72 47.13
CA ASP A 20 -36.77 -22.48 48.24
C ASP A 20 -35.39 -21.91 48.54
N PRO A 21 -35.21 -21.36 49.75
CA PRO A 21 -33.96 -20.67 50.14
C PRO A 21 -32.81 -21.62 50.47
N SER A 22 -33.02 -22.91 50.34
CA SER A 22 -31.99 -23.87 50.72
C SER A 22 -31.45 -24.55 49.47
N LYS A 23 -32.10 -24.27 48.34
CA LYS A 23 -31.61 -24.80 47.08
C LYS A 23 -30.77 -23.72 46.39
N LYS A 24 -29.44 -23.86 46.52
CA LYS A 24 -28.51 -22.94 45.90
C LYS A 24 -28.16 -23.34 44.48
N LEU A 25 -27.69 -22.38 43.70
CA LEU A 25 -26.99 -22.66 42.47
C LEU A 25 -25.65 -23.33 42.79
N THR A 26 -25.26 -24.33 42.01
CA THR A 26 -23.90 -24.86 42.10
C THR A 26 -22.91 -23.79 41.68
N ALA A 27 -21.64 -23.99 42.03
CA ALA A 27 -20.61 -23.04 41.60
C ALA A 27 -20.53 -22.96 40.07
N GLU A 28 -20.76 -24.08 39.42
CA GLU A 28 -20.78 -24.12 37.94
CA GLU A 28 -20.78 -24.13 37.97
C GLU A 28 -21.90 -23.24 37.41
N GLU A 29 -23.08 -23.33 38.02
CA GLU A 29 -24.23 -22.54 37.58
C GLU A 29 -24.04 -21.06 37.86
N ALA A 30 -23.41 -20.74 38.98
CA ALA A 30 -23.16 -19.36 39.30
C ALA A 30 -22.33 -18.77 38.19
N ASP A 31 -21.32 -19.52 37.72
CA ASP A 31 -20.44 -19.05 36.65
C ASP A 31 -21.17 -18.90 35.33
N LYS A 32 -22.04 -19.86 35.03
CA LYS A 32 -22.79 -19.80 33.79
C LYS A 32 -23.72 -18.58 33.72
N ILE A 33 -24.37 -18.22 34.84
CA ILE A 33 -25.30 -17.09 34.76
C ILE A 33 -24.57 -15.78 34.49
N LYS A 34 -23.38 -15.64 35.07
CA LYS A 34 -22.57 -14.48 34.83
C LYS A 34 -22.14 -14.43 33.38
N THR A 35 -21.90 -15.60 32.79
CA THR A 35 -21.52 -15.69 31.39
C THR A 35 -22.66 -15.24 30.49
N LEU A 36 -23.88 -15.73 30.77
CA LEU A 36 -25.10 -15.25 30.08
C LEU A 36 -25.27 -13.71 30.15
N LEU A 37 -25.10 -13.15 31.34
CA LEU A 37 -25.15 -11.70 31.48
C LEU A 37 -24.17 -11.06 30.52
N GLN A 38 -22.95 -11.57 30.55
CA GLN A 38 -21.84 -10.95 29.85
C GLN A 38 -22.00 -11.06 28.35
N TYR A 39 -22.52 -12.20 27.88
CA TYR A 39 -22.55 -12.48 26.45
C TYR A 39 -23.82 -12.13 25.73
N SER A 40 -24.72 -11.44 26.43
CA SER A 40 -25.89 -10.93 25.77
C SER A 40 -25.46 -10.05 24.58
N PRO A 41 -26.21 -10.11 23.46
CA PRO A 41 -26.04 -9.11 22.41
C PRO A 41 -26.46 -7.72 22.87
N SER A 42 -26.10 -6.71 22.07
CA SER A 42 -26.52 -5.35 22.30
C SER A 42 -26.17 -4.54 21.06
N SER A 43 -26.92 -3.47 20.80
CA SER A 43 -26.70 -2.66 19.60
C SER A 43 -25.25 -2.23 19.50
N THR A 44 -24.60 -2.56 18.39
CA THR A 44 -23.20 -2.27 18.14
C THR A 44 -22.28 -2.89 19.19
N ASN A 45 -22.78 -3.91 19.89
CA ASN A 45 -22.06 -4.56 20.98
C ASN A 45 -21.60 -3.53 22.03
N SER A 46 -22.46 -2.54 22.29
CA SER A 46 -22.12 -1.42 23.18
C SER A 46 -22.19 -1.76 24.67
N GLN A 47 -22.88 -2.86 24.97
CA GLN A 47 -22.90 -3.38 26.33
C GLN A 47 -23.07 -2.28 27.37
N PRO A 48 -24.18 -1.53 27.29
CA PRO A 48 -24.25 -0.33 28.12
C PRO A 48 -24.79 -0.62 29.50
N TRP A 49 -24.20 -1.57 30.21
CA TRP A 49 -24.85 -2.12 31.38
C TRP A 49 -23.90 -2.46 32.49
N HIS A 50 -24.47 -2.67 33.67
CA HIS A 50 -23.76 -3.21 34.81
C HIS A 50 -24.69 -4.17 35.52
N PHE A 51 -24.11 -5.16 36.19
CA PHE A 51 -24.90 -6.13 36.92
C PHE A 51 -24.43 -6.24 38.35
N ILE A 52 -25.40 -6.29 39.26
CA ILE A 52 -25.13 -6.66 40.63
C ILE A 52 -25.69 -8.04 40.88
N VAL A 53 -24.83 -8.93 41.31
CA VAL A 53 -25.27 -10.27 41.65
C VAL A 53 -25.11 -10.48 43.15
N ALA A 54 -26.24 -10.57 43.84
CA ALA A 54 -26.24 -10.77 45.28
C ALA A 54 -26.47 -12.24 45.55
N SER A 55 -25.60 -12.84 46.36
CA SER A 55 -25.70 -14.25 46.65
C SER A 55 -25.55 -14.54 48.14
N THR A 56 -25.12 -13.54 48.92
CA THR A 56 -25.02 -13.66 50.37
C THR A 56 -26.25 -13.04 51.01
N GLU A 57 -26.56 -13.45 52.24
CA GLU A 57 -27.74 -12.93 52.91
C GLU A 57 -27.66 -11.43 53.10
N GLU A 58 -26.50 -10.91 53.50
CA GLU A 58 -26.34 -9.47 53.68
CA GLU A 58 -26.38 -9.46 53.67
C GLU A 58 -26.53 -8.74 52.33
N GLY A 59 -26.01 -9.35 51.27
CA GLY A 59 -26.13 -8.76 49.94
C GLY A 59 -27.55 -8.75 49.41
N LYS A 60 -28.27 -9.85 49.61
CA LYS A 60 -29.66 -9.93 49.16
C LYS A 60 -30.56 -9.01 49.97
N ALA A 61 -30.33 -8.93 51.28
CA ALA A 61 -31.08 -8.02 52.13
C ALA A 61 -30.96 -6.58 51.63
N ARG A 62 -29.77 -6.18 51.20
CA ARG A 62 -29.60 -4.81 50.69
C ARG A 62 -30.42 -4.57 49.45
N VAL A 63 -30.39 -5.51 48.51
CA VAL A 63 -31.26 -5.39 47.34
C VAL A 63 -32.71 -5.37 47.77
N ALA A 64 -33.08 -6.27 48.70
CA ALA A 64 -34.47 -6.43 49.11
C ALA A 64 -35.08 -5.13 49.67
N LYS A 65 -34.23 -4.22 50.10
CA LYS A 65 -34.71 -2.97 50.66
C LYS A 65 -35.44 -2.15 49.62
N SER A 66 -35.15 -2.40 48.34
CA SER A 66 -35.80 -1.68 47.25
C SER A 66 -37.25 -2.10 47.11
N ALA A 67 -37.66 -3.13 47.84
CA ALA A 67 -39.03 -3.60 47.71
C ALA A 67 -39.99 -3.08 48.80
N ALA A 68 -39.54 -2.18 49.64
CA ALA A 68 -40.44 -1.58 50.64
C ALA A 68 -41.64 -0.82 50.02
N GLY A 69 -42.62 -0.48 50.85
CA GLY A 69 -43.77 0.30 50.41
C GLY A 69 -44.75 -0.49 49.56
N ASN A 70 -44.89 -0.09 48.30
CA ASN A 70 -45.85 -0.72 47.41
C ASN A 70 -45.41 -2.11 46.98
N TYR A 71 -44.14 -2.42 47.18
CA TYR A 71 -43.59 -3.65 46.61
C TYR A 71 -43.19 -4.71 47.62
N THR A 72 -43.73 -4.60 48.82
CA THR A 72 -43.40 -5.50 49.91
C THR A 72 -43.53 -6.97 49.50
N PHE A 73 -44.49 -7.29 48.65
CA PHE A 73 -44.69 -8.68 48.25
C PHE A 73 -43.50 -9.29 47.50
N ASN A 74 -42.65 -8.46 46.89
CA ASN A 74 -41.48 -8.94 46.16
C ASN A 74 -40.27 -9.19 47.05
N GLU A 75 -40.32 -8.67 48.26
CA GLU A 75 -39.18 -8.80 49.17
C GLU A 75 -38.80 -10.26 49.39
N ARG A 76 -39.80 -11.12 49.56
CA ARG A 76 -39.49 -12.51 49.88
C ARG A 76 -38.75 -13.19 48.73
N LYS A 77 -39.08 -12.83 47.50
CA LYS A 77 -38.44 -13.51 46.39
C LYS A 77 -36.97 -13.08 46.25
N LEU A 79 -35.27 -12.30 48.84
CA LEU A 79 -34.53 -12.85 49.98
C LEU A 79 -34.28 -14.35 49.89
N ASP A 80 -35.23 -15.09 49.33
CA ASP A 80 -35.16 -16.54 49.37
C ASP A 80 -34.47 -17.16 48.15
N ALA A 81 -34.41 -16.43 47.04
CA ALA A 81 -33.73 -16.97 45.86
C ALA A 81 -32.25 -17.15 46.16
N SER A 82 -31.62 -18.09 45.46
CA SER A 82 -30.20 -18.36 45.63
C SER A 82 -29.38 -17.17 45.24
N HIS A 83 -29.63 -16.64 44.04
CA HIS A 83 -28.91 -15.49 43.52
C HIS A 83 -29.86 -14.43 43.03
N VAL A 84 -29.49 -13.17 43.28
CA VAL A 84 -30.32 -12.06 42.82
C VAL A 84 -29.55 -11.14 41.91
N VAL A 85 -30.06 -10.92 40.70
CA VAL A 85 -29.38 -10.10 39.71
C VAL A 85 -30.08 -8.79 39.50
N VAL A 86 -29.34 -7.70 39.66
CA VAL A 86 -29.85 -6.40 39.37
C VAL A 86 -29.26 -5.95 38.05
N PHE A 87 -30.12 -5.76 37.05
CA PHE A 87 -29.72 -5.24 35.76
C PHE A 87 -29.69 -3.72 35.77
N CYS A 88 -28.53 -3.14 35.46
CA CYS A 88 -28.43 -1.69 35.40
C CYS A 88 -28.03 -1.19 34.03
N ALA A 89 -28.57 -0.02 33.66
CA ALA A 89 -28.19 0.64 32.42
C ALA A 89 -27.28 1.81 32.74
N LYS A 90 -26.40 2.15 31.80
CA LYS A 90 -25.58 3.35 31.94
C LYS A 90 -26.52 4.54 31.89
N THR A 91 -26.15 5.64 32.52
CA THR A 91 -27.01 6.84 32.45
C THR A 91 -26.75 7.70 31.22
N ALA A 92 -25.54 7.61 30.67
CA ALA A 92 -25.19 8.36 29.47
C ALA A 92 -24.12 7.63 28.68
N ASP A 94 -21.07 7.83 27.23
CA ASP A 94 -19.87 8.64 27.12
C ASP A 94 -18.86 8.11 26.07
N ASP A 95 -18.06 9.02 25.53
CA ASP A 95 -16.99 8.66 24.62
C ASP A 95 -16.09 7.58 25.20
N ALA A 96 -15.78 7.68 26.49
CA ALA A 96 -14.88 6.71 27.10
C ALA A 96 -15.42 5.29 27.02
N TRP A 97 -16.73 5.14 27.08
CA TRP A 97 -17.29 3.79 27.05
C TRP A 97 -17.19 3.22 25.63
N LEU A 98 -17.42 4.09 24.65
CA LEU A 98 -17.27 3.70 23.26
C LEU A 98 -15.81 3.32 22.98
N GLU A 99 -14.86 4.06 23.54
CA GLU A 99 -13.46 3.72 23.33
C GLU A 99 -13.17 2.36 23.97
N ARG A 100 -13.77 2.11 25.14
CA ARG A 100 -13.49 0.90 25.86
C ARG A 100 -14.02 -0.33 25.12
N VAL A 101 -15.19 -0.19 24.51
CA VAL A 101 -15.77 -1.31 23.80
C VAL A 101 -14.95 -1.68 22.57
N VAL A 102 -14.47 -0.67 21.83
CA VAL A 102 -13.73 -0.98 20.62
C VAL A 102 -12.35 -1.54 20.96
N ASP A 103 -11.70 -0.95 21.97
CA ASP A 103 -10.41 -1.45 22.44
C ASP A 103 -10.52 -2.91 22.86
N GLN A 104 -11.67 -3.31 23.41
CA GLN A 104 -11.83 -4.67 23.90
C GLN A 104 -12.05 -5.59 22.72
N GLU A 105 -12.80 -5.11 21.73
CA GLU A 105 -13.01 -5.91 20.53
C GLU A 105 -11.65 -6.16 19.85
N ASP A 106 -10.75 -5.22 20.02
CA ASP A 106 -9.45 -5.29 19.44
C ASP A 106 -8.60 -6.30 20.20
N ALA A 107 -8.61 -6.20 21.53
CA ALA A 107 -7.86 -7.15 22.35
C ALA A 107 -8.34 -8.57 22.07
N ASP A 108 -9.62 -8.73 21.79
CA ASP A 108 -10.15 -10.04 21.58
C ASP A 108 -9.88 -10.56 20.16
N GLY A 109 -9.29 -9.72 19.32
CA GLY A 109 -8.88 -10.18 17.99
C GLY A 109 -9.91 -10.08 16.88
N ARG A 110 -10.77 -9.07 16.96
CA ARG A 110 -11.79 -8.93 15.94
C ARG A 110 -11.31 -8.12 14.74
N PHE A 111 -10.19 -7.42 14.89
CA PHE A 111 -9.67 -6.54 13.86
C PHE A 111 -8.25 -6.93 13.47
N ALA A 112 -8.10 -7.50 12.28
CA ALA A 112 -6.76 -7.90 11.80
C ALA A 112 -5.85 -6.70 11.50
N THR A 113 -6.43 -5.50 11.35
CA THR A 113 -5.63 -4.30 11.04
C THR A 113 -6.14 -3.04 11.75
N PRO A 114 -5.27 -2.05 11.90
CA PRO A 114 -5.67 -0.78 12.48
C PRO A 114 -6.92 -0.17 11.83
N GLU A 115 -7.03 -0.26 10.51
CA GLU A 115 -8.14 0.38 9.82
C GLU A 115 -9.45 -0.36 10.09
N ALA A 116 -9.40 -1.69 10.23
CA ALA A 116 -10.62 -2.44 10.56
C ALA A 116 -11.19 -1.94 11.89
N LYS A 117 -10.29 -1.68 12.84
CA LYS A 117 -10.67 -1.14 14.13
C LYS A 117 -11.33 0.22 13.97
N ALA A 118 -10.63 1.14 13.31
CA ALA A 118 -11.14 2.50 13.09
C ALA A 118 -12.48 2.49 12.36
N ALA A 119 -12.59 1.69 11.31
CA ALA A 119 -13.87 1.52 10.65
C ALA A 119 -14.97 1.13 11.65
N ASN A 120 -14.67 0.14 12.50
CA ASN A 120 -15.65 -0.32 13.50
C ASN A 120 -16.05 0.78 14.46
N ASP A 121 -15.04 1.57 14.86
CA ASP A 121 -15.25 2.67 15.77
C ASP A 121 -16.18 3.69 15.12
N LYS A 122 -15.87 4.10 13.89
CA LYS A 122 -16.69 5.08 13.20
C LYS A 122 -18.11 4.57 13.08
N GLY A 123 -18.25 3.31 12.73
CA GLY A 123 -19.56 2.73 12.52
C GLY A 123 -20.38 2.69 13.79
N ARG A 124 -19.71 2.48 14.93
CA ARG A 124 -20.40 2.45 16.21
C ARG A 124 -20.88 3.88 16.55
N ARG A 125 -20.00 4.85 16.32
CA ARG A 125 -20.32 6.22 16.65
C ARG A 125 -21.38 6.83 15.75
N PHE A 126 -21.48 6.32 14.54
CA PHE A 126 -22.60 6.64 13.67
C PHE A 126 -23.93 6.43 14.42
N PHE A 127 -24.08 5.27 15.06
CA PHE A 127 -25.27 4.98 15.83
C PHE A 127 -25.30 5.74 17.14
N ALA A 128 -24.16 5.81 17.81
CA ALA A 128 -24.15 6.47 19.09
C ALA A 128 -24.60 7.90 18.91
N ASP A 129 -24.08 8.58 17.88
CA ASP A 129 -24.37 10.00 17.72
C ASP A 129 -25.81 10.26 17.29
N HIS A 131 -28.27 8.75 18.50
CA HIS A 131 -28.96 8.80 19.79
C HIS A 131 -28.48 9.94 20.69
N ARG A 132 -27.18 10.12 20.81
CA ARG A 132 -26.63 11.14 21.72
C ARG A 132 -26.91 12.53 21.20
N VAL A 133 -27.02 12.68 19.90
CA VAL A 133 -27.07 14.00 19.32
C VAL A 133 -28.35 14.27 18.54
N SER A 134 -28.65 13.42 17.58
CA SER A 134 -29.83 13.65 16.77
C SER A 134 -31.13 13.47 17.58
N LEU A 135 -31.39 12.26 18.10
CA LEU A 135 -32.65 11.94 18.80
C LEU A 135 -32.68 12.32 20.27
N LYS A 136 -31.51 12.47 20.88
CA LYS A 136 -31.47 12.78 22.30
C LYS A 136 -32.20 11.71 23.11
N ASP A 137 -31.97 10.44 22.82
CA ASP A 137 -32.69 9.36 23.47
C ASP A 137 -31.75 8.25 23.96
N ASP A 138 -30.49 8.58 24.21
CA ASP A 138 -29.50 7.56 24.53
C ASP A 138 -29.82 6.80 25.82
N HIS A 139 -30.31 7.52 26.83
CA HIS A 139 -30.75 6.90 28.07
C HIS A 139 -31.74 5.77 27.78
N GLN A 140 -32.72 6.03 26.93
CA GLN A 140 -33.73 5.02 26.64
C GLN A 140 -33.12 3.96 25.76
N TRP A 141 -32.24 4.39 24.87
CA TRP A 141 -31.60 3.47 23.94
C TRP A 141 -30.83 2.38 24.70
N ALA A 143 -31.31 1.55 27.91
CA ALA A 143 -32.17 0.78 28.76
C ALA A 143 -32.79 -0.34 27.93
N LYS A 144 -33.05 -0.08 26.66
CA LYS A 144 -33.59 -1.16 25.83
C LYS A 144 -32.57 -2.27 25.65
N GLN A 145 -31.28 -1.91 25.57
CA GLN A 145 -30.26 -2.96 25.43
C GLN A 145 -30.30 -3.87 26.68
N VAL A 146 -30.39 -3.25 27.85
CA VAL A 146 -30.53 -4.00 29.10
C VAL A 146 -31.72 -4.98 29.09
N TYR A 147 -32.84 -4.59 28.48
CA TYR A 147 -34.01 -5.46 28.46
C TYR A 147 -33.82 -6.61 27.50
N LEU A 148 -33.12 -6.35 26.41
CA LEU A 148 -32.71 -7.43 25.53
C LEU A 148 -31.90 -8.43 26.35
N ASN A 149 -30.98 -7.92 27.15
CA ASN A 149 -30.19 -8.77 28.00
C ASN A 149 -31.07 -9.60 28.96
N VAL A 150 -32.07 -8.94 29.54
CA VAL A 150 -32.98 -9.61 30.46
C VAL A 150 -33.69 -10.74 29.76
N GLY A 151 -34.15 -10.48 28.54
CA GLY A 151 -34.86 -11.49 27.78
C GLY A 151 -33.98 -12.68 27.48
N ASN A 152 -32.75 -12.41 27.11
CA ASN A 152 -31.76 -13.44 26.86
C ASN A 152 -31.50 -14.24 28.14
N PHE A 153 -31.37 -13.54 29.27
CA PHE A 153 -31.10 -14.17 30.55
C PHE A 153 -32.23 -15.10 31.00
N LEU A 154 -33.45 -14.61 30.97
CA LEU A 154 -34.57 -15.40 31.44
C LEU A 154 -34.69 -16.70 30.67
N LEU A 155 -34.40 -16.67 29.38
CA LEU A 155 -34.47 -17.92 28.62
C LEU A 155 -33.26 -18.81 28.96
N GLY A 156 -32.09 -18.18 28.98
CA GLY A 156 -30.89 -18.90 29.34
C GLY A 156 -31.05 -19.70 30.63
N VAL A 157 -31.49 -19.04 31.70
CA VAL A 157 -31.56 -19.72 32.99
C VAL A 157 -32.63 -20.78 32.95
N ALA A 158 -33.69 -20.57 32.18
CA ALA A 158 -34.71 -21.59 32.08
C ALA A 158 -34.05 -22.80 31.44
N ALA A 159 -33.26 -22.57 30.41
CA ALA A 159 -32.60 -23.68 29.70
C ALA A 159 -31.63 -24.45 30.59
N GLY A 161 -32.25 -25.17 33.59
CA GLY A 161 -33.07 -25.77 34.64
C GLY A 161 -33.26 -24.93 35.91
N LEU A 162 -32.94 -23.64 35.86
CA LEU A 162 -33.19 -22.77 37.00
C LEU A 162 -34.54 -22.06 36.93
N ASP A 163 -35.00 -21.58 38.08
CA ASP A 163 -36.24 -20.79 38.15
C ASP A 163 -35.88 -19.33 38.38
N ALA A 164 -36.67 -18.44 37.81
CA ALA A 164 -36.41 -17.01 37.91
C ALA A 164 -37.71 -16.22 37.82
N VAL A 165 -37.61 -14.90 38.00
CA VAL A 165 -38.72 -13.99 37.76
C VAL A 165 -38.15 -12.61 37.50
N PRO A 166 -38.69 -11.90 36.48
CA PRO A 166 -38.28 -10.51 36.22
C PRO A 166 -39.13 -9.53 37.03
N ILE A 167 -38.48 -8.74 37.86
CA ILE A 167 -39.19 -7.87 38.77
C ILE A 167 -38.99 -6.41 38.41
N GLU A 168 -40.07 -5.74 38.05
CA GLU A 168 -40.03 -4.28 37.88
C GLU A 168 -40.53 -3.61 39.14
N GLY A 169 -41.21 -4.39 39.98
CA GLY A 169 -41.83 -3.86 41.18
C GLY A 169 -40.85 -3.63 42.30
N PHE A 170 -40.06 -2.57 42.16
CA PHE A 170 -39.11 -2.19 43.20
C PHE A 170 -38.81 -0.70 43.07
N ASP A 171 -38.21 -0.11 44.09
CA ASP A 171 -37.88 1.31 44.04
C ASP A 171 -36.45 1.52 43.51
N ALA A 172 -36.34 1.90 42.25
CA ALA A 172 -35.05 2.07 41.58
C ALA A 172 -34.20 3.15 42.25
N GLU A 173 -34.87 4.20 42.70
CA GLU A 173 -34.25 5.29 43.46
C GLU A 173 -33.59 4.76 44.72
N VAL A 174 -34.33 3.99 45.50
CA VAL A 174 -33.80 3.38 46.70
C VAL A 174 -32.65 2.41 46.39
N LEU A 175 -32.85 1.54 45.39
CA LEU A 175 -31.83 0.58 45.04
C LEU A 175 -30.55 1.29 44.56
N ASP A 176 -30.71 2.30 43.68
CA ASP A 176 -29.57 3.06 43.16
C ASP A 176 -28.77 3.63 44.31
N ALA A 177 -29.46 4.21 45.29
CA ALA A 177 -28.80 4.82 46.44
C ALA A 177 -28.08 3.79 47.31
N GLU A 178 -28.65 2.60 47.41
CA GLU A 178 -28.07 1.53 48.22
C GLU A 178 -26.74 1.05 47.65
N PHE A 179 -26.61 1.11 46.33
CA PHE A 179 -25.38 0.66 45.68
C PHE A 179 -24.55 1.79 45.07
N GLY A 180 -24.93 3.04 45.38
CA GLY A 180 -24.25 4.20 44.86
C GLY A 180 -24.14 4.22 43.36
N LEU A 181 -25.21 3.81 42.69
CA LEU A 181 -25.16 3.67 41.23
C LEU A 181 -25.10 5.00 40.49
N LYS A 182 -25.69 6.04 41.06
CA LYS A 182 -25.80 7.28 40.29
C LYS A 182 -24.41 7.84 40.03
N GLU A 183 -23.61 7.91 41.09
CA GLU A 183 -22.27 8.46 40.97
C GLU A 183 -21.38 7.55 40.12
N LYS A 184 -21.72 6.26 40.06
CA LYS A 184 -20.99 5.31 39.25
C LYS A 184 -21.41 5.35 37.79
N GLY A 185 -22.52 6.01 37.50
CA GLY A 185 -22.96 6.16 36.12
C GLY A 185 -24.04 5.19 35.68
N TYR A 186 -24.69 4.52 36.62
CA TYR A 186 -25.68 3.51 36.25
C TYR A 186 -26.97 3.74 37.01
N THR A 187 -28.05 3.14 36.50
CA THR A 187 -29.33 3.15 37.21
C THR A 187 -30.00 1.79 37.05
N SER A 188 -30.56 1.25 38.14
CA SER A 188 -31.12 -0.10 38.11
C SER A 188 -32.46 -0.15 37.41
N LEU A 189 -32.73 -1.25 36.71
CA LEU A 189 -33.92 -1.36 35.86
C LEU A 189 -34.75 -2.59 36.15
N VAL A 190 -34.10 -3.73 36.34
CA VAL A 190 -34.83 -4.96 36.57
C VAL A 190 -34.08 -5.80 37.57
N VAL A 191 -34.82 -6.45 38.47
CA VAL A 191 -34.24 -7.35 39.45
C VAL A 191 -34.73 -8.74 39.09
N VAL A 192 -33.80 -9.68 38.95
CA VAL A 192 -34.16 -11.04 38.63
C VAL A 192 -33.58 -12.02 39.64
N PRO A 193 -34.43 -12.48 40.57
CA PRO A 193 -34.06 -13.56 41.47
C PRO A 193 -33.96 -14.88 40.71
N VAL A 194 -32.91 -15.64 41.00
CA VAL A 194 -32.65 -16.90 40.33
C VAL A 194 -32.39 -17.97 41.37
N GLY A 195 -32.98 -19.15 41.17
CA GLY A 195 -32.86 -20.25 42.13
C GLY A 195 -33.76 -21.40 41.77
N HIS A 196 -34.36 -22.02 42.79
CA HIS A 196 -35.29 -23.12 42.57
C HIS A 196 -36.58 -22.84 43.31
N HIS A 197 -37.72 -23.14 42.68
CA HIS A 197 -39.00 -22.80 43.29
C HIS A 197 -39.24 -23.71 44.49
N SER A 198 -40.06 -23.27 45.44
CA SER A 198 -40.41 -24.13 46.56
C SER A 198 -41.65 -24.96 46.19
N VAL A 199 -41.94 -25.99 46.96
CA VAL A 199 -43.17 -26.75 46.72
C VAL A 199 -44.41 -25.88 46.86
N GLU A 200 -44.23 -24.64 47.29
CA GLU A 200 -45.37 -23.74 47.44
C GLU A 200 -45.45 -22.69 46.34
N ASP A 201 -44.61 -22.79 45.32
CA ASP A 201 -44.65 -21.82 44.25
C ASP A 201 -45.74 -22.25 43.31
N PHE A 202 -46.94 -21.71 43.49
CA PHE A 202 -48.07 -22.32 42.80
C PHE A 202 -48.27 -21.83 41.37
N ASN A 203 -47.59 -20.76 40.99
CA ASN A 203 -47.55 -20.39 39.59
C ASN A 203 -47.05 -21.57 38.74
N ALA A 204 -46.27 -22.46 39.36
CA ALA A 204 -45.81 -23.66 38.68
C ALA A 204 -46.94 -24.59 38.31
N GLY A 205 -48.08 -24.46 38.98
CA GLY A 205 -49.25 -25.29 38.67
C GLY A 205 -50.26 -24.65 37.72
N LEU A 206 -49.98 -23.44 37.25
CA LEU A 206 -50.90 -22.75 36.34
C LEU A 206 -50.47 -22.94 34.89
N PRO A 207 -51.44 -23.02 33.98
CA PRO A 207 -50.99 -23.08 32.58
C PRO A 207 -50.52 -21.71 32.12
N LYS A 208 -49.66 -21.69 31.10
CA LYS A 208 -49.21 -20.42 30.52
C LYS A 208 -50.34 -19.79 29.71
N SER A 209 -50.33 -18.48 29.61
CA SER A 209 -51.33 -17.81 28.81
C SER A 209 -50.68 -16.75 27.94
N ARG A 210 -50.92 -16.83 26.64
CA ARG A 210 -50.50 -15.80 25.70
C ARG A 210 -51.61 -15.53 24.70
N LEU A 211 -51.62 -14.34 24.14
CA LEU A 211 -52.56 -13.99 23.09
C LEU A 211 -52.34 -14.90 21.88
N PRO A 212 -53.40 -15.16 21.11
CA PRO A 212 -53.18 -16.02 19.94
C PRO A 212 -52.45 -15.26 18.84
N LEU A 213 -51.72 -15.99 18.00
CA LEU A 213 -50.98 -15.39 16.88
C LEU A 213 -51.89 -14.59 15.96
N GLU A 214 -53.10 -15.11 15.72
CA GLU A 214 -54.12 -14.42 14.93
C GLU A 214 -54.23 -12.94 15.31
N THR A 215 -53.96 -12.63 16.57
CA THR A 215 -54.02 -11.25 17.04
C THR A 215 -52.70 -10.48 16.89
N THR A 216 -51.59 -11.14 17.19
CA THR A 216 -50.32 -10.46 17.37
C THR A 216 -49.34 -10.63 16.19
N LEU A 217 -49.70 -11.52 15.26
CA LEU A 217 -48.82 -11.87 14.15
C LEU A 217 -49.42 -11.52 12.80
N THR A 218 -48.63 -10.84 11.96
CA THR A 218 -49.00 -10.62 10.57
C THR A 218 -47.92 -11.24 9.71
N GLU A 219 -48.32 -12.21 8.88
CA GLU A 219 -47.40 -12.77 7.91
C GLU A 219 -47.53 -12.05 6.56
N VAL A 220 -46.38 -11.78 5.93
CA VAL A 220 -46.34 -11.23 4.56
C VAL A 220 -45.28 -11.93 3.75
N ASN B 2 -28.44 -31.61 19.79
CA ASN B 2 -29.16 -32.16 20.98
C ASN B 2 -28.37 -31.93 22.28
N ALA B 3 -28.85 -31.00 23.11
CA ALA B 3 -28.15 -30.64 24.36
C ALA B 3 -29.02 -29.84 25.34
N ASP B 5 -27.03 -27.43 26.76
CA ASP B 5 -25.90 -26.52 26.81
C ASP B 5 -26.26 -25.17 26.18
N ILE B 6 -27.02 -24.36 26.92
CA ILE B 6 -27.39 -23.03 26.46
C ILE B 6 -26.22 -22.02 26.47
N VAL B 7 -25.28 -22.17 27.39
CA VAL B 7 -24.13 -21.28 27.37
C VAL B 7 -23.26 -21.47 26.13
N SER B 8 -23.17 -22.70 25.61
CA SER B 8 -22.46 -22.96 24.38
CA SER B 8 -22.43 -22.92 24.40
C SER B 8 -23.14 -22.22 23.25
N VAL B 9 -24.47 -22.18 23.31
CA VAL B 9 -25.18 -21.42 22.29
C VAL B 9 -24.81 -19.95 22.42
N ALA B 10 -24.83 -19.46 23.64
CA ALA B 10 -24.58 -18.04 23.87
C ALA B 10 -23.17 -17.66 23.42
N LEU B 11 -22.23 -18.58 23.59
CA LEU B 11 -20.86 -18.32 23.16
C LEU B 11 -20.62 -18.55 21.68
N GLN B 12 -21.57 -19.19 20.98
CA GLN B 12 -21.34 -19.53 19.59
C GLN B 12 -22.10 -18.62 18.64
N ARG B 13 -23.20 -18.01 19.11
CA ARG B 13 -23.97 -17.11 18.25
C ARG B 13 -23.24 -15.78 18.02
N TYR B 14 -23.73 -15.02 17.04
CA TYR B 14 -23.08 -13.77 16.64
C TYR B 14 -24.06 -13.02 15.74
N SER B 15 -23.81 -11.75 15.48
CA SER B 15 -24.66 -11.01 14.54
C SER B 15 -24.33 -11.34 13.09
N THR B 16 -25.24 -12.00 12.39
CA THR B 16 -25.00 -12.34 10.99
C THR B 16 -24.92 -11.12 10.07
N LYS B 17 -23.82 -11.00 9.34
CA LYS B 17 -23.63 -9.86 8.44
C LYS B 17 -23.95 -10.16 6.99
N ALA B 18 -24.20 -11.43 6.66
CA ALA B 18 -24.61 -11.80 5.31
C ALA B 18 -25.37 -13.13 5.25
N PHE B 19 -26.57 -13.10 4.69
CA PHE B 19 -27.33 -14.32 4.58
C PHE B 19 -27.16 -14.99 3.22
N ASP B 20 -27.29 -16.31 3.19
CA ASP B 20 -27.37 -17.08 1.98
C ASP B 20 -28.82 -17.13 1.52
N PRO B 21 -29.13 -16.42 0.42
CA PRO B 21 -30.53 -16.19 0.02
C PRO B 21 -31.22 -17.46 -0.46
N SER B 22 -30.47 -18.56 -0.49
CA SER B 22 -31.06 -19.81 -0.95
C SER B 22 -31.38 -20.76 0.20
N LYS B 23 -30.88 -20.45 1.40
CA LYS B 23 -31.13 -21.32 2.57
C LYS B 23 -32.35 -20.84 3.36
N LYS B 24 -33.42 -21.63 3.32
CA LYS B 24 -34.70 -21.23 3.90
C LYS B 24 -35.01 -21.97 5.21
N LEU B 25 -35.82 -21.35 6.05
CA LEU B 25 -36.28 -22.02 7.25
C LEU B 25 -37.22 -23.12 6.84
N THR B 26 -37.12 -24.29 7.47
CA THR B 26 -38.11 -25.34 7.23
C THR B 26 -39.49 -24.91 7.73
N ALA B 27 -40.52 -25.68 7.41
CA ALA B 27 -41.87 -25.30 7.82
C ALA B 27 -41.95 -25.27 9.35
N GLU B 28 -41.32 -26.25 9.97
CA GLU B 28 -41.36 -26.42 11.41
C GLU B 28 -40.59 -25.31 12.14
N GLU B 29 -39.43 -24.94 11.61
CA GLU B 29 -38.64 -23.86 12.16
C GLU B 29 -39.44 -22.57 12.10
N ALA B 30 -40.12 -22.35 10.99
CA ALA B 30 -40.99 -21.19 10.87
C ALA B 30 -42.06 -21.19 11.96
N ASP B 31 -42.55 -22.37 12.31
CA ASP B 31 -43.53 -22.50 13.37
C ASP B 31 -42.89 -22.19 14.71
N LYS B 32 -41.68 -22.68 14.91
CA LYS B 32 -41.03 -22.50 16.18
C LYS B 32 -40.79 -21.01 16.47
N ILE B 33 -40.31 -20.27 15.48
CA ILE B 33 -39.90 -18.89 15.73
C ILE B 33 -41.10 -18.06 16.13
N LYS B 34 -42.26 -18.38 15.54
CA LYS B 34 -43.50 -17.71 15.91
C LYS B 34 -43.86 -18.02 17.35
N THR B 35 -43.71 -19.28 17.74
CA THR B 35 -43.95 -19.68 19.10
C THR B 35 -43.04 -18.91 20.04
N LEU B 36 -41.78 -18.71 19.64
CA LEU B 36 -40.87 -17.93 20.47
C LEU B 36 -41.36 -16.49 20.64
N LEU B 37 -41.86 -15.89 19.57
CA LEU B 37 -42.33 -14.53 19.69
C LEU B 37 -43.51 -14.49 20.65
N GLN B 38 -44.40 -15.48 20.53
CA GLN B 38 -45.66 -15.52 21.28
C GLN B 38 -45.41 -15.69 22.77
N TYR B 39 -44.44 -16.54 23.08
CA TYR B 39 -44.22 -16.96 24.46
C TYR B 39 -43.20 -16.17 25.28
N SER B 40 -42.61 -15.14 24.69
CA SER B 40 -41.73 -14.29 25.47
C SER B 40 -42.49 -13.82 26.71
N PRO B 41 -41.76 -13.58 27.82
CA PRO B 41 -42.38 -12.94 28.98
C PRO B 41 -42.59 -11.44 28.76
N SER B 42 -43.35 -10.79 29.64
CA SER B 42 -43.50 -9.33 29.58
C SER B 42 -44.09 -8.85 30.89
N SER B 43 -43.84 -7.61 31.25
CA SER B 43 -44.30 -7.12 32.54
C SER B 43 -45.82 -7.33 32.63
N THR B 44 -46.23 -8.07 33.66
CA THR B 44 -47.63 -8.39 33.93
C THR B 44 -48.24 -9.15 32.78
N ASN B 45 -47.38 -9.74 31.96
CA ASN B 45 -47.84 -10.46 30.78
C ASN B 45 -48.71 -9.57 29.88
N SER B 46 -48.43 -8.28 29.87
CA SER B 46 -49.22 -7.32 29.09
C SER B 46 -49.07 -7.44 27.57
N GLN B 47 -48.01 -8.11 27.13
CA GLN B 47 -47.82 -8.43 25.72
C GLN B 47 -48.10 -7.26 24.78
N PRO B 48 -47.41 -6.13 25.00
CA PRO B 48 -47.72 -4.87 24.32
C PRO B 48 -47.12 -4.79 22.93
N TRP B 49 -47.39 -5.77 22.06
CA TRP B 49 -46.59 -5.92 20.86
C TRP B 49 -47.31 -6.52 19.66
N HIS B 50 -46.68 -6.39 18.50
CA HIS B 50 -47.15 -7.04 17.29
C HIS B 50 -45.92 -7.45 16.48
N PHE B 51 -46.05 -8.54 15.73
CA PHE B 51 -44.97 -9.03 14.92
C PHE B 51 -45.39 -9.16 13.48
N ILE B 52 -44.48 -8.77 12.60
CA ILE B 52 -44.60 -9.01 11.18
C ILE B 52 -43.51 -9.98 10.82
N VAL B 53 -43.89 -11.07 10.17
CA VAL B 53 -42.92 -12.02 9.67
C VAL B 53 -43.02 -12.05 8.15
N ALA B 54 -42.04 -11.41 7.50
CA ALA B 54 -41.95 -11.41 6.05
C ALA B 54 -41.10 -12.60 5.63
N SER B 55 -41.70 -13.45 4.80
CA SER B 55 -41.07 -14.69 4.38
CA SER B 55 -41.06 -14.69 4.38
C SER B 55 -41.02 -14.80 2.85
N THR B 56 -41.77 -13.93 2.18
CA THR B 56 -41.83 -13.90 0.72
C THR B 56 -40.97 -12.77 0.19
N GLU B 57 -40.47 -12.92 -1.04
CA GLU B 57 -39.71 -11.86 -1.70
C GLU B 57 -40.48 -10.55 -1.67
N GLU B 58 -41.77 -10.60 -1.98
CA GLU B 58 -42.60 -9.40 -1.98
C GLU B 58 -42.68 -8.82 -0.57
N GLY B 59 -42.74 -9.70 0.43
CA GLY B 59 -42.83 -9.27 1.82
C GLY B 59 -41.56 -8.61 2.34
N LYS B 60 -40.44 -9.28 2.16
CA LYS B 60 -39.17 -8.73 2.60
C LYS B 60 -38.91 -7.42 1.85
N ALA B 61 -39.30 -7.39 0.58
CA ALA B 61 -39.16 -6.20 -0.23
C ALA B 61 -39.88 -5.03 0.43
N ARG B 62 -41.10 -5.25 0.89
CA ARG B 62 -41.83 -4.18 1.55
C ARG B 62 -41.14 -3.71 2.84
N VAL B 63 -40.64 -4.67 3.62
CA VAL B 63 -39.86 -4.37 4.82
C VAL B 63 -38.58 -3.63 4.44
N ALA B 64 -37.87 -4.18 3.45
CA ALA B 64 -36.62 -3.60 2.95
C ALA B 64 -36.70 -2.08 2.65
N LYS B 65 -37.88 -1.62 2.27
CA LYS B 65 -38.04 -0.22 1.91
C LYS B 65 -37.67 0.70 3.05
N SER B 66 -37.66 0.17 4.27
CA SER B 66 -37.35 0.95 5.48
C SER B 66 -35.87 1.29 5.59
N ALA B 67 -35.06 0.64 4.77
CA ALA B 67 -33.63 0.85 4.76
C ALA B 67 -33.19 1.91 3.73
N ALA B 68 -34.13 2.40 2.94
CA ALA B 68 -33.82 3.13 1.71
C ALA B 68 -33.01 4.44 1.83
N GLY B 69 -33.19 5.18 2.93
CA GLY B 69 -32.55 6.49 3.04
C GLY B 69 -31.16 6.42 3.65
N ASN B 70 -31.09 6.66 4.96
CA ASN B 70 -29.82 6.65 5.64
C ASN B 70 -29.37 5.25 6.05
N TYR B 71 -30.10 4.22 5.62
CA TYR B 71 -29.86 2.85 6.09
C TYR B 71 -29.63 1.82 5.02
N THR B 72 -29.19 2.26 3.85
CA THR B 72 -29.07 1.34 2.72
C THR B 72 -28.12 0.18 2.98
N PHE B 73 -27.16 0.39 3.88
CA PHE B 73 -26.20 -0.66 4.20
C PHE B 73 -26.86 -1.86 4.89
N ASN B 74 -28.11 -1.69 5.31
CA ASN B 74 -28.85 -2.80 5.92
C ASN B 74 -29.74 -3.54 4.94
N GLU B 75 -29.93 -2.98 3.76
CA GLU B 75 -30.90 -3.52 2.81
C GLU B 75 -30.63 -5.00 2.45
N ARG B 76 -29.38 -5.30 2.16
CA ARG B 76 -29.00 -6.64 1.75
C ARG B 76 -29.43 -7.68 2.79
N LYS B 77 -29.06 -7.45 4.05
CA LYS B 77 -29.45 -8.34 5.16
C LYS B 77 -30.98 -8.57 5.19
N LEU B 79 -33.02 -8.43 2.68
CA LEU B 79 -33.57 -9.08 1.48
C LEU B 79 -33.07 -10.50 1.35
N ASP B 80 -31.87 -10.75 1.87
CA ASP B 80 -31.26 -12.07 1.73
C ASP B 80 -31.74 -13.13 2.73
N ALA B 81 -32.16 -12.71 3.92
CA ALA B 81 -32.58 -13.66 4.96
C ALA B 81 -33.79 -14.44 4.51
N SER B 82 -34.00 -15.60 5.12
CA SER B 82 -35.16 -16.42 4.86
C SER B 82 -36.43 -15.78 5.42
N HIS B 83 -36.40 -15.42 6.69
CA HIS B 83 -37.54 -14.79 7.33
C HIS B 83 -37.08 -13.51 7.98
N VAL B 84 -37.94 -12.50 7.96
CA VAL B 84 -37.59 -11.21 8.54
C VAL B 84 -38.70 -10.76 9.48
N VAL B 85 -38.35 -10.58 10.74
CA VAL B 85 -39.33 -10.29 11.76
C VAL B 85 -39.26 -8.82 12.13
N VAL B 86 -40.42 -8.16 12.18
CA VAL B 86 -40.45 -6.80 12.67
C VAL B 86 -41.11 -6.84 14.03
N PHE B 87 -40.41 -6.30 15.03
CA PHE B 87 -40.94 -6.22 16.37
C PHE B 87 -41.60 -4.86 16.57
N CYS B 88 -42.93 -4.87 16.80
CA CYS B 88 -43.65 -3.61 17.02
C CYS B 88 -44.20 -3.50 18.42
N ALA B 89 -44.30 -2.26 18.90
CA ALA B 89 -44.83 -1.98 20.22
C ALA B 89 -46.18 -1.31 20.05
N LYS B 90 -47.07 -1.54 21.01
CA LYS B 90 -48.33 -0.81 21.09
C LYS B 90 -48.02 0.67 21.31
N THR B 91 -48.75 1.55 20.62
CA THR B 91 -48.53 2.99 20.83
C THR B 91 -49.12 3.50 22.15
N ALA B 92 -50.17 2.83 22.60
CA ALA B 92 -50.76 3.15 23.91
C ALA B 92 -51.29 1.90 24.60
N ASP B 94 -54.15 0.65 26.37
CA ASP B 94 -55.56 0.99 26.52
C ASP B 94 -56.32 -0.08 27.28
N ASP B 95 -57.40 0.35 27.93
CA ASP B 95 -58.28 -0.56 28.68
C ASP B 95 -58.68 -1.79 27.89
N ALA B 96 -58.92 -1.63 26.60
CA ALA B 96 -59.35 -2.76 25.80
C ALA B 96 -58.30 -3.87 25.79
N TRP B 97 -57.04 -3.48 25.72
CA TRP B 97 -55.94 -4.45 25.65
C TRP B 97 -55.77 -5.12 27.00
N LEU B 98 -55.84 -4.33 28.06
CA LEU B 98 -55.75 -4.82 29.41
C LEU B 98 -56.85 -5.81 29.73
N GLU B 99 -57.98 -5.67 29.06
CA GLU B 99 -59.11 -6.52 29.29
C GLU B 99 -58.88 -7.78 28.50
N ARG B 100 -58.37 -7.61 27.29
CA ARG B 100 -58.08 -8.72 26.41
C ARG B 100 -57.04 -9.67 27.03
N VAL B 101 -56.08 -9.08 27.74
CA VAL B 101 -55.02 -9.90 28.28
C VAL B 101 -55.62 -10.77 29.38
N VAL B 102 -56.30 -10.12 30.32
CA VAL B 102 -56.84 -10.83 31.47
C VAL B 102 -57.92 -11.83 31.07
N ASP B 103 -58.68 -11.50 30.02
CA ASP B 103 -59.71 -12.41 29.53
C ASP B 103 -59.08 -13.63 28.90
N GLN B 104 -57.91 -13.47 28.30
CA GLN B 104 -57.22 -14.60 27.68
C GLN B 104 -56.60 -15.50 28.75
N GLU B 105 -56.07 -14.89 29.80
CA GLU B 105 -55.52 -15.63 30.92
C GLU B 105 -56.62 -16.46 31.58
N ASP B 106 -57.83 -15.90 31.60
CA ASP B 106 -58.99 -16.56 32.16
C ASP B 106 -59.40 -17.74 31.27
N ALA B 107 -59.40 -17.52 29.96
CA ALA B 107 -59.78 -18.58 29.03
C ALA B 107 -58.74 -19.68 29.03
N ASP B 108 -57.52 -19.34 29.40
CA ASP B 108 -56.45 -20.33 29.45
C ASP B 108 -56.51 -21.10 30.77
N GLY B 109 -57.31 -20.62 31.72
CA GLY B 109 -57.58 -21.33 32.95
C GLY B 109 -56.67 -21.02 34.13
N ARG B 110 -56.24 -19.77 34.23
CA ARG B 110 -55.31 -19.38 35.28
C ARG B 110 -56.02 -18.89 36.56
N PHE B 111 -57.33 -18.67 36.48
CA PHE B 111 -58.06 -18.21 37.67
C PHE B 111 -59.11 -19.21 38.08
N ALA B 112 -59.02 -19.66 39.33
CA ALA B 112 -59.91 -20.65 39.87
C ALA B 112 -61.18 -20.00 40.38
N THR B 113 -61.10 -18.70 40.66
CA THR B 113 -62.25 -17.93 41.10
C THR B 113 -62.28 -16.55 40.44
N PRO B 114 -63.46 -15.92 40.38
CA PRO B 114 -63.53 -14.54 39.88
C PRO B 114 -62.75 -13.58 40.78
N GLU B 115 -62.65 -13.90 42.06
CA GLU B 115 -61.83 -13.14 43.00
C GLU B 115 -60.35 -13.15 42.56
N ALA B 116 -59.86 -14.29 42.07
CA ALA B 116 -58.48 -14.38 41.64
C ALA B 116 -58.25 -13.55 40.39
N LYS B 117 -59.21 -13.59 39.47
CA LYS B 117 -59.14 -12.85 38.23
C LYS B 117 -59.08 -11.36 38.52
N ALA B 118 -60.02 -10.88 39.32
CA ALA B 118 -60.08 -9.47 39.66
C ALA B 118 -58.80 -9.00 40.36
N ALA B 119 -58.20 -9.89 41.14
CA ALA B 119 -56.94 -9.54 41.81
C ALA B 119 -55.81 -9.44 40.77
N ASN B 120 -55.88 -10.29 39.75
CA ASN B 120 -54.90 -10.23 38.67
C ASN B 120 -55.05 -8.94 37.86
N ASP B 121 -56.29 -8.65 37.48
CA ASP B 121 -56.64 -7.42 36.76
C ASP B 121 -56.29 -6.15 37.55
N LYS B 122 -56.59 -6.14 38.83
CA LYS B 122 -56.25 -4.99 39.66
C LYS B 122 -54.73 -4.78 39.71
N GLY B 123 -53.99 -5.86 39.88
CA GLY B 123 -52.53 -5.77 39.93
C GLY B 123 -51.98 -5.18 38.64
N ARG B 124 -52.49 -5.66 37.50
CA ARG B 124 -51.99 -5.22 36.20
C ARG B 124 -52.32 -3.76 35.99
N ARG B 125 -53.58 -3.40 36.24
CA ARG B 125 -54.01 -2.03 36.03
C ARG B 125 -53.29 -1.05 36.96
N PHE B 126 -52.93 -1.49 38.16
CA PHE B 126 -52.16 -0.63 39.04
C PHE B 126 -50.83 -0.26 38.39
N PHE B 127 -50.13 -1.29 37.89
CA PHE B 127 -48.88 -1.09 37.19
C PHE B 127 -49.02 -0.22 35.95
N ALA B 128 -50.00 -0.54 35.11
CA ALA B 128 -50.18 0.18 33.87
C ALA B 128 -50.54 1.64 34.11
N ASP B 129 -51.36 1.89 35.12
CA ASP B 129 -51.73 3.26 35.43
C ASP B 129 -50.54 4.01 35.96
N HIS B 131 -47.67 3.78 34.85
CA HIS B 131 -46.92 4.21 33.69
C HIS B 131 -47.63 5.28 32.84
N ARG B 132 -48.91 5.07 32.53
CA ARG B 132 -49.64 6.05 31.70
C ARG B 132 -50.01 7.32 32.48
N VAL B 133 -50.46 7.16 33.71
CA VAL B 133 -50.89 8.29 34.51
C VAL B 133 -49.75 8.90 35.33
N SER B 134 -49.21 8.18 36.30
CA SER B 134 -48.21 8.75 37.20
C SER B 134 -46.91 9.15 36.49
N LEU B 135 -46.28 8.20 35.81
CA LEU B 135 -44.96 8.40 35.22
C LEU B 135 -45.01 8.91 33.78
N LYS B 136 -46.14 8.75 33.11
CA LYS B 136 -46.26 9.11 31.70
C LYS B 136 -45.07 8.58 30.86
N ASP B 137 -44.74 7.30 31.08
CA ASP B 137 -43.66 6.66 30.34
C ASP B 137 -44.07 5.33 29.71
N ASP B 138 -45.36 5.14 29.50
CA ASP B 138 -45.86 3.86 29.01
C ASP B 138 -45.31 3.51 27.63
N HIS B 139 -44.95 4.51 26.85
CA HIS B 139 -44.36 4.28 25.53
CA HIS B 139 -44.34 4.31 25.54
C HIS B 139 -43.04 3.53 25.69
N GLN B 140 -42.16 4.03 26.54
CA GLN B 140 -40.87 3.41 26.72
C GLN B 140 -40.97 2.14 27.57
N TRP B 141 -42.01 2.05 28.38
CA TRP B 141 -42.26 0.87 29.15
C TRP B 141 -42.58 -0.28 28.22
N ALA B 143 -41.86 -0.42 24.96
CA ALA B 143 -40.71 -0.65 24.10
C ALA B 143 -39.74 -1.62 24.80
N LYS B 144 -39.56 -1.43 26.10
CA LYS B 144 -38.66 -2.28 26.87
C LYS B 144 -39.15 -3.72 26.85
N GLN B 145 -40.45 -3.93 26.93
CA GLN B 145 -40.98 -5.29 26.84
C GLN B 145 -40.66 -5.87 25.45
N VAL B 146 -40.78 -5.05 24.40
CA VAL B 146 -40.49 -5.57 23.08
C VAL B 146 -39.02 -5.99 23.00
N TYR B 147 -38.12 -5.20 23.58
CA TYR B 147 -36.71 -5.57 23.59
C TYR B 147 -36.40 -6.81 24.41
N LEU B 148 -37.18 -7.03 25.46
CA LEU B 148 -37.04 -8.26 26.23
C LEU B 148 -37.40 -9.41 25.30
N ASN B 149 -38.48 -9.24 24.57
CA ASN B 149 -38.87 -10.26 23.60
C ASN B 149 -37.72 -10.55 22.61
N VAL B 150 -37.01 -9.50 22.21
CA VAL B 150 -35.98 -9.64 21.19
C VAL B 150 -34.80 -10.43 21.73
N GLY B 151 -34.49 -10.24 23.00
CA GLY B 151 -33.38 -10.94 23.62
C GLY B 151 -33.74 -12.41 23.68
N ASN B 152 -34.94 -12.67 24.14
CA ASN B 152 -35.47 -14.01 24.14
C ASN B 152 -35.30 -14.64 22.76
N PHE B 153 -35.82 -13.94 21.74
CA PHE B 153 -35.82 -14.43 20.37
C PHE B 153 -34.42 -14.72 19.84
N LEU B 154 -33.49 -13.80 20.07
CA LEU B 154 -32.14 -13.97 19.54
C LEU B 154 -31.51 -15.25 20.05
N LEU B 155 -31.52 -15.45 21.36
CA LEU B 155 -31.05 -16.70 21.94
C LEU B 155 -31.87 -17.90 21.43
N GLY B 156 -33.18 -17.73 21.32
CA GLY B 156 -34.04 -18.82 20.87
C GLY B 156 -33.75 -19.32 19.46
N VAL B 157 -33.53 -18.40 18.53
CA VAL B 157 -33.20 -18.85 17.18
C VAL B 157 -31.77 -19.41 17.13
N ALA B 158 -30.86 -18.80 17.87
CA ALA B 158 -29.51 -19.38 17.97
C ALA B 158 -29.61 -20.86 18.42
N ALA B 159 -30.44 -21.11 19.43
CA ALA B 159 -30.53 -22.45 19.97
C ALA B 159 -31.12 -23.41 18.94
N GLY B 161 -30.27 -23.37 15.90
CA GLY B 161 -29.31 -23.50 14.81
C GLY B 161 -29.45 -22.46 13.70
N LEU B 162 -30.37 -21.50 13.84
CA LEU B 162 -30.53 -20.41 12.87
C LEU B 162 -29.63 -19.20 13.13
N ASP B 163 -29.44 -18.38 12.10
CA ASP B 163 -28.63 -17.18 12.17
C ASP B 163 -29.55 -15.97 12.15
N ALA B 164 -29.14 -14.89 12.82
CA ALA B 164 -29.96 -13.69 12.88
C ALA B 164 -29.12 -12.48 13.19
N VAL B 165 -29.72 -11.31 13.02
CA VAL B 165 -29.06 -10.07 13.40
C VAL B 165 -30.12 -9.07 13.75
N PRO B 166 -29.98 -8.40 14.89
CA PRO B 166 -30.94 -7.36 15.27
C PRO B 166 -30.57 -6.05 14.60
N ILE B 167 -31.54 -5.43 13.94
CA ILE B 167 -31.31 -4.18 13.22
C ILE B 167 -32.14 -3.07 13.82
N GLU B 168 -31.46 -2.01 14.26
CA GLU B 168 -32.13 -0.79 14.69
C GLU B 168 -32.08 0.26 13.60
N GLY B 169 -31.21 0.06 12.63
CA GLY B 169 -31.01 1.06 11.56
C GLY B 169 -32.04 0.90 10.46
N PHE B 170 -33.14 1.62 10.58
CA PHE B 170 -34.19 1.61 9.57
C PHE B 170 -35.15 2.76 9.85
N ASP B 171 -35.76 3.30 8.80
CA ASP B 171 -36.70 4.40 9.03
C ASP B 171 -38.03 3.83 9.54
N ALA B 172 -38.34 4.07 10.81
CA ALA B 172 -39.51 3.46 11.42
C ALA B 172 -40.78 4.12 10.90
N GLU B 173 -40.71 5.43 10.67
CA GLU B 173 -41.81 6.16 10.04
C GLU B 173 -42.19 5.56 8.69
N VAL B 174 -41.18 5.20 7.91
CA VAL B 174 -41.44 4.60 6.61
C VAL B 174 -42.03 3.21 6.72
N LEU B 175 -41.43 2.37 7.55
CA LEU B 175 -41.92 1.00 7.79
C LEU B 175 -43.32 1.02 8.37
N ASP B 176 -43.55 1.88 9.35
CA ASP B 176 -44.88 1.98 9.95
C ASP B 176 -45.90 2.26 8.86
N ALA B 177 -45.68 3.33 8.09
CA ALA B 177 -46.59 3.71 7.02
C ALA B 177 -46.77 2.57 6.03
N GLU B 178 -45.69 1.87 5.70
CA GLU B 178 -45.76 0.78 4.74
C GLU B 178 -46.71 -0.34 5.17
N PHE B 179 -46.95 -0.46 6.48
CA PHE B 179 -47.82 -1.51 7.00
C PHE B 179 -49.04 -0.98 7.75
N GLY B 180 -49.22 0.34 7.76
CA GLY B 180 -50.40 0.95 8.36
C GLY B 180 -50.43 0.80 9.87
N LEU B 181 -49.25 0.73 10.47
CA LEU B 181 -49.12 0.41 11.87
C LEU B 181 -49.69 1.49 12.77
N LYS B 182 -49.51 2.74 12.40
CA LYS B 182 -49.98 3.82 13.26
C LYS B 182 -51.49 3.73 13.43
N GLU B 183 -52.21 3.59 12.32
CA GLU B 183 -53.65 3.37 12.38
C GLU B 183 -54.01 2.18 13.30
N LYS B 184 -53.34 1.04 13.08
CA LYS B 184 -53.58 -0.16 13.86
C LYS B 184 -53.17 -0.10 15.33
N GLY B 185 -52.38 0.90 15.70
CA GLY B 185 -52.00 1.11 17.10
C GLY B 185 -50.60 0.63 17.49
N TYR B 186 -49.73 0.47 16.50
CA TYR B 186 -48.38 -0.03 16.74
C TYR B 186 -47.31 0.85 16.10
N THR B 187 -46.06 0.68 16.55
CA THR B 187 -44.91 1.35 15.95
C THR B 187 -43.71 0.41 15.94
N SER B 188 -43.07 0.27 14.79
CA SER B 188 -41.95 -0.67 14.64
C SER B 188 -40.69 -0.24 15.40
N LEU B 189 -39.95 -1.22 15.95
CA LEU B 189 -38.85 -0.94 16.85
C LEU B 189 -37.52 -1.63 16.49
N VAL B 190 -37.60 -2.90 16.10
CA VAL B 190 -36.41 -3.66 15.76
C VAL B 190 -36.78 -4.62 14.64
N VAL B 191 -35.86 -4.83 13.72
CA VAL B 191 -36.04 -5.78 12.64
C VAL B 191 -34.98 -6.86 12.77
N VAL B 192 -35.40 -8.11 12.65
CA VAL B 192 -34.50 -9.22 12.83
C VAL B 192 -34.64 -10.17 11.67
N PRO B 193 -33.68 -10.12 10.73
CA PRO B 193 -33.72 -11.07 9.64
C PRO B 193 -33.24 -12.41 10.17
N VAL B 194 -33.83 -13.50 9.73
CA VAL B 194 -33.47 -14.83 10.23
C VAL B 194 -33.23 -15.77 9.04
N GLY B 195 -32.20 -16.61 9.15
CA GLY B 195 -31.87 -17.58 8.13
C GLY B 195 -30.53 -18.22 8.45
N HIS B 196 -29.73 -18.46 7.41
CA HIS B 196 -28.37 -19.00 7.58
C HIS B 196 -27.34 -18.09 6.93
N HIS B 197 -26.18 -17.92 7.56
CA HIS B 197 -25.17 -17.03 7.02
C HIS B 197 -24.57 -17.56 5.71
N SER B 198 -24.05 -16.66 4.88
CA SER B 198 -23.39 -17.08 3.66
C SER B 198 -21.91 -17.21 3.93
N VAL B 199 -21.19 -17.80 2.98
CA VAL B 199 -19.73 -17.95 3.10
C VAL B 199 -19.01 -16.61 3.13
N GLU B 200 -19.66 -15.57 2.63
CA GLU B 200 -19.07 -14.22 2.64
C GLU B 200 -19.12 -13.55 4.02
N ASP B 201 -19.84 -14.17 4.96
CA ASP B 201 -19.93 -13.66 6.31
C ASP B 201 -18.71 -14.09 7.12
N PHE B 202 -17.72 -13.21 7.21
CA PHE B 202 -16.50 -13.53 7.92
C PHE B 202 -16.66 -13.30 9.40
N ASN B 203 -17.78 -12.67 9.79
CA ASN B 203 -18.09 -12.48 11.19
C ASN B 203 -18.35 -13.81 11.87
N ALA B 204 -18.84 -14.77 11.09
CA ALA B 204 -19.06 -16.12 11.60
C ALA B 204 -17.77 -16.78 12.14
N GLY B 205 -16.60 -16.27 11.73
CA GLY B 205 -15.33 -16.88 12.08
C GLY B 205 -14.44 -16.01 12.95
N LEU B 206 -15.04 -14.98 13.52
CA LEU B 206 -14.32 -14.09 14.42
C LEU B 206 -14.58 -14.47 15.87
N PRO B 207 -13.60 -14.21 16.75
CA PRO B 207 -13.84 -14.42 18.17
C PRO B 207 -14.92 -13.47 18.68
N LYS B 208 -15.77 -13.94 19.59
CA LYS B 208 -16.73 -13.10 20.29
C LYS B 208 -16.00 -12.18 21.26
N SER B 209 -16.52 -10.99 21.46
CA SER B 209 -15.87 -10.06 22.39
C SER B 209 -16.86 -9.41 23.37
N ARG B 210 -16.49 -9.39 24.64
CA ARG B 210 -17.29 -8.72 25.65
C ARG B 210 -16.34 -8.12 26.66
N LEU B 211 -16.79 -7.05 27.31
CA LEU B 211 -16.05 -6.49 28.41
C LEU B 211 -15.95 -7.51 29.52
N PRO B 212 -14.87 -7.45 30.31
CA PRO B 212 -14.71 -8.43 31.39
C PRO B 212 -15.66 -8.16 32.56
N LEU B 213 -16.04 -9.24 33.24
CA LEU B 213 -16.82 -9.16 34.46
C LEU B 213 -16.25 -8.19 35.49
N GLU B 214 -14.93 -8.08 35.53
CA GLU B 214 -14.32 -7.17 36.47
C GLU B 214 -14.85 -5.76 36.28
N THR B 215 -15.28 -5.45 35.06
CA THR B 215 -15.84 -4.12 34.79
C THR B 215 -17.36 -4.05 34.99
N THR B 216 -18.08 -5.07 34.53
CA THR B 216 -19.51 -4.96 34.40
C THR B 216 -20.27 -5.61 35.55
N LEU B 217 -19.53 -6.32 36.42
CA LEU B 217 -20.16 -7.12 37.46
C LEU B 217 -19.68 -6.77 38.86
N THR B 218 -20.63 -6.54 39.75
CA THR B 218 -20.37 -6.40 41.17
C THR B 218 -21.00 -7.58 41.93
N GLU B 219 -20.17 -8.32 42.64
CA GLU B 219 -20.61 -9.45 43.45
C GLU B 219 -20.75 -9.01 44.88
N VAL B 220 -21.91 -9.27 45.46
CA VAL B 220 -22.19 -8.76 46.78
C VAL B 220 -22.91 -9.82 47.65
N ALA C 3 15.63 -39.88 2.44
CA ALA C 3 15.62 -40.56 3.77
C ALA C 3 16.28 -39.69 4.83
N ASP C 5 16.05 -39.25 9.33
CA ASP C 5 14.68 -38.81 9.68
C ASP C 5 14.66 -37.41 10.32
N ILE C 6 14.52 -36.38 9.51
CA ILE C 6 14.72 -35.02 9.96
C ILE C 6 13.50 -34.49 10.70
N VAL C 7 12.33 -35.06 10.39
CA VAL C 7 11.15 -34.62 11.10
C VAL C 7 11.17 -35.00 12.57
N SER C 8 11.65 -36.20 12.90
CA SER C 8 11.79 -36.59 14.32
C SER C 8 12.76 -35.65 15.01
N VAL C 9 13.81 -35.24 14.30
CA VAL C 9 14.75 -34.31 14.87
C VAL C 9 13.98 -33.05 15.21
N ALA C 10 13.13 -32.61 14.30
CA ALA C 10 12.39 -31.37 14.53
C ALA C 10 11.39 -31.54 15.67
N LEU C 11 10.84 -32.75 15.84
CA LEU C 11 9.87 -32.95 16.90
C LEU C 11 10.54 -33.21 18.25
N GLN C 12 11.78 -33.67 18.23
CA GLN C 12 12.50 -33.95 19.47
C GLN C 12 13.33 -32.78 20.00
N ARG C 13 13.71 -31.85 19.11
CA ARG C 13 14.54 -30.74 19.58
C ARG C 13 13.71 -29.74 20.39
N TYR C 14 14.42 -28.91 21.17
CA TYR C 14 13.79 -27.89 22.02
C TYR C 14 14.93 -26.95 22.49
N SER C 15 14.54 -25.85 23.11
CA SER C 15 15.46 -24.89 23.71
C SER C 15 16.00 -25.36 25.07
N THR C 16 17.25 -25.75 25.10
CA THR C 16 17.86 -26.13 26.35
C THR C 16 18.12 -24.89 27.20
N LYS C 17 17.77 -24.95 28.48
CA LYS C 17 17.95 -23.79 29.34
C LYS C 17 19.13 -23.94 30.28
N ALA C 18 19.48 -25.18 30.60
CA ALA C 18 20.64 -25.45 31.46
C ALA C 18 21.52 -26.51 30.82
N PHE C 19 22.78 -26.15 30.64
CA PHE C 19 23.74 -27.04 30.00
C PHE C 19 24.66 -27.67 31.04
N ASP C 20 25.03 -28.92 30.83
CA ASP C 20 26.00 -29.57 31.70
C ASP C 20 27.39 -29.02 31.39
N PRO C 21 28.01 -28.32 32.37
CA PRO C 21 29.30 -27.64 32.13
C PRO C 21 30.47 -28.58 31.95
N SER C 22 30.22 -29.88 32.04
CA SER C 22 31.32 -30.83 31.94
C SER C 22 31.26 -31.58 30.64
N LYS C 23 30.17 -31.42 29.91
CA LYS C 23 30.05 -32.10 28.62
C LYS C 23 30.46 -31.21 27.46
N LYS C 24 31.48 -31.64 26.74
CA LYS C 24 32.04 -30.85 25.66
C LYS C 24 31.72 -31.50 24.33
N LEU C 25 31.66 -30.66 23.30
CA LEU C 25 31.69 -31.16 21.94
C LEU C 25 33.00 -31.91 21.72
N THR C 26 32.97 -32.95 20.89
CA THR C 26 34.20 -33.58 20.44
C THR C 26 34.88 -32.68 19.44
N ALA C 27 36.18 -32.84 19.24
CA ALA C 27 36.89 -32.07 18.21
C ALA C 27 36.12 -32.11 16.89
N GLU C 28 35.64 -33.30 16.52
CA GLU C 28 34.96 -33.50 15.26
C GLU C 28 33.63 -32.72 15.25
N GLU C 29 32.85 -32.87 16.32
CA GLU C 29 31.62 -32.07 16.46
C GLU C 29 31.89 -30.57 16.34
N ALA C 30 33.01 -30.10 16.91
CA ALA C 30 33.35 -28.68 16.90
C ALA C 30 33.71 -28.20 15.50
N ASP C 31 34.34 -29.06 14.71
CA ASP C 31 34.65 -28.74 13.33
C ASP C 31 33.33 -28.66 12.54
N LYS C 32 32.39 -29.54 12.86
CA LYS C 32 31.16 -29.62 12.10
C LYS C 32 30.23 -28.42 12.28
N ILE C 33 30.20 -27.84 13.48
CA ILE C 33 29.33 -26.68 13.68
C ILE C 33 29.84 -25.46 12.92
N LYS C 34 31.14 -25.40 12.72
CA LYS C 34 31.72 -24.34 11.93
C LYS C 34 31.36 -24.57 10.46
N THR C 35 31.49 -25.81 10.02
CA THR C 35 31.06 -26.15 8.67
C THR C 35 29.59 -25.75 8.45
N LEU C 36 28.73 -26.02 9.42
CA LEU C 36 27.33 -25.60 9.31
C LEU C 36 27.17 -24.10 9.17
N LEU C 37 27.87 -23.34 10.02
CA LEU C 37 27.82 -21.89 9.95
C LEU C 37 28.25 -21.38 8.56
N GLN C 38 29.34 -21.94 8.05
CA GLN C 38 29.96 -21.50 6.82
C GLN C 38 29.11 -21.80 5.60
N TYR C 39 28.51 -23.00 5.57
CA TYR C 39 27.85 -23.46 4.36
C TYR C 39 26.36 -23.22 4.34
N SER C 40 25.87 -22.39 5.26
CA SER C 40 24.48 -21.98 5.22
C SER C 40 24.18 -21.22 3.94
N PRO C 41 22.95 -21.34 3.44
CA PRO C 41 22.54 -20.53 2.30
C PRO C 41 22.38 -19.06 2.69
N SER C 42 22.26 -18.21 1.67
CA SER C 42 21.99 -16.80 1.87
C SER C 42 21.67 -16.21 0.52
N SER C 43 20.89 -15.13 0.49
CA SER C 43 20.48 -14.52 -0.77
C SER C 43 21.68 -14.18 -1.64
N THR C 44 21.69 -14.70 -2.87
CA THR C 44 22.79 -14.51 -3.83
C THR C 44 24.13 -15.03 -3.30
N ASN C 45 24.04 -15.85 -2.25
CA ASN C 45 25.22 -16.36 -1.59
C ASN C 45 26.09 -15.20 -1.09
N SER C 46 25.44 -14.15 -0.62
CA SER C 46 26.15 -12.92 -0.22
C SER C 46 26.86 -13.11 1.11
N GLN C 47 26.44 -14.09 1.89
CA GLN C 47 27.12 -14.43 3.12
C GLN C 47 27.50 -13.20 3.95
N PRO C 48 26.51 -12.37 4.31
CA PRO C 48 26.82 -11.07 4.91
C PRO C 48 27.00 -11.20 6.42
N TRP C 49 27.94 -12.04 6.85
CA TRP C 49 27.97 -12.41 8.25
C TRP C 49 29.35 -12.60 8.86
N HIS C 50 29.39 -12.71 10.18
CA HIS C 50 30.58 -13.10 10.89
C HIS C 50 30.14 -13.90 12.08
N PHE C 51 30.94 -14.91 12.45
CA PHE C 51 30.62 -15.69 13.62
C PHE C 51 31.75 -15.59 14.62
N ILE C 52 31.40 -15.54 15.89
CA ILE C 52 32.37 -15.71 16.95
C ILE C 52 32.02 -17.01 17.62
N VAL C 53 32.97 -17.92 17.74
CA VAL C 53 32.70 -19.13 18.48
C VAL C 53 33.56 -19.20 19.74
N ALA C 54 32.91 -19.11 20.90
CA ALA C 54 33.61 -19.10 22.17
C ALA C 54 33.62 -20.51 22.76
N SER C 55 34.80 -21.08 22.99
CA SER C 55 34.87 -22.42 23.61
C SER C 55 35.67 -22.45 24.89
N THR C 56 36.51 -21.45 25.13
CA THR C 56 37.26 -21.36 26.38
C THR C 56 36.41 -20.68 27.44
N GLU C 57 36.81 -20.80 28.69
CA GLU C 57 36.15 -20.07 29.78
C GLU C 57 36.36 -18.56 29.68
N GLU C 58 37.55 -18.13 29.25
CA GLU C 58 37.76 -16.70 29.06
C GLU C 58 36.85 -16.19 27.94
N GLY C 59 36.75 -16.97 26.86
CA GLY C 59 35.99 -16.59 25.68
C GLY C 59 34.51 -16.51 25.98
N LYS C 60 33.99 -17.52 26.68
CA LYS C 60 32.57 -17.51 26.99
C LYS C 60 32.26 -16.40 28.00
N ALA C 61 33.22 -16.12 28.89
CA ALA C 61 32.99 -15.07 29.87
C ALA C 61 32.85 -13.75 29.13
N ARG C 62 33.72 -13.51 28.14
CA ARG C 62 33.58 -12.30 27.31
C ARG C 62 32.20 -12.19 26.67
N VAL C 63 31.71 -13.25 26.04
CA VAL C 63 30.40 -13.20 25.42
C VAL C 63 29.37 -12.98 26.51
N ALA C 64 29.60 -13.61 27.66
CA ALA C 64 28.63 -13.60 28.76
C ALA C 64 28.38 -12.20 29.34
N LYS C 65 29.31 -11.28 29.13
CA LYS C 65 29.11 -9.91 29.62
C LYS C 65 27.79 -9.35 29.05
N SER C 66 27.40 -9.81 27.86
CA SER C 66 26.22 -9.26 27.20
C SER C 66 24.96 -9.72 27.90
N ALA C 67 25.09 -10.72 28.76
CA ALA C 67 23.99 -11.21 29.57
C ALA C 67 23.89 -10.40 30.86
N ALA C 68 23.48 -9.15 30.75
CA ALA C 68 23.48 -8.25 31.89
C ALA C 68 22.13 -7.56 31.99
N GLY C 69 21.91 -6.82 33.08
CA GLY C 69 20.64 -6.13 33.27
C GLY C 69 19.47 -7.09 33.36
N ASN C 70 18.48 -6.90 32.49
CA ASN C 70 17.32 -7.77 32.49
C ASN C 70 17.67 -9.19 32.07
N TYR C 71 18.83 -9.36 31.46
CA TYR C 71 19.17 -10.64 30.83
C TYR C 71 20.18 -11.49 31.60
N THR C 72 20.55 -11.08 32.80
CA THR C 72 21.47 -11.88 33.64
C THR C 72 21.06 -13.37 33.69
N PHE C 73 19.77 -13.65 33.58
CA PHE C 73 19.34 -15.04 33.60
C PHE C 73 19.96 -15.88 32.50
N ASN C 74 20.44 -15.23 31.44
CA ASN C 74 21.08 -15.93 30.35
C ASN C 74 22.57 -16.14 30.55
N GLU C 75 23.14 -15.53 31.59
CA GLU C 75 24.59 -15.64 31.74
C GLU C 75 25.00 -17.10 31.88
N ARG C 76 24.22 -17.88 32.63
CA ARG C 76 24.68 -19.20 33.04
C ARG C 76 24.73 -20.17 31.82
N LYS C 77 23.72 -20.13 30.96
CA LYS C 77 23.79 -20.82 29.67
C LYS C 77 25.13 -20.55 28.99
N LEU C 79 27.85 -19.62 30.03
CA LEU C 79 29.07 -20.07 30.69
C LEU C 79 29.19 -21.59 30.72
N ASP C 80 28.07 -22.28 30.83
CA ASP C 80 28.09 -23.72 31.02
C ASP C 80 28.22 -24.47 29.71
N ALA C 81 27.60 -23.97 28.65
CA ALA C 81 27.64 -24.63 27.34
C ALA C 81 29.07 -24.86 26.87
N SER C 82 29.23 -25.84 26.00
CA SER C 82 30.55 -26.19 25.46
C SER C 82 31.06 -25.10 24.53
N HIS C 83 30.22 -24.71 23.57
CA HIS C 83 30.57 -23.73 22.57
C HIS C 83 29.42 -22.74 22.48
N VAL C 84 29.74 -21.46 22.43
CA VAL C 84 28.73 -20.42 22.32
C VAL C 84 28.99 -19.68 21.03
N VAL C 85 28.00 -19.69 20.13
CA VAL C 85 28.15 -19.08 18.81
C VAL C 85 27.50 -17.71 18.79
N VAL C 86 28.23 -16.69 18.34
CA VAL C 86 27.61 -15.41 18.17
C VAL C 86 27.41 -15.10 16.69
N PHE C 87 26.16 -14.89 16.27
CA PHE C 87 25.83 -14.59 14.90
C PHE C 87 25.84 -13.07 14.67
N CYS C 88 26.56 -12.62 13.66
CA CYS C 88 26.66 -11.19 13.39
C CYS C 88 26.36 -10.91 11.94
N ALA C 89 25.58 -9.85 11.69
CA ALA C 89 25.35 -9.29 10.39
C ALA C 89 26.34 -8.17 10.07
N LYS C 90 26.70 -8.04 8.79
CA LYS C 90 27.42 -6.86 8.32
C LYS C 90 26.53 -5.64 8.55
N THR C 91 27.12 -4.48 8.80
CA THR C 91 26.31 -3.27 9.01
C THR C 91 26.00 -2.55 7.71
N ALA C 92 26.76 -2.85 6.65
CA ALA C 92 26.46 -2.28 5.33
C ALA C 92 26.97 -3.20 4.24
N ASP C 94 28.93 -3.38 1.41
CA ASP C 94 29.92 -2.60 0.68
C ASP C 94 30.32 -3.34 -0.61
N ASP C 95 30.74 -2.59 -1.62
CA ASP C 95 31.18 -3.16 -2.87
C ASP C 95 32.29 -4.20 -2.70
N ALA C 96 33.21 -3.94 -1.76
CA ALA C 96 34.36 -4.82 -1.58
C ALA C 96 33.92 -6.24 -1.19
N TRP C 97 32.85 -6.34 -0.42
CA TRP C 97 32.31 -7.65 -0.05
C TRP C 97 31.66 -8.31 -1.27
N LEU C 98 30.96 -7.54 -2.08
CA LEU C 98 30.31 -8.13 -3.26
C LEU C 98 31.39 -8.67 -4.18
N GLU C 99 32.52 -7.97 -4.25
CA GLU C 99 33.63 -8.39 -5.11
C GLU C 99 34.33 -9.58 -4.49
N ARG C 100 34.46 -9.58 -3.17
CA ARG C 100 35.03 -10.71 -2.47
C ARG C 100 34.25 -12.00 -2.73
N VAL C 101 32.93 -11.94 -2.64
CA VAL C 101 32.10 -13.14 -2.86
C VAL C 101 32.30 -13.71 -4.26
N VAL C 102 32.07 -12.87 -5.28
CA VAL C 102 32.20 -13.35 -6.62
C VAL C 102 33.62 -13.91 -6.92
N ASP C 103 34.66 -13.26 -6.41
CA ASP C 103 36.03 -13.77 -6.63
C ASP C 103 36.20 -15.14 -5.95
N GLN C 104 35.61 -15.30 -4.77
CA GLN C 104 35.70 -16.61 -4.11
C GLN C 104 34.96 -17.66 -4.94
N GLU C 105 33.83 -17.29 -5.56
CA GLU C 105 33.09 -18.25 -6.38
C GLU C 105 33.93 -18.65 -7.56
N ASP C 106 34.66 -17.68 -8.09
CA ASP C 106 35.47 -17.90 -9.26
C ASP C 106 36.61 -18.84 -8.90
N ALA C 107 37.25 -18.59 -7.77
CA ALA C 107 38.38 -19.42 -7.32
C ALA C 107 37.93 -20.83 -7.00
N ASP C 108 36.65 -20.99 -6.68
CA ASP C 108 36.12 -22.31 -6.38
C ASP C 108 35.65 -23.00 -7.66
N GLY C 109 35.85 -22.35 -8.80
CA GLY C 109 35.46 -22.93 -10.08
C GLY C 109 33.99 -22.98 -10.42
N ARG C 110 33.22 -22.01 -9.96
CA ARG C 110 31.80 -21.99 -10.29
C ARG C 110 31.52 -21.41 -11.66
N PHE C 111 32.52 -20.77 -12.27
CA PHE C 111 32.29 -20.10 -13.55
C PHE C 111 33.16 -20.65 -14.66
N ALA C 112 32.52 -21.20 -15.68
CA ALA C 112 33.23 -21.81 -16.79
C ALA C 112 33.93 -20.79 -17.67
N THR C 113 33.43 -19.56 -17.70
CA THR C 113 33.95 -18.49 -18.56
C THR C 113 33.94 -17.13 -17.85
N PRO C 114 34.59 -16.11 -18.43
CA PRO C 114 34.64 -14.75 -17.85
C PRO C 114 33.27 -14.10 -17.82
N GLU C 115 32.47 -14.39 -18.84
CA GLU C 115 31.12 -13.85 -18.90
C GLU C 115 30.25 -14.41 -17.78
N ALA C 116 30.44 -15.68 -17.43
CA ALA C 116 29.68 -16.31 -16.35
C ALA C 116 29.99 -15.60 -15.05
N LYS C 117 31.27 -15.30 -14.83
CA LYS C 117 31.66 -14.52 -13.67
C LYS C 117 30.97 -13.16 -13.72
N ALA C 118 31.10 -12.46 -14.84
CA ALA C 118 30.55 -11.11 -14.92
C ALA C 118 29.04 -11.15 -14.71
N ALA C 119 28.38 -12.14 -15.30
CA ALA C 119 26.93 -12.24 -15.22
C ALA C 119 26.52 -12.53 -13.77
N ASN C 120 27.25 -13.42 -13.12
CA ASN C 120 26.93 -13.68 -11.72
C ASN C 120 27.02 -12.37 -10.90
N ASP C 121 28.09 -11.62 -11.12
CA ASP C 121 28.38 -10.35 -10.43
C ASP C 121 27.26 -9.33 -10.61
N LYS C 122 26.83 -9.13 -11.84
CA LYS C 122 25.71 -8.23 -12.11
C LYS C 122 24.42 -8.72 -11.49
N GLY C 123 24.23 -10.03 -11.49
CA GLY C 123 23.01 -10.61 -10.92
C GLY C 123 22.97 -10.38 -9.42
N ARG C 124 24.12 -10.48 -8.77
CA ARG C 124 24.14 -10.19 -7.34
C ARG C 124 23.87 -8.70 -7.13
N ARG C 125 24.47 -7.85 -7.96
CA ARG C 125 24.34 -6.41 -7.74
C ARG C 125 22.93 -5.92 -8.02
N PHE C 126 22.26 -6.58 -8.94
CA PHE C 126 20.83 -6.31 -9.15
C PHE C 126 20.08 -6.36 -7.81
N PHE C 127 20.27 -7.45 -7.06
CA PHE C 127 19.65 -7.59 -5.76
C PHE C 127 20.24 -6.64 -4.72
N ALA C 128 21.57 -6.53 -4.67
CA ALA C 128 22.20 -5.71 -3.64
C ALA C 128 21.68 -4.28 -3.76
N ASP C 129 21.57 -3.80 -5.00
CA ASP C 129 21.24 -2.42 -5.23
C ASP C 129 19.78 -2.13 -4.92
N HIS C 131 18.41 -3.27 -2.52
CA HIS C 131 18.38 -3.03 -1.10
C HIS C 131 19.11 -1.77 -0.65
N ARG C 132 20.29 -1.52 -1.18
CA ARG C 132 21.07 -0.42 -0.63
C ARG C 132 20.83 0.91 -1.35
N VAL C 133 20.23 0.85 -2.53
CA VAL C 133 19.95 2.08 -3.25
C VAL C 133 18.46 2.37 -3.25
N SER C 134 17.66 1.44 -3.72
CA SER C 134 16.24 1.70 -3.85
C SER C 134 15.48 1.65 -2.50
N LEU C 135 15.51 0.53 -1.78
CA LEU C 135 14.78 0.41 -0.51
C LEU C 135 15.54 0.98 0.69
N LYS C 136 16.85 1.08 0.57
CA LYS C 136 17.66 1.47 1.72
C LYS C 136 17.39 0.60 2.95
N ASP C 137 17.35 -0.72 2.77
CA ASP C 137 17.15 -1.63 3.88
C ASP C 137 18.21 -2.73 3.91
N ASP C 138 19.39 -2.47 3.34
CA ASP C 138 20.41 -3.52 3.26
C ASP C 138 20.73 -4.12 4.62
N HIS C 139 20.83 -3.27 5.63
CA HIS C 139 21.10 -3.74 7.00
C HIS C 139 20.06 -4.79 7.46
N GLN C 140 18.77 -4.49 7.28
CA GLN C 140 17.71 -5.45 7.63
C GLN C 140 17.81 -6.71 6.74
N TRP C 141 18.10 -6.51 5.47
CA TRP C 141 18.23 -7.59 4.51
C TRP C 141 19.31 -8.57 4.94
N ALA C 143 20.54 -8.91 7.99
CA ALA C 143 20.18 -9.48 9.28
C ALA C 143 19.26 -10.68 9.03
N LYS C 144 18.36 -10.54 8.07
CA LYS C 144 17.50 -11.66 7.71
C LYS C 144 18.34 -12.87 7.24
N GLN C 145 19.35 -12.66 6.38
CA GLN C 145 20.22 -13.79 5.98
C GLN C 145 20.84 -14.48 7.19
N VAL C 146 21.23 -13.69 8.20
CA VAL C 146 21.80 -14.23 9.42
C VAL C 146 20.78 -15.14 10.16
N TYR C 147 19.53 -14.71 10.25
CA TYR C 147 18.50 -15.57 10.84
C TYR C 147 18.26 -16.84 10.03
N LEU C 148 18.40 -16.75 8.71
CA LEU C 148 18.30 -17.94 7.89
C LEU C 148 19.36 -18.92 8.39
N ASN C 149 20.56 -18.42 8.56
CA ASN C 149 21.66 -19.24 9.03
C ASN C 149 21.35 -19.85 10.39
N VAL C 150 20.79 -19.05 11.29
CA VAL C 150 20.43 -19.50 12.61
C VAL C 150 19.46 -20.68 12.52
N GLY C 151 18.40 -20.53 11.72
CA GLY C 151 17.43 -21.62 11.50
C GLY C 151 18.10 -22.88 10.99
N ASN C 152 18.98 -22.68 10.02
CA ASN C 152 19.80 -23.78 9.52
C ASN C 152 20.58 -24.43 10.66
N PHE C 153 21.20 -23.59 11.49
CA PHE C 153 22.12 -24.07 12.51
C PHE C 153 21.43 -24.90 13.57
N LEU C 154 20.35 -24.35 14.11
CA LEU C 154 19.62 -25.00 15.17
C LEU C 154 19.17 -26.40 14.79
N LEU C 155 18.80 -26.59 13.52
CA LEU C 155 18.32 -27.88 13.08
C LEU C 155 19.53 -28.78 12.82
N GLY C 156 20.56 -28.23 12.21
CA GLY C 156 21.84 -28.93 12.12
C GLY C 156 22.35 -29.54 13.42
N VAL C 157 22.50 -28.74 14.47
CA VAL C 157 23.11 -29.26 15.69
C VAL C 157 22.18 -30.27 16.36
N ALA C 158 20.87 -30.03 16.24
CA ALA C 158 19.93 -30.99 16.82
C ALA C 158 20.15 -32.33 16.13
N ALA C 159 20.36 -32.29 14.82
CA ALA C 159 20.56 -33.53 14.07
C ALA C 159 21.87 -34.20 14.47
N GLY C 161 22.76 -34.45 17.39
CA GLY C 161 22.54 -34.93 18.77
C GLY C 161 23.00 -33.94 19.85
N LEU C 162 23.15 -32.68 19.47
CA LEU C 162 23.64 -31.64 20.39
C LEU C 162 22.44 -30.83 20.87
N ASP C 163 22.55 -30.24 22.05
CA ASP C 163 21.49 -29.38 22.57
C ASP C 163 21.86 -27.92 22.33
N ALA C 164 20.86 -27.06 22.21
CA ALA C 164 21.11 -25.63 21.94
C ALA C 164 19.94 -24.73 22.33
N VAL C 165 20.13 -23.44 22.17
CA VAL C 165 19.04 -22.49 22.33
C VAL C 165 19.39 -21.17 21.69
N PRO C 166 18.44 -20.60 20.94
CA PRO C 166 18.70 -19.29 20.36
C PRO C 166 18.36 -18.14 21.33
N ILE C 167 19.37 -17.32 21.67
CA ILE C 167 19.18 -16.23 22.61
C ILE C 167 19.13 -14.86 21.93
N GLU C 168 18.00 -14.16 22.08
CA GLU C 168 17.90 -12.75 21.68
C GLU C 168 18.02 -11.84 22.91
N GLY C 169 17.91 -12.42 24.10
CA GLY C 169 18.00 -11.66 25.35
C GLY C 169 19.43 -11.45 25.79
N PHE C 170 20.14 -10.55 25.12
CA PHE C 170 21.50 -10.17 25.49
C PHE C 170 21.64 -8.73 25.01
N ASP C 171 22.63 -8.01 25.52
CA ASP C 171 22.80 -6.62 25.12
C ASP C 171 23.75 -6.55 23.92
N ALA C 172 23.21 -6.27 22.74
CA ALA C 172 24.03 -6.30 21.53
C ALA C 172 25.11 -5.23 21.55
N GLU C 173 24.81 -4.08 22.16
CA GLU C 173 25.77 -3.00 22.26
C GLU C 173 26.98 -3.41 23.10
N VAL C 174 26.73 -4.02 24.25
CA VAL C 174 27.83 -4.50 25.06
C VAL C 174 28.65 -5.48 24.26
N LEU C 175 27.96 -6.45 23.65
CA LEU C 175 28.63 -7.53 22.94
C LEU C 175 29.44 -6.97 21.78
N ASP C 176 28.82 -6.09 21.00
CA ASP C 176 29.53 -5.43 19.90
C ASP C 176 30.82 -4.74 20.41
N ALA C 177 30.71 -4.01 21.51
CA ALA C 177 31.87 -3.31 22.07
C ALA C 177 32.93 -4.27 22.53
N GLU C 178 32.53 -5.33 23.25
CA GLU C 178 33.50 -6.29 23.75
C GLU C 178 34.36 -6.89 22.64
N PHE C 179 33.77 -7.09 21.46
CA PHE C 179 34.54 -7.64 20.35
C PHE C 179 34.86 -6.63 19.25
N GLY C 180 34.61 -5.35 19.52
CA GLY C 180 34.97 -4.28 18.59
C GLY C 180 34.32 -4.47 17.23
N LEU C 181 33.08 -4.95 17.23
CA LEU C 181 32.40 -5.28 15.99
C LEU C 181 32.01 -4.08 15.13
N LYS C 182 31.59 -2.98 15.74
CA LYS C 182 31.19 -1.81 14.95
C LYS C 182 32.34 -1.39 14.03
N GLU C 183 33.53 -1.22 14.60
CA GLU C 183 34.69 -0.81 13.81
CA GLU C 183 34.67 -0.79 13.79
C GLU C 183 34.92 -1.81 12.69
N LYS C 184 34.76 -3.09 13.02
CA LYS C 184 34.96 -4.16 12.05
C LYS C 184 33.84 -4.24 10.99
N GLY C 185 32.73 -3.57 11.23
CA GLY C 185 31.64 -3.55 10.27
C GLY C 185 30.56 -4.60 10.50
N TYR C 186 30.42 -5.04 11.74
CA TYR C 186 29.42 -6.06 12.09
C TYR C 186 28.67 -5.69 13.34
N THR C 187 27.51 -6.30 13.53
CA THR C 187 26.76 -6.18 14.75
C THR C 187 26.14 -7.52 15.14
N SER C 188 26.13 -7.82 16.44
CA SER C 188 25.68 -9.12 16.89
C SER C 188 24.15 -9.20 16.93
N LEU C 189 23.62 -10.39 16.67
CA LEU C 189 22.16 -10.57 16.52
C LEU C 189 21.62 -11.72 17.37
N VAL C 190 22.33 -12.83 17.39
CA VAL C 190 21.82 -13.98 18.11
C VAL C 190 22.98 -14.72 18.73
N VAL C 191 22.81 -15.20 19.95
CA VAL C 191 23.80 -16.00 20.62
C VAL C 191 23.22 -17.38 20.79
N VAL C 192 23.97 -18.39 20.37
CA VAL C 192 23.47 -19.73 20.46
C VAL C 192 24.42 -20.61 21.25
N PRO C 193 24.12 -20.81 22.54
CA PRO C 193 24.92 -21.79 23.29
C PRO C 193 24.65 -23.19 22.77
N VAL C 194 25.69 -24.02 22.74
CA VAL C 194 25.61 -25.37 22.18
C VAL C 194 26.38 -26.32 23.08
N GLY C 195 25.80 -27.49 23.35
CA GLY C 195 26.43 -28.49 24.19
C GLY C 195 25.45 -29.60 24.53
N HIS C 196 25.46 -30.06 25.78
CA HIS C 196 24.50 -31.08 26.23
C HIS C 196 23.77 -30.58 27.47
N HIS C 197 22.47 -30.83 27.50
CA HIS C 197 21.60 -30.33 28.55
C HIS C 197 21.92 -30.99 29.89
N SER C 198 21.73 -30.22 30.96
CA SER C 198 21.84 -30.71 32.34
C SER C 198 20.72 -31.69 32.67
N VAL C 199 20.96 -32.60 33.62
CA VAL C 199 19.88 -33.49 34.07
C VAL C 199 18.75 -32.67 34.64
N GLU C 200 19.04 -31.42 35.00
CA GLU C 200 18.06 -30.53 35.60
C GLU C 200 17.43 -29.54 34.59
N ASP C 201 17.60 -29.81 33.30
CA ASP C 201 16.99 -28.96 32.28
C ASP C 201 15.46 -29.18 32.25
N PHE C 202 14.73 -28.18 32.74
CA PHE C 202 13.28 -28.31 32.91
C PHE C 202 12.57 -28.62 31.56
N ASN C 203 12.92 -27.84 30.55
CA ASN C 203 12.28 -27.91 29.24
C ASN C 203 12.38 -29.27 28.57
N ALA C 204 13.41 -30.03 28.89
CA ALA C 204 13.56 -31.37 28.30
C ALA C 204 12.43 -32.25 28.78
N GLY C 205 11.84 -31.86 29.91
CA GLY C 205 10.73 -32.61 30.48
C GLY C 205 9.37 -32.14 30.04
N LEU C 206 9.32 -31.23 29.07
CA LEU C 206 8.04 -30.62 28.64
C LEU C 206 7.72 -30.98 27.20
N PRO C 207 6.43 -31.18 26.91
CA PRO C 207 5.96 -31.41 25.55
C PRO C 207 6.15 -30.16 24.70
N LYS C 208 6.41 -30.33 23.42
CA LYS C 208 6.52 -29.20 22.51
C LYS C 208 5.13 -28.65 22.30
N SER C 209 5.06 -27.39 21.90
CA SER C 209 3.80 -26.77 21.58
C SER C 209 3.92 -25.87 20.37
N ARG C 210 3.04 -26.08 19.41
CA ARG C 210 2.93 -25.23 18.24
C ARG C 210 1.47 -24.99 17.91
N LEU C 211 1.18 -23.82 17.36
CA LEU C 211 -0.15 -23.55 16.85
C LEU C 211 -0.51 -24.60 15.80
N PRO C 212 -1.80 -24.96 15.73
CA PRO C 212 -2.20 -25.96 14.73
C PRO C 212 -2.17 -25.41 13.30
N LEU C 213 -1.96 -26.29 12.34
CA LEU C 213 -1.89 -25.90 10.94
C LEU C 213 -3.17 -25.22 10.47
N GLU C 214 -4.30 -25.64 11.01
CA GLU C 214 -5.55 -25.01 10.68
C GLU C 214 -5.47 -23.48 10.81
N THR C 215 -4.72 -23.02 11.79
CA THR C 215 -4.51 -21.59 12.00
C THR C 215 -3.44 -20.98 11.08
N THR C 216 -2.34 -21.70 10.88
CA THR C 216 -1.18 -21.04 10.28
C THR C 216 -0.92 -21.37 8.80
N LEU C 217 -1.64 -22.35 8.26
CA LEU C 217 -1.35 -22.83 6.94
C LEU C 217 -2.53 -22.73 6.01
N THR C 218 -2.29 -22.23 4.80
CA THR C 218 -3.32 -22.18 3.76
C THR C 218 -2.85 -23.03 2.59
N GLU C 219 -3.57 -24.09 2.30
CA GLU C 219 -3.25 -24.91 1.13
C GLU C 219 -4.02 -24.42 -0.10
N VAL C 220 -3.33 -24.30 -1.22
CA VAL C 220 -4.02 -24.04 -2.49
C VAL C 220 -3.42 -24.82 -3.65
N ASN D 2 18.46 -35.35 7.26
CA ASN D 2 18.82 -36.71 7.76
C ASN D 2 19.49 -36.59 9.09
N ALA D 3 18.78 -36.94 10.15
CA ALA D 3 19.42 -37.13 11.43
C ALA D 3 20.86 -37.70 11.30
N ASP D 5 24.14 -37.55 9.88
CA ASP D 5 25.10 -36.98 8.90
C ASP D 5 24.58 -35.72 8.16
N ILE D 6 24.18 -34.75 8.96
CA ILE D 6 23.50 -33.58 8.46
C ILE D 6 24.47 -32.67 7.75
N VAL D 7 25.76 -32.79 8.05
CA VAL D 7 26.71 -31.92 7.42
C VAL D 7 26.83 -32.31 5.97
N SER D 8 26.87 -33.61 5.69
CA SER D 8 26.87 -34.05 4.29
C SER D 8 25.66 -33.49 3.58
N VAL D 9 24.53 -33.49 4.27
CA VAL D 9 23.31 -32.97 3.68
C VAL D 9 23.47 -31.50 3.34
N ALA D 10 24.07 -30.74 4.27
CA ALA D 10 24.30 -29.31 4.09
C ALA D 10 25.19 -29.06 2.90
N LEU D 11 26.13 -29.96 2.65
CA LEU D 11 27.08 -29.78 1.57
C LEU D 11 26.54 -30.30 0.23
N GLN D 12 25.50 -31.13 0.27
CA GLN D 12 24.83 -31.59 -0.96
C GLN D 12 23.78 -30.60 -1.46
N ARG D 13 22.97 -30.03 -0.56
CA ARG D 13 21.90 -29.12 -1.01
C ARG D 13 22.48 -27.95 -1.79
N TYR D 14 21.64 -27.35 -2.62
CA TYR D 14 22.05 -26.17 -3.37
C TYR D 14 20.78 -25.43 -3.74
N SER D 15 20.94 -24.24 -4.31
CA SER D 15 19.79 -23.44 -4.73
C SER D 15 19.36 -23.84 -6.12
N THR D 16 18.26 -24.58 -6.18
CA THR D 16 17.77 -25.16 -7.42
C THR D 16 17.42 -24.08 -8.43
N LYS D 17 17.89 -24.25 -9.66
CA LYS D 17 17.62 -23.26 -10.70
C LYS D 17 16.47 -23.67 -11.60
N ALA D 18 16.18 -24.95 -11.68
CA ALA D 18 15.04 -25.44 -12.46
C ALA D 18 14.52 -26.73 -11.87
N PHE D 19 13.20 -26.89 -11.92
CA PHE D 19 12.55 -28.07 -11.35
C PHE D 19 11.99 -28.95 -12.45
N ASP D 20 12.02 -30.26 -12.21
CA ASP D 20 11.37 -31.22 -13.09
C ASP D 20 9.88 -31.21 -12.78
N PRO D 21 9.05 -30.72 -13.72
CA PRO D 21 7.63 -30.46 -13.45
C PRO D 21 6.81 -31.73 -13.36
N SER D 22 7.44 -32.88 -13.52
CA SER D 22 6.67 -34.10 -13.48
C SER D 22 6.96 -34.88 -12.21
N LYS D 23 7.78 -34.33 -11.33
CA LYS D 23 8.14 -35.03 -10.11
C LYS D 23 7.51 -34.37 -8.88
N LYS D 24 6.64 -35.10 -8.20
CA LYS D 24 5.82 -34.53 -7.14
C LYS D 24 6.24 -35.12 -5.82
N LEU D 25 6.05 -34.37 -4.75
CA LEU D 25 6.27 -34.89 -3.42
C LEU D 25 5.25 -36.01 -3.17
N THR D 26 5.65 -37.05 -2.45
CA THR D 26 4.67 -38.06 -2.03
C THR D 26 3.71 -37.41 -1.04
N ALA D 27 2.56 -38.02 -0.82
CA ALA D 27 1.62 -37.48 0.16
C ALA D 27 2.32 -37.38 1.52
N GLU D 28 3.20 -38.33 1.80
CA GLU D 28 3.90 -38.36 3.07
C GLU D 28 4.85 -37.15 3.17
N GLU D 29 5.69 -36.99 2.15
CA GLU D 29 6.58 -35.85 2.09
C GLU D 29 5.80 -34.55 2.25
N ALA D 30 4.62 -34.48 1.65
CA ALA D 30 3.84 -33.24 1.77
C ALA D 30 3.46 -32.95 3.20
N ASP D 31 3.20 -33.99 4.02
CA ASP D 31 2.93 -33.79 5.45
C ASP D 31 4.20 -33.34 6.17
N LYS D 32 5.29 -34.05 5.89
CA LYS D 32 6.54 -33.75 6.52
C LYS D 32 6.84 -32.28 6.40
N ILE D 33 6.63 -31.71 5.22
CA ILE D 33 7.07 -30.34 5.01
C ILE D 33 6.20 -29.38 5.80
N LYS D 34 4.96 -29.75 6.04
CA LYS D 34 4.11 -28.89 6.84
C LYS D 34 4.55 -28.95 8.31
N THR D 35 5.00 -30.12 8.74
CA THR D 35 5.46 -30.28 10.10
C THR D 35 6.71 -29.43 10.30
N LEU D 36 7.56 -29.40 9.28
CA LEU D 36 8.77 -28.63 9.30
C LEU D 36 8.43 -27.14 9.50
N LEU D 37 7.45 -26.67 8.76
CA LEU D 37 7.02 -25.28 8.87
C LEU D 37 6.48 -24.96 10.26
N GLN D 38 5.65 -25.87 10.76
CA GLN D 38 4.97 -25.70 12.04
C GLN D 38 5.94 -25.69 13.22
N TYR D 39 6.95 -26.56 13.16
CA TYR D 39 7.71 -26.85 14.33
C TYR D 39 9.05 -26.12 14.41
N SER D 40 9.25 -25.18 13.51
CA SER D 40 10.39 -24.30 13.57
C SER D 40 10.39 -23.52 14.88
N PRO D 41 11.57 -23.26 15.44
CA PRO D 41 11.60 -22.39 16.61
C PRO D 41 11.32 -20.93 16.24
N SER D 42 10.93 -20.13 17.23
CA SER D 42 10.84 -18.68 17.10
C SER D 42 10.99 -18.03 18.46
N SER D 43 11.40 -16.77 18.49
CA SER D 43 11.59 -16.01 19.73
C SER D 43 10.34 -16.12 20.61
N THR D 44 10.53 -16.62 21.82
CA THR D 44 9.42 -16.84 22.78
C THR D 44 8.32 -17.71 22.21
N ASN D 45 8.63 -18.49 21.18
CA ASN D 45 7.65 -19.36 20.53
C ASN D 45 6.45 -18.57 20.02
N SER D 46 6.71 -17.33 19.62
CA SER D 46 5.62 -16.43 19.26
C SER D 46 5.06 -16.77 17.88
N GLN D 47 5.80 -17.56 17.10
CA GLN D 47 5.28 -18.08 15.84
C GLN D 47 4.53 -17.03 15.01
N PRO D 48 5.20 -15.92 14.70
CA PRO D 48 4.58 -14.76 14.08
C PRO D 48 4.42 -14.90 12.57
N TRP D 49 3.82 -15.99 12.10
CA TRP D 49 3.92 -16.29 10.69
C TRP D 49 2.68 -16.97 10.12
N HIS D 50 2.60 -17.03 8.79
CA HIS D 50 1.58 -17.80 8.08
C HIS D 50 2.20 -18.37 6.81
N PHE D 51 1.80 -19.57 6.41
CA PHE D 51 2.33 -20.13 5.18
C PHE D 51 1.23 -20.42 4.18
N ILE D 52 1.49 -20.14 2.92
CA ILE D 52 0.65 -20.67 1.83
C ILE D 52 1.44 -21.75 1.16
N VAL D 53 0.87 -22.95 1.08
CA VAL D 53 1.48 -24.00 0.35
C VAL D 53 0.66 -24.28 -0.91
N ALA D 54 1.23 -23.93 -2.05
CA ALA D 54 0.57 -24.12 -3.34
C ALA D 54 1.04 -25.43 -3.93
N SER D 55 0.11 -26.30 -4.29
CA SER D 55 0.47 -27.61 -4.87
C SER D 55 -0.31 -27.95 -6.12
N THR D 56 -1.35 -27.15 -6.42
CA THR D 56 -2.16 -27.36 -7.62
C THR D 56 -1.69 -26.41 -8.69
N GLU D 57 -1.93 -26.77 -9.93
CA GLU D 57 -1.63 -25.90 -11.07
CA GLU D 57 -1.55 -25.88 -11.01
C GLU D 57 -2.23 -24.52 -10.83
N GLU D 58 -3.48 -24.51 -10.42
CA GLU D 58 -4.19 -23.26 -10.18
C GLU D 58 -3.56 -22.49 -9.02
N GLY D 59 -3.20 -23.19 -7.95
CA GLY D 59 -2.63 -22.55 -6.78
C GLY D 59 -1.28 -21.94 -7.09
N LYS D 60 -0.45 -22.71 -7.78
CA LYS D 60 0.87 -22.25 -8.13
C LYS D 60 0.80 -21.05 -9.05
N ALA D 61 -0.19 -21.04 -9.94
CA ALA D 61 -0.30 -19.92 -10.88
C ALA D 61 -0.63 -18.63 -10.15
N ARG D 62 -1.44 -18.75 -9.09
CA ARG D 62 -1.74 -17.57 -8.27
C ARG D 62 -0.46 -16.98 -7.65
N VAL D 63 0.36 -17.83 -7.07
CA VAL D 63 1.61 -17.39 -6.44
C VAL D 63 2.54 -16.83 -7.50
N ALA D 64 2.59 -17.47 -8.67
CA ALA D 64 3.50 -17.09 -9.73
C ALA D 64 3.24 -15.69 -10.28
N LYS D 65 2.02 -15.19 -10.11
CA LYS D 65 1.70 -13.81 -10.47
C LYS D 65 2.73 -12.84 -9.91
N SER D 66 3.29 -13.18 -8.75
CA SER D 66 4.24 -12.29 -8.08
C SER D 66 5.56 -12.23 -8.85
N ALA D 67 5.69 -13.13 -9.82
CA ALA D 67 6.88 -13.23 -10.63
C ALA D 67 6.65 -12.70 -12.05
N ALA D 68 5.61 -11.89 -12.26
CA ALA D 68 5.15 -11.60 -13.62
C ALA D 68 5.71 -10.32 -14.23
N GLY D 69 6.20 -9.43 -13.38
CA GLY D 69 6.74 -8.18 -13.87
C GLY D 69 8.25 -8.25 -13.99
N ASN D 70 8.93 -7.73 -12.98
CA ASN D 70 10.38 -7.63 -13.03
C ASN D 70 11.08 -8.94 -12.62
N TYR D 71 10.29 -9.95 -12.24
CA TYR D 71 10.88 -11.16 -11.68
C TYR D 71 10.55 -12.42 -12.47
N THR D 72 10.30 -12.25 -13.76
CA THR D 72 10.02 -13.36 -14.63
C THR D 72 11.14 -14.40 -14.68
N PHE D 73 12.36 -14.06 -14.25
CA PHE D 73 13.42 -15.09 -14.22
C PHE D 73 13.13 -16.18 -13.17
N ASN D 74 12.17 -15.92 -12.27
CA ASN D 74 11.79 -16.89 -11.24
C ASN D 74 10.46 -17.55 -11.52
N GLU D 75 9.80 -17.17 -12.61
CA GLU D 75 8.47 -17.66 -12.86
C GLU D 75 8.43 -19.19 -13.05
N ARG D 76 9.39 -19.73 -13.80
CA ARG D 76 9.43 -21.16 -14.06
C ARG D 76 9.59 -22.05 -12.80
N LYS D 77 10.42 -21.60 -11.86
CA LYS D 77 10.60 -22.33 -10.61
C LYS D 77 9.28 -22.42 -9.88
N LEU D 79 6.31 -22.32 -11.12
CA LEU D 79 5.33 -23.12 -11.85
C LEU D 79 5.71 -24.61 -11.91
N ASP D 80 7.00 -24.92 -12.06
CA ASP D 80 7.41 -26.29 -12.28
C ASP D 80 7.65 -27.11 -10.99
N ALA D 81 7.90 -26.44 -9.86
CA ALA D 81 8.12 -27.16 -8.61
C ALA D 81 6.84 -27.84 -8.16
N SER D 82 6.97 -28.87 -7.34
CA SER D 82 5.82 -29.62 -6.87
C SER D 82 4.98 -28.80 -5.91
N HIS D 83 5.63 -28.23 -4.89
CA HIS D 83 4.99 -27.49 -3.82
C HIS D 83 5.70 -26.18 -3.60
N VAL D 84 4.95 -25.10 -3.66
CA VAL D 84 5.53 -23.78 -3.50
C VAL D 84 5.02 -23.17 -2.21
N VAL D 85 5.94 -22.87 -1.29
CA VAL D 85 5.56 -22.36 0.02
C VAL D 85 5.79 -20.88 0.09
N VAL D 86 4.80 -20.10 0.48
CA VAL D 86 5.01 -18.69 0.73
C VAL D 86 5.11 -18.43 2.25
N PHE D 87 6.23 -17.86 2.68
CA PHE D 87 6.43 -17.51 4.07
C PHE D 87 5.97 -16.08 4.36
N CYS D 88 5.14 -15.90 5.37
CA CYS D 88 4.55 -14.59 5.66
C CYS D 88 4.73 -14.27 7.12
N ALA D 89 5.04 -13.00 7.39
CA ALA D 89 5.13 -12.48 8.75
C ALA D 89 3.82 -11.83 9.14
N LYS D 90 3.45 -11.99 10.40
CA LYS D 90 2.36 -11.21 10.94
C LYS D 90 2.72 -9.74 10.81
N THR D 91 1.74 -8.89 10.52
CA THR D 91 2.06 -7.46 10.43
C THR D 91 1.99 -6.73 11.76
N ALA D 92 1.52 -7.42 12.77
CA ALA D 92 1.67 -6.90 14.11
C ALA D 92 1.55 -8.05 15.12
N ASP D 94 -0.24 -8.91 17.86
CA ASP D 94 -1.43 -8.44 18.56
C ASP D 94 -1.66 -9.23 19.85
N ASP D 95 -2.34 -8.60 20.80
CA ASP D 95 -2.74 -9.23 22.06
C ASP D 95 -3.42 -10.57 21.83
N ALA D 96 -4.34 -10.63 20.88
CA ALA D 96 -5.04 -11.87 20.64
C ALA D 96 -4.07 -13.00 20.30
N TRP D 97 -3.11 -12.73 19.41
CA TRP D 97 -2.12 -13.76 19.07
C TRP D 97 -1.30 -14.16 20.29
N LEU D 98 -0.78 -13.19 21.02
CA LEU D 98 -0.04 -13.48 22.24
C LEU D 98 -0.85 -14.37 23.19
N GLU D 99 -2.16 -14.12 23.24
CA GLU D 99 -3.02 -14.91 24.08
C GLU D 99 -3.18 -16.29 23.48
N ARG D 100 -3.27 -16.32 22.15
CA ARG D 100 -3.49 -17.58 21.43
C ARG D 100 -2.29 -18.49 21.64
N VAL D 101 -1.11 -17.90 21.65
CA VAL D 101 0.11 -18.70 21.77
C VAL D 101 0.17 -19.36 23.14
N VAL D 102 -0.09 -18.60 24.19
CA VAL D 102 0.04 -19.13 25.53
C VAL D 102 -1.09 -20.10 25.86
N ASP D 103 -2.29 -19.83 25.34
CA ASP D 103 -3.36 -20.81 25.53
C ASP D 103 -2.99 -22.13 24.86
N GLN D 104 -2.26 -22.06 23.74
CA GLN D 104 -1.89 -23.29 23.05
C GLN D 104 -0.85 -24.06 23.86
N GLU D 105 0.11 -23.33 24.42
CA GLU D 105 1.13 -23.97 25.24
C GLU D 105 0.47 -24.67 26.43
N ASP D 106 -0.56 -24.02 26.98
CA ASP D 106 -1.30 -24.53 28.11
C ASP D 106 -2.05 -25.79 27.73
N ALA D 107 -2.72 -25.74 26.59
CA ALA D 107 -3.43 -26.92 26.09
C ALA D 107 -2.46 -28.05 25.84
N ASP D 108 -1.23 -27.71 25.47
CA ASP D 108 -0.25 -28.74 25.13
C ASP D 108 0.43 -29.28 26.38
N GLY D 109 0.11 -28.70 27.53
CA GLY D 109 0.51 -29.25 28.82
C GLY D 109 1.82 -28.73 29.38
N ARG D 110 2.23 -27.55 28.95
CA ARG D 110 3.50 -26.99 29.37
C ARG D 110 3.44 -26.28 30.72
N PHE D 111 2.24 -26.05 31.24
CA PHE D 111 2.06 -25.32 32.49
C PHE D 111 1.46 -26.14 33.64
N ALA D 112 2.25 -26.40 34.67
CA ALA D 112 1.78 -27.17 35.82
C ALA D 112 0.80 -26.40 36.70
N THR D 113 0.91 -25.07 36.74
CA THR D 113 0.11 -24.21 37.60
C THR D 113 -0.27 -22.95 36.85
N PRO D 114 -1.27 -22.23 37.34
CA PRO D 114 -1.59 -20.94 36.73
C PRO D 114 -0.45 -19.94 36.89
N GLU D 115 0.31 -20.03 37.98
CA GLU D 115 1.43 -19.11 38.15
C GLU D 115 2.40 -19.26 36.98
N ALA D 116 2.58 -20.50 36.53
CA ALA D 116 3.54 -20.80 35.46
C ALA D 116 3.04 -20.24 34.13
N LYS D 117 1.75 -20.43 33.85
CA LYS D 117 1.18 -19.89 32.64
C LYS D 117 1.35 -18.40 32.64
N ALA D 118 1.07 -17.79 33.80
CA ALA D 118 1.06 -16.33 33.94
C ALA D 118 2.43 -15.76 33.77
N ALA D 119 3.43 -16.47 34.27
CA ALA D 119 4.80 -15.95 34.18
C ALA D 119 5.29 -16.04 32.74
N ASN D 120 4.83 -17.07 32.02
CA ASN D 120 5.23 -17.24 30.65
C ASN D 120 4.57 -16.18 29.78
N ASP D 121 3.30 -15.91 30.06
CA ASP D 121 2.55 -14.87 29.34
C ASP D 121 3.19 -13.51 29.53
N LYS D 122 3.55 -13.22 30.76
CA LYS D 122 4.13 -11.96 31.14
C LYS D 122 5.44 -11.72 30.42
N GLY D 123 6.34 -12.70 30.51
CA GLY D 123 7.64 -12.63 29.88
C GLY D 123 7.54 -12.41 28.38
N ARG D 124 6.62 -13.13 27.73
CA ARG D 124 6.48 -13.02 26.29
C ARG D 124 5.98 -11.62 25.96
N ARG D 125 5.00 -11.15 26.73
CA ARG D 125 4.45 -9.81 26.50
C ARG D 125 5.46 -8.73 26.74
N PHE D 126 6.37 -8.95 27.66
CA PHE D 126 7.41 -7.98 27.88
C PHE D 126 8.23 -7.77 26.61
N PHE D 127 8.72 -8.87 26.04
CA PHE D 127 9.50 -8.83 24.81
C PHE D 127 8.72 -8.27 23.61
N ALA D 128 7.51 -8.74 23.39
CA ALA D 128 6.73 -8.15 22.33
C ALA D 128 6.65 -6.62 22.49
N ASP D 129 6.30 -6.15 23.68
CA ASP D 129 6.12 -4.71 23.93
C ASP D 129 7.42 -3.96 23.73
N HIS D 131 9.63 -4.63 21.57
CA HIS D 131 9.85 -4.44 20.14
C HIS D 131 8.89 -3.43 19.54
N ARG D 132 7.61 -3.54 19.87
CA ARG D 132 6.63 -2.60 19.33
C ARG D 132 6.77 -1.18 19.86
N VAL D 133 6.98 -1.05 21.18
CA VAL D 133 6.95 0.24 21.85
C VAL D 133 8.32 0.88 22.07
N SER D 134 9.26 0.18 22.70
CA SER D 134 10.55 0.82 22.96
C SER D 134 11.39 0.88 21.69
N LEU D 135 11.51 -0.24 21.01
CA LEU D 135 12.37 -0.33 19.80
C LEU D 135 11.66 0.04 18.53
N LYS D 136 10.35 -0.16 18.49
CA LYS D 136 9.63 0.10 17.25
C LYS D 136 10.28 -0.67 16.10
N ASP D 137 10.59 -1.94 16.32
CA ASP D 137 11.13 -2.80 15.26
C ASP D 137 10.36 -4.12 15.18
N ASP D 138 9.11 -4.14 15.61
CA ASP D 138 8.36 -5.38 15.66
C ASP D 138 8.25 -6.08 14.28
N HIS D 139 8.08 -5.32 13.19
CA HIS D 139 8.10 -5.92 11.86
C HIS D 139 9.44 -6.61 11.55
N GLN D 140 10.57 -5.93 11.79
CA GLN D 140 11.84 -6.58 11.49
CA GLN D 140 11.87 -6.54 11.52
C GLN D 140 12.05 -7.80 12.41
N TRP D 141 11.57 -7.70 13.63
CA TRP D 141 11.70 -8.79 14.59
C TRP D 141 10.91 -10.03 14.13
N ALA D 143 9.88 -10.64 11.00
CA ALA D 143 10.45 -11.09 9.73
C ALA D 143 11.68 -11.97 9.97
N LYS D 144 12.47 -11.61 10.98
CA LYS D 144 13.63 -12.41 11.32
C LYS D 144 13.21 -13.82 11.72
N GLN D 145 12.19 -13.93 12.57
CA GLN D 145 11.73 -15.27 12.94
C GLN D 145 11.30 -16.05 11.67
N VAL D 146 10.79 -15.35 10.67
CA VAL D 146 10.35 -16.02 9.48
C VAL D 146 11.56 -16.55 8.74
N TYR D 147 12.61 -15.76 8.70
CA TYR D 147 13.82 -16.22 8.03
C TYR D 147 14.48 -17.37 8.78
N LEU D 148 14.49 -17.32 10.10
CA LEU D 148 14.91 -18.47 10.89
C LEU D 148 14.14 -19.73 10.41
N ASN D 149 12.83 -19.60 10.28
CA ASN D 149 12.02 -20.69 9.79
C ASN D 149 12.48 -21.16 8.40
N VAL D 150 12.75 -20.20 7.52
CA VAL D 150 13.21 -20.55 6.19
C VAL D 150 14.50 -21.39 6.29
N GLY D 151 15.43 -20.97 7.13
CA GLY D 151 16.68 -21.70 7.23
C GLY D 151 16.41 -23.13 7.66
N ASN D 152 15.67 -23.27 8.74
CA ASN D 152 15.29 -24.58 9.23
C ASN D 152 14.64 -25.39 8.08
N PHE D 153 13.79 -24.73 7.31
CA PHE D 153 13.07 -25.41 6.24
C PHE D 153 13.97 -25.92 5.13
N LEU D 154 14.85 -25.05 4.64
CA LEU D 154 15.75 -25.43 3.56
C LEU D 154 16.59 -26.64 3.95
N LEU D 155 17.14 -26.63 5.15
CA LEU D 155 17.96 -27.78 5.54
C LEU D 155 17.05 -28.99 5.66
N GLY D 156 15.88 -28.79 6.26
CA GLY D 156 14.93 -29.86 6.52
C GLY D 156 14.56 -30.57 5.22
N VAL D 157 14.07 -29.83 4.22
CA VAL D 157 13.66 -30.51 3.00
C VAL D 157 14.85 -31.17 2.31
N ALA D 158 16.05 -30.60 2.47
CA ALA D 158 17.23 -31.23 1.85
C ALA D 158 17.45 -32.61 2.47
N ALA D 159 17.36 -32.68 3.80
CA ALA D 159 17.55 -33.93 4.50
C ALA D 159 16.50 -34.95 4.09
N GLY D 161 15.70 -35.32 1.08
CA GLY D 161 16.05 -35.65 -0.30
C GLY D 161 15.34 -34.78 -1.34
N LEU D 162 14.75 -33.67 -0.90
CA LEU D 162 14.07 -32.78 -1.79
C LEU D 162 14.96 -31.63 -2.25
N ASP D 163 14.65 -31.09 -3.42
CA ASP D 163 15.27 -29.87 -3.88
C ASP D 163 14.36 -28.70 -3.56
N ALA D 164 14.96 -27.53 -3.39
CA ALA D 164 14.25 -26.31 -3.02
C ALA D 164 15.16 -25.11 -3.29
N VAL D 165 14.58 -23.91 -3.26
CA VAL D 165 15.33 -22.66 -3.41
C VAL D 165 14.56 -21.50 -2.80
N PRO D 166 15.23 -20.66 -2.00
CA PRO D 166 14.55 -19.47 -1.47
C PRO D 166 14.50 -18.36 -2.52
N ILE D 167 13.35 -17.72 -2.67
CA ILE D 167 13.20 -16.64 -3.64
C ILE D 167 12.80 -15.36 -2.94
N GLU D 168 13.55 -14.31 -3.17
CA GLU D 168 13.20 -13.00 -2.65
C GLU D 168 12.84 -12.14 -3.84
N GLY D 169 13.17 -12.60 -5.04
CA GLY D 169 12.80 -11.87 -6.22
C GLY D 169 11.38 -12.20 -6.62
N PHE D 170 10.44 -11.50 -6.01
CA PHE D 170 9.03 -11.57 -6.36
C PHE D 170 8.36 -10.28 -5.89
N ASP D 171 7.23 -9.94 -6.48
CA ASP D 171 6.51 -8.74 -6.08
C ASP D 171 5.60 -9.08 -4.90
N ALA D 172 5.99 -8.66 -3.71
CA ALA D 172 5.19 -8.95 -2.51
C ALA D 172 3.87 -8.16 -2.45
N GLU D 173 3.81 -7.00 -3.11
CA GLU D 173 2.56 -6.23 -3.17
C GLU D 173 1.55 -7.01 -4.00
N VAL D 174 1.98 -7.46 -5.17
CA VAL D 174 1.15 -8.33 -5.99
C VAL D 174 0.75 -9.61 -5.25
N LEU D 175 1.72 -10.30 -4.66
CA LEU D 175 1.41 -11.56 -4.01
C LEU D 175 0.46 -11.38 -2.83
N ASP D 176 0.70 -10.34 -2.03
CA ASP D 176 -0.21 -10.00 -0.94
C ASP D 176 -1.66 -9.78 -1.41
N ALA D 177 -1.82 -8.92 -2.42
CA ALA D 177 -3.13 -8.55 -2.92
C ALA D 177 -3.86 -9.77 -3.46
N GLU D 178 -3.11 -10.68 -4.05
CA GLU D 178 -3.70 -11.86 -4.65
C GLU D 178 -4.26 -12.80 -3.60
N PHE D 179 -3.76 -12.70 -2.37
CA PHE D 179 -4.25 -13.56 -1.31
C PHE D 179 -4.90 -12.75 -0.19
N GLY D 180 -4.99 -11.45 -0.37
CA GLY D 180 -5.53 -10.57 0.67
C GLY D 180 -4.72 -10.61 1.97
N LEU D 181 -3.41 -10.77 1.84
CA LEU D 181 -2.57 -10.97 3.02
C LEU D 181 -2.53 -9.78 3.98
N LYS D 182 -2.41 -8.57 3.44
CA LYS D 182 -2.31 -7.44 4.34
C LYS D 182 -3.60 -7.18 5.10
N GLU D 183 -4.75 -7.43 4.48
CA GLU D 183 -5.99 -7.24 5.20
C GLU D 183 -6.20 -8.34 6.25
N LYS D 184 -5.50 -9.46 6.10
CA LYS D 184 -5.57 -10.51 7.09
C LYS D 184 -4.52 -10.32 8.20
N GLY D 185 -3.69 -9.31 8.06
CA GLY D 185 -2.66 -9.04 9.06
C GLY D 185 -1.37 -9.81 8.81
N TYR D 186 -1.11 -10.14 7.54
CA TYR D 186 0.14 -10.80 7.17
C TYR D 186 0.76 -10.10 5.98
N THR D 187 2.03 -10.40 5.74
CA THR D 187 2.68 -9.95 4.52
C THR D 187 3.76 -10.93 4.10
N SER D 188 3.81 -11.21 2.79
CA SER D 188 4.73 -12.23 2.26
C SER D 188 6.19 -11.76 2.20
N LEU D 189 7.10 -12.68 2.51
CA LEU D 189 8.51 -12.34 2.64
C LEU D 189 9.41 -13.19 1.76
N VAL D 190 9.20 -14.50 1.76
CA VAL D 190 10.02 -15.43 0.98
C VAL D 190 9.12 -16.46 0.30
N VAL D 191 9.44 -16.80 -0.94
CA VAL D 191 8.76 -17.89 -1.62
C VAL D 191 9.74 -19.04 -1.75
N VAL D 192 9.30 -20.27 -1.49
CA VAL D 192 10.24 -21.39 -1.56
C VAL D 192 9.67 -22.56 -2.32
N PRO D 193 10.01 -22.70 -3.60
CA PRO D 193 9.56 -23.89 -4.33
C PRO D 193 10.29 -25.14 -3.85
N VAL D 194 9.57 -26.25 -3.81
CA VAL D 194 10.10 -27.50 -3.34
C VAL D 194 9.72 -28.59 -4.35
N GLY D 195 10.63 -29.52 -4.61
CA GLY D 195 10.40 -30.57 -5.59
C GLY D 195 11.67 -31.32 -5.93
N HIS D 196 11.84 -31.64 -7.20
CA HIS D 196 13.06 -32.26 -7.64
C HIS D 196 13.60 -31.48 -8.84
N HIS D 197 14.90 -31.29 -8.89
CA HIS D 197 15.49 -30.45 -9.92
C HIS D 197 15.46 -31.16 -11.25
N SER D 198 15.41 -30.39 -12.34
CA SER D 198 15.36 -30.99 -13.66
C SER D 198 16.75 -31.41 -14.09
N VAL D 199 16.81 -32.38 -15.00
CA VAL D 199 18.08 -32.84 -15.58
C VAL D 199 18.93 -31.69 -16.13
N GLU D 200 18.28 -30.65 -16.60
CA GLU D 200 18.96 -29.49 -17.18
C GLU D 200 19.65 -28.59 -16.13
N ASP D 201 19.30 -28.72 -14.86
CA ASP D 201 19.92 -27.88 -13.85
C ASP D 201 21.33 -28.38 -13.56
N PHE D 202 22.31 -27.85 -14.28
N PHE D 202 22.31 -27.82 -14.25
CA PHE D 202 23.69 -28.25 -14.08
CA PHE D 202 23.70 -28.23 -14.08
C PHE D 202 24.08 -28.01 -12.62
C PHE D 202 24.29 -27.81 -12.74
N ASN D 203 23.59 -26.92 -12.04
CA ASN D 203 24.09 -26.43 -10.74
C ASN D 203 24.05 -27.51 -9.66
N ALA D 204 23.22 -28.54 -9.87
CA ALA D 204 23.15 -29.65 -8.93
C ALA D 204 24.52 -30.31 -8.65
N GLY D 205 25.45 -30.18 -9.60
CA GLY D 205 26.78 -30.71 -9.43
C GLY D 205 27.89 -29.70 -9.66
N LEU D 206 27.65 -28.44 -9.29
CA LEU D 206 28.74 -27.49 -9.20
C LEU D 206 29.28 -27.54 -7.77
N PRO D 207 30.58 -27.25 -7.63
CA PRO D 207 31.16 -27.26 -6.28
C PRO D 207 30.54 -26.15 -5.40
N LYS D 208 30.26 -26.45 -4.15
CA LYS D 208 29.85 -25.43 -3.18
C LYS D 208 30.93 -24.37 -2.99
N SER D 209 30.54 -23.11 -2.96
CA SER D 209 31.49 -22.04 -2.73
C SER D 209 31.10 -21.20 -1.53
N ARG D 210 32.05 -21.00 -0.62
CA ARG D 210 31.84 -20.17 0.54
C ARG D 210 33.11 -19.46 0.91
N LEU D 211 32.98 -18.28 1.52
CA LEU D 211 34.13 -17.58 2.06
C LEU D 211 34.89 -18.43 3.08
N PRO D 212 36.21 -18.31 3.10
CA PRO D 212 36.96 -19.11 4.09
C PRO D 212 36.63 -18.67 5.52
N LEU D 213 36.68 -19.62 6.44
CA LEU D 213 36.56 -19.34 7.87
C LEU D 213 37.57 -18.30 8.38
N GLU D 214 38.75 -18.29 7.79
CA GLU D 214 39.72 -17.28 8.14
C GLU D 214 39.11 -15.91 8.02
N THR D 215 38.11 -15.76 7.15
CA THR D 215 37.51 -14.45 6.98
C THR D 215 36.30 -14.21 7.89
N THR D 216 35.47 -15.23 8.07
CA THR D 216 34.16 -15.02 8.64
C THR D 216 34.02 -15.50 10.09
N LEU D 217 35.00 -16.26 10.56
CA LEU D 217 34.93 -16.83 11.91
C LEU D 217 36.05 -16.33 12.83
N THR D 218 35.67 -15.96 14.04
CA THR D 218 36.62 -15.66 15.11
C THR D 218 36.36 -16.68 16.23
N GLU D 219 37.40 -17.45 16.57
CA GLU D 219 37.34 -18.37 17.70
C GLU D 219 37.96 -17.74 18.95
N VAL D 220 37.29 -17.86 20.09
CA VAL D 220 37.88 -17.43 21.35
C VAL D 220 37.58 -18.43 22.48
N ASN E 2 35.42 -7.21 -53.08
CA ASN E 2 35.98 -5.84 -52.91
C ASN E 2 36.55 -5.63 -51.48
N ALA E 3 37.89 -5.59 -51.38
CA ALA E 3 38.59 -5.61 -50.09
C ALA E 3 38.12 -4.56 -49.09
N ASP E 5 38.27 -1.65 -46.52
CA ASP E 5 39.10 -0.48 -46.16
C ASP E 5 38.20 0.54 -45.48
N ILE E 6 37.94 0.33 -44.20
CA ILE E 6 36.85 1.01 -43.54
C ILE E 6 37.13 2.48 -43.36
N VAL E 7 38.40 2.82 -43.14
CA VAL E 7 38.77 4.23 -43.03
C VAL E 7 38.57 5.01 -44.33
N SER E 8 38.85 4.37 -45.48
CA SER E 8 38.47 4.95 -46.77
C SER E 8 37.01 5.27 -46.81
N VAL E 9 36.17 4.33 -46.39
CA VAL E 9 34.74 4.55 -46.42
C VAL E 9 34.40 5.77 -45.59
N ALA E 10 34.98 5.83 -44.40
CA ALA E 10 34.70 6.93 -43.49
C ALA E 10 35.09 8.30 -44.06
N LEU E 11 36.18 8.31 -44.82
CA LEU E 11 36.68 9.55 -45.44
C LEU E 11 35.96 9.95 -46.72
N GLN E 12 35.31 8.99 -47.37
CA GLN E 12 34.62 9.24 -48.63
C GLN E 12 33.12 9.50 -48.41
N ARG E 13 32.54 8.97 -47.34
CA ARG E 13 31.11 9.15 -47.16
C ARG E 13 30.76 10.60 -46.82
N TYR E 14 29.50 10.98 -46.99
CA TYR E 14 29.08 12.35 -46.71
C TYR E 14 27.55 12.34 -46.71
N SER E 15 26.93 13.42 -46.24
CA SER E 15 25.46 13.52 -46.26
C SER E 15 24.96 13.94 -47.66
N THR E 16 24.39 13.01 -48.42
CA THR E 16 23.79 13.32 -49.70
C THR E 16 22.55 14.19 -49.51
N LYS E 17 22.40 15.24 -50.32
CA LYS E 17 21.25 16.15 -50.23
C LYS E 17 20.23 15.92 -51.34
N ALA E 18 20.69 15.42 -52.49
CA ALA E 18 19.82 15.23 -53.62
C ALA E 18 19.96 13.82 -54.09
N PHE E 19 18.86 13.09 -54.10
CA PHE E 19 18.91 11.70 -54.52
C PHE E 19 18.37 11.56 -55.94
N ASP E 20 18.93 10.61 -56.68
CA ASP E 20 18.44 10.26 -58.00
C ASP E 20 17.29 9.28 -57.81
N PRO E 21 16.07 9.69 -58.15
CA PRO E 21 14.85 8.92 -57.88
C PRO E 21 14.70 7.71 -58.76
N SER E 22 15.63 7.54 -59.70
CA SER E 22 15.54 6.44 -60.64
C SER E 22 16.50 5.34 -60.23
N LYS E 23 17.30 5.59 -59.21
CA LYS E 23 18.25 4.59 -58.76
C LYS E 23 17.76 3.92 -57.49
N LYS E 24 17.50 2.63 -57.58
CA LYS E 24 16.97 1.85 -56.49
C LYS E 24 18.04 0.96 -55.88
N LEU E 25 17.84 0.58 -54.62
CA LEU E 25 18.63 -0.49 -54.05
C LEU E 25 18.21 -1.78 -54.74
N THR E 26 19.17 -2.69 -54.91
CA THR E 26 18.85 -4.02 -55.38
C THR E 26 18.05 -4.76 -54.30
N ALA E 27 17.43 -5.86 -54.66
CA ALA E 27 16.67 -6.62 -53.67
C ALA E 27 17.61 -7.05 -52.56
N GLU E 28 18.85 -7.36 -52.94
CA GLU E 28 19.85 -7.89 -52.02
C GLU E 28 20.32 -6.77 -51.07
N GLU E 29 20.56 -5.59 -51.63
CA GLU E 29 20.88 -4.43 -50.80
C GLU E 29 19.78 -4.11 -49.80
N ALA E 30 18.54 -4.27 -50.23
CA ALA E 30 17.42 -4.03 -49.32
C ALA E 30 17.42 -5.01 -48.16
N ASP E 31 17.71 -6.28 -48.41
CA ASP E 31 17.84 -7.23 -47.30
C ASP E 31 19.01 -6.82 -46.40
N LYS E 32 20.08 -6.38 -47.03
CA LYS E 32 21.30 -6.07 -46.30
C LYS E 32 21.11 -4.89 -45.34
N ILE E 33 20.46 -3.83 -45.79
CA ILE E 33 20.25 -2.69 -44.90
C ILE E 33 19.38 -3.08 -43.71
N LYS E 34 18.46 -4.01 -43.94
CA LYS E 34 17.61 -4.46 -42.85
C LYS E 34 18.41 -5.29 -41.87
N THR E 35 19.34 -6.10 -42.39
CA THR E 35 20.23 -6.85 -41.52
C THR E 35 21.04 -5.88 -40.64
N LEU E 36 21.49 -4.79 -41.24
CA LEU E 36 22.26 -3.78 -40.52
C LEU E 36 21.46 -3.22 -39.36
N LEU E 37 20.21 -2.86 -39.64
CA LEU E 37 19.34 -2.29 -38.63
C LEU E 37 19.17 -3.30 -37.50
N GLN E 38 18.86 -4.53 -37.87
CA GLN E 38 18.63 -5.60 -36.90
C GLN E 38 19.86 -5.88 -36.00
N TYR E 39 21.02 -6.03 -36.62
CA TYR E 39 22.17 -6.56 -35.94
C TYR E 39 23.05 -5.53 -35.26
N SER E 40 22.58 -4.28 -35.18
CA SER E 40 23.30 -3.26 -34.45
C SER E 40 23.44 -3.65 -32.97
N PRO E 41 24.57 -3.30 -32.35
CA PRO E 41 24.67 -3.51 -30.92
C PRO E 41 23.78 -2.55 -30.14
N SER E 42 23.58 -2.83 -28.87
CA SER E 42 22.87 -1.91 -28.02
C SER E 42 23.13 -2.36 -26.60
N SER E 43 23.02 -1.45 -25.65
CA SER E 43 23.34 -1.79 -24.27
C SER E 43 22.51 -3.01 -23.80
N THR E 44 23.20 -4.02 -23.29
CA THR E 44 22.63 -5.31 -22.87
C THR E 44 21.86 -6.04 -23.98
N ASN E 45 22.12 -5.63 -25.23
CA ASN E 45 21.38 -6.18 -26.34
C ASN E 45 19.90 -5.90 -26.14
N SER E 46 19.60 -4.75 -25.56
CA SER E 46 18.20 -4.45 -25.22
C SER E 46 17.35 -4.07 -26.45
N GLN E 47 18.00 -3.66 -27.54
CA GLN E 47 17.32 -3.40 -28.83
C GLN E 47 16.01 -2.59 -28.68
N PRO E 48 16.08 -1.41 -28.05
CA PRO E 48 14.86 -0.72 -27.65
C PRO E 48 14.34 0.12 -28.80
N TRP E 49 13.99 -0.53 -29.90
CA TRP E 49 13.77 0.20 -31.12
C TRP E 49 12.74 -0.38 -32.10
N HIS E 50 12.29 0.46 -33.02
CA HIS E 50 11.48 0.03 -34.13
C HIS E 50 11.95 0.74 -35.38
N PHE E 51 11.69 0.13 -36.54
CA PHE E 51 12.10 0.71 -37.81
C PHE E 51 10.95 0.76 -38.80
N ILE E 52 10.71 1.96 -39.36
CA ILE E 52 9.90 2.08 -40.56
C ILE E 52 10.86 2.12 -41.74
N VAL E 53 10.67 1.21 -42.68
CA VAL E 53 11.42 1.26 -43.93
C VAL E 53 10.49 1.50 -45.08
N ALA E 54 10.54 2.70 -45.64
CA ALA E 54 9.66 3.12 -46.75
C ALA E 54 10.37 2.98 -48.09
N SER E 55 9.79 2.18 -48.98
CA SER E 55 10.38 1.98 -50.30
C SER E 55 9.40 2.27 -51.44
N THR E 56 8.12 2.45 -51.12
CA THR E 56 7.11 2.75 -52.13
C THR E 56 6.82 4.25 -52.14
N GLU E 57 6.35 4.78 -53.28
CA GLU E 57 6.07 6.22 -53.34
C GLU E 57 5.01 6.61 -52.32
N GLU E 58 4.03 5.74 -52.15
CA GLU E 58 2.99 5.94 -51.12
C GLU E 58 3.62 5.93 -49.73
N GLY E 59 4.52 4.98 -49.48
CA GLY E 59 5.24 4.90 -48.22
C GLY E 59 6.03 6.15 -47.87
N LYS E 60 6.90 6.55 -48.79
CA LYS E 60 7.74 7.74 -48.58
C LYS E 60 6.95 9.03 -48.45
N ALA E 61 5.83 9.13 -49.18
CA ALA E 61 4.97 10.31 -49.06
C ALA E 61 4.47 10.46 -47.63
N ARG E 62 4.06 9.35 -47.04
CA ARG E 62 3.67 9.32 -45.63
C ARG E 62 4.77 9.81 -44.68
N VAL E 63 6.00 9.34 -44.89
CA VAL E 63 7.14 9.80 -44.09
C VAL E 63 7.48 11.27 -44.39
N ALA E 64 7.36 11.66 -45.65
CA ALA E 64 7.71 13.02 -46.06
C ALA E 64 6.79 14.07 -45.46
N LYS E 65 5.55 13.69 -45.11
CA LYS E 65 4.68 14.61 -44.38
C LYS E 65 5.37 15.25 -43.17
N SER E 66 6.30 14.52 -42.56
CA SER E 66 6.99 15.00 -41.37
C SER E 66 7.85 16.19 -41.67
N ALA E 67 8.16 16.37 -42.95
CA ALA E 67 8.95 17.51 -43.38
C ALA E 67 8.05 18.68 -43.84
N ALA E 68 7.58 19.46 -42.86
CA ALA E 68 6.76 20.62 -43.16
C ALA E 68 7.25 21.80 -42.33
N GLY E 69 6.69 22.97 -42.60
CA GLY E 69 7.09 24.18 -41.90
C GLY E 69 8.55 24.48 -42.13
N ASN E 70 9.32 24.48 -41.04
CA ASN E 70 10.74 24.81 -41.14
C ASN E 70 11.51 23.83 -42.02
N TYR E 71 10.99 22.63 -42.16
CA TYR E 71 11.78 21.55 -42.74
C TYR E 71 11.28 21.06 -44.09
N THR E 72 10.50 21.88 -44.80
CA THR E 72 10.01 21.45 -46.10
C THR E 72 11.19 21.14 -47.05
N PHE E 73 12.34 21.74 -46.81
CA PHE E 73 13.49 21.46 -47.65
C PHE E 73 13.95 20.00 -47.60
N ASN E 74 13.55 19.26 -46.56
CA ASN E 74 13.90 17.85 -46.45
C ASN E 74 12.95 16.90 -47.16
N GLU E 75 11.85 17.43 -47.68
CA GLU E 75 10.87 16.58 -48.36
C GLU E 75 11.41 15.82 -49.60
N ARG E 76 12.16 16.51 -50.46
CA ARG E 76 12.62 15.91 -51.72
C ARG E 76 13.59 14.75 -51.48
N LYS E 77 14.40 14.84 -50.43
CA LYS E 77 15.28 13.74 -50.06
C LYS E 77 14.44 12.49 -49.78
N LEU E 79 11.52 11.81 -50.63
CA LEU E 79 10.73 11.37 -51.76
C LEU E 79 11.59 10.72 -52.83
N ASP E 80 12.78 11.29 -53.04
CA ASP E 80 13.63 10.84 -54.13
C ASP E 80 14.40 9.60 -53.81
N ALA E 81 14.67 9.36 -52.53
CA ALA E 81 15.57 8.26 -52.18
C ALA E 81 14.89 6.94 -52.48
N SER E 82 15.70 5.91 -52.63
CA SER E 82 15.19 4.58 -52.88
C SER E 82 14.46 4.07 -51.64
N HIS E 83 15.16 4.09 -50.51
CA HIS E 83 14.61 3.62 -49.24
C HIS E 83 14.77 4.66 -48.15
N VAL E 84 13.69 4.93 -47.43
CA VAL E 84 13.77 5.87 -46.31
C VAL E 84 13.59 5.12 -45.00
N VAL E 85 14.57 5.23 -44.10
CA VAL E 85 14.47 4.56 -42.81
C VAL E 85 14.15 5.54 -41.68
N VAL E 86 13.12 5.20 -40.90
CA VAL E 86 12.81 5.94 -39.69
C VAL E 86 13.25 5.15 -38.46
N PHE E 87 14.23 5.71 -37.73
CA PHE E 87 14.67 5.10 -36.49
C PHE E 87 13.78 5.55 -35.35
N CYS E 88 13.11 4.60 -34.68
CA CYS E 88 12.27 4.90 -33.52
C CYS E 88 12.74 4.18 -32.25
N ALA E 89 12.73 4.93 -31.14
CA ALA E 89 13.03 4.39 -29.81
C ALA E 89 11.73 4.06 -29.09
N LYS E 90 11.76 3.05 -28.20
CA LYS E 90 10.61 2.76 -27.33
C LYS E 90 10.38 3.96 -26.41
N THR E 91 9.15 4.11 -25.90
CA THR E 91 8.90 5.24 -25.02
C THR E 91 9.02 4.89 -23.54
N ALA E 92 9.09 3.60 -23.22
CA ALA E 92 9.46 3.16 -21.87
C ALA E 92 10.08 1.79 -21.93
N ASP E 94 9.66 -1.43 -20.65
CA ASP E 94 8.68 -2.26 -19.98
C ASP E 94 9.19 -3.66 -19.76
N ASP E 95 8.73 -4.29 -18.68
CA ASP E 95 9.10 -5.66 -18.35
C ASP E 95 8.89 -6.61 -19.49
N ALA E 96 7.74 -6.54 -20.18
CA ALA E 96 7.50 -7.44 -21.34
C ALA E 96 8.66 -7.47 -22.35
N TRP E 97 9.28 -6.31 -22.57
CA TRP E 97 10.36 -6.21 -23.56
C TRP E 97 11.62 -6.92 -23.09
N LEU E 98 11.97 -6.68 -21.82
CA LEU E 98 13.09 -7.33 -21.18
C LEU E 98 12.91 -8.84 -21.26
N GLU E 99 11.69 -9.32 -21.05
CA GLU E 99 11.40 -10.75 -21.12
C GLU E 99 11.57 -11.24 -22.56
N ARG E 100 11.06 -10.46 -23.50
CA ARG E 100 11.15 -10.80 -24.91
C ARG E 100 12.61 -10.99 -25.37
N VAL E 101 13.47 -10.06 -24.96
CA VAL E 101 14.87 -10.09 -25.36
C VAL E 101 15.57 -11.34 -24.85
N VAL E 102 15.44 -11.66 -23.56
CA VAL E 102 16.13 -12.80 -23.00
C VAL E 102 15.55 -14.12 -23.52
N ASP E 103 14.25 -14.17 -23.73
CA ASP E 103 13.64 -15.35 -24.35
C ASP E 103 14.21 -15.55 -25.75
N GLN E 104 14.36 -14.46 -26.50
CA GLN E 104 14.96 -14.57 -27.81
C GLN E 104 16.38 -15.08 -27.73
N GLU E 105 17.19 -14.52 -26.82
CA GLU E 105 18.56 -15.00 -26.67
C GLU E 105 18.58 -16.49 -26.31
N ASP E 106 17.58 -16.92 -25.54
CA ASP E 106 17.52 -18.31 -25.15
C ASP E 106 17.19 -19.17 -26.38
N ALA E 107 16.21 -18.71 -27.16
CA ALA E 107 15.86 -19.43 -28.38
C ALA E 107 17.05 -19.50 -29.33
N ASP E 108 17.95 -18.53 -29.26
CA ASP E 108 19.04 -18.49 -30.24
C ASP E 108 20.22 -19.33 -29.77
N GLY E 109 20.10 -19.90 -28.58
CA GLY E 109 21.07 -20.88 -28.09
C GLY E 109 22.22 -20.27 -27.33
N ARG E 110 22.02 -19.09 -26.77
CA ARG E 110 23.09 -18.38 -26.09
C ARG E 110 23.37 -18.85 -24.67
N PHE E 111 22.45 -19.58 -24.08
CA PHE E 111 22.56 -19.99 -22.67
C PHE E 111 22.66 -21.50 -22.54
N ALA E 112 23.69 -21.96 -21.85
CA ALA E 112 23.98 -23.37 -21.69
C ALA E 112 23.11 -24.00 -20.62
N THR E 113 22.69 -23.18 -19.66
CA THR E 113 21.98 -23.68 -18.49
C THR E 113 20.90 -22.73 -18.06
N PRO E 114 19.91 -23.23 -17.32
CA PRO E 114 18.92 -22.38 -16.67
C PRO E 114 19.59 -21.24 -15.88
N GLU E 115 20.62 -21.55 -15.10
CA GLU E 115 21.33 -20.47 -14.40
C GLU E 115 21.80 -19.41 -15.38
N ALA E 116 22.43 -19.83 -16.47
CA ALA E 116 22.92 -18.85 -17.44
C ALA E 116 21.81 -17.91 -17.90
N LYS E 117 20.65 -18.46 -18.23
CA LYS E 117 19.54 -17.63 -18.70
C LYS E 117 19.14 -16.61 -17.62
N ALA E 118 18.90 -17.10 -16.42
CA ALA E 118 18.48 -16.26 -15.33
C ALA E 118 19.56 -15.23 -14.96
N ALA E 119 20.83 -15.63 -15.05
CA ALA E 119 21.92 -14.69 -14.78
C ALA E 119 21.89 -13.54 -15.77
N ASN E 120 21.68 -13.87 -17.04
CA ASN E 120 21.66 -12.85 -18.08
C ASN E 120 20.48 -11.89 -17.88
N ASP E 121 19.32 -12.46 -17.53
CA ASP E 121 18.10 -11.70 -17.25
C ASP E 121 18.36 -10.71 -16.11
N LYS E 122 18.82 -11.22 -14.97
CA LYS E 122 19.13 -10.38 -13.83
C LYS E 122 20.09 -9.29 -14.20
N GLY E 123 21.11 -9.64 -14.98
CA GLY E 123 22.15 -8.67 -15.35
C GLY E 123 21.59 -7.57 -16.23
N ARG E 124 20.68 -7.91 -17.11
CA ARG E 124 20.06 -6.90 -17.95
C ARG E 124 19.23 -5.94 -17.09
N ARG E 125 18.52 -6.50 -16.11
CA ARG E 125 17.67 -5.69 -15.22
C ARG E 125 18.51 -4.80 -14.29
N PHE E 126 19.67 -5.29 -13.88
CA PHE E 126 20.62 -4.45 -13.16
C PHE E 126 20.69 -3.09 -13.86
N PHE E 127 21.02 -3.11 -15.15
CA PHE E 127 21.10 -1.88 -15.92
C PHE E 127 19.74 -1.23 -16.16
N ALA E 128 18.75 -2.03 -16.53
CA ALA E 128 17.45 -1.47 -16.85
C ALA E 128 16.89 -0.70 -15.65
N ASP E 129 17.06 -1.25 -14.45
CA ASP E 129 16.49 -0.61 -13.28
C ASP E 129 17.27 0.62 -12.85
N HIS E 131 18.29 2.64 -14.75
CA HIS E 131 17.70 3.69 -15.57
C HIS E 131 16.27 4.02 -15.23
N ARG E 132 15.43 3.01 -15.13
CA ARG E 132 14.01 3.29 -14.97
C ARG E 132 13.60 3.45 -13.52
N VAL E 133 14.47 3.03 -12.59
CA VAL E 133 14.17 3.19 -11.18
C VAL E 133 15.03 4.27 -10.54
N SER E 134 16.34 4.05 -10.46
CA SER E 134 17.22 5.02 -9.82
C SER E 134 17.25 6.35 -10.55
N LEU E 135 17.81 6.38 -11.75
CA LEU E 135 18.00 7.64 -12.47
C LEU E 135 16.72 8.14 -13.12
N LYS E 136 15.75 7.27 -13.29
CA LYS E 136 14.53 7.65 -13.99
C LYS E 136 14.84 8.30 -15.35
N ASP E 137 15.70 7.67 -16.15
CA ASP E 137 16.09 8.23 -17.44
C ASP E 137 16.06 7.21 -18.60
N ASP E 138 15.21 6.19 -18.51
CA ASP E 138 15.21 5.15 -19.54
C ASP E 138 14.83 5.65 -20.94
N HIS E 139 13.98 6.66 -20.99
CA HIS E 139 13.62 7.29 -22.26
C HIS E 139 14.87 7.75 -23.00
N GLN E 140 15.77 8.46 -22.32
CA GLN E 140 16.96 8.96 -22.99
C GLN E 140 17.86 7.79 -23.31
N TRP E 141 17.93 6.84 -22.38
CA TRP E 141 18.83 5.72 -22.45
C TRP E 141 18.56 4.91 -23.73
N ALA E 143 16.85 6.03 -26.35
CA ALA E 143 17.06 6.85 -27.51
C ALA E 143 18.56 6.91 -27.85
N LYS E 144 19.42 6.85 -26.84
CA LYS E 144 20.84 6.73 -27.15
C LYS E 144 21.15 5.45 -27.94
N GLN E 145 20.58 4.32 -27.52
CA GLN E 145 20.87 3.07 -28.25
C GLN E 145 20.51 3.24 -29.72
N VAL E 146 19.42 3.95 -29.97
CA VAL E 146 18.96 4.13 -31.33
C VAL E 146 19.98 4.94 -32.13
N TYR E 147 20.50 6.00 -31.54
CA TYR E 147 21.51 6.76 -32.22
C TYR E 147 22.73 5.89 -32.49
N LEU E 148 23.02 4.99 -31.56
CA LEU E 148 24.13 4.06 -31.76
C LEU E 148 23.82 3.26 -33.02
N ASN E 149 22.57 2.84 -33.15
CA ASN E 149 22.17 2.07 -34.30
C ASN E 149 22.37 2.89 -35.59
N VAL E 150 22.03 4.18 -35.51
CA VAL E 150 22.19 5.10 -36.64
C VAL E 150 23.66 5.22 -37.06
N GLY E 151 24.58 5.26 -36.11
CA GLY E 151 26.00 5.41 -36.43
C GLY E 151 26.57 4.18 -37.10
N ASN E 152 26.20 3.02 -36.55
CA ASN E 152 26.42 1.74 -37.20
C ASN E 152 25.84 1.74 -38.62
N PHE E 153 24.65 2.30 -38.79
CA PHE E 153 23.95 2.21 -40.07
C PHE E 153 24.57 3.12 -41.13
N LEU E 154 24.86 4.35 -40.76
CA LEU E 154 25.42 5.27 -41.73
C LEU E 154 26.74 4.74 -42.31
N LEU E 155 27.53 4.11 -41.47
CA LEU E 155 28.83 3.65 -41.89
C LEU E 155 28.66 2.37 -42.68
N GLY E 156 27.66 1.59 -42.29
CA GLY E 156 27.38 0.35 -42.98
C GLY E 156 26.93 0.58 -44.42
N VAL E 157 25.94 1.45 -44.62
CA VAL E 157 25.43 1.65 -45.95
C VAL E 157 26.50 2.33 -46.80
N ALA E 158 27.31 3.17 -46.18
CA ALA E 158 28.43 3.78 -46.89
C ALA E 158 29.35 2.69 -47.40
N ALA E 159 29.54 1.65 -46.62
CA ALA E 159 30.44 0.56 -47.02
C ALA E 159 29.84 -0.28 -48.15
N GLY E 161 28.39 0.99 -50.59
CA GLY E 161 28.47 1.83 -51.77
C GLY E 161 27.28 2.75 -51.94
N LEU E 162 26.46 2.86 -50.89
CA LEU E 162 25.22 3.62 -50.95
C LEU E 162 25.39 5.00 -50.32
N ASP E 163 24.53 5.92 -50.76
CA ASP E 163 24.51 7.28 -50.23
C ASP E 163 23.34 7.43 -49.28
N ALA E 164 23.45 8.40 -48.38
CA ALA E 164 22.49 8.55 -47.31
C ALA E 164 22.72 9.85 -46.58
N VAL E 165 21.81 10.15 -45.66
CA VAL E 165 21.91 11.34 -44.85
C VAL E 165 21.04 11.14 -43.62
N PRO E 166 21.54 11.51 -42.45
CA PRO E 166 20.71 11.43 -41.25
C PRO E 166 19.94 12.72 -41.02
N ILE E 167 18.59 12.63 -41.01
CA ILE E 167 17.73 13.79 -40.85
C ILE E 167 17.17 13.91 -39.44
N GLU E 168 17.51 15.00 -38.77
CA GLU E 168 16.86 15.34 -37.51
C GLU E 168 15.83 16.42 -37.81
N GLY E 169 15.93 17.04 -38.98
CA GLY E 169 15.05 18.15 -39.35
C GLY E 169 13.72 17.63 -39.86
N PHE E 170 12.87 17.15 -38.95
CA PHE E 170 11.50 16.77 -39.28
C PHE E 170 10.66 16.91 -38.02
N ASP E 171 9.34 16.93 -38.19
CA ASP E 171 8.42 17.00 -37.06
C ASP E 171 8.14 15.57 -36.55
N ALA E 172 8.64 15.25 -35.36
CA ALA E 172 8.46 13.92 -34.82
C ALA E 172 6.99 13.65 -34.51
N GLU E 173 6.33 14.61 -33.87
CA GLU E 173 4.91 14.50 -33.57
C GLU E 173 4.06 14.18 -34.80
N VAL E 174 4.34 14.85 -35.90
CA VAL E 174 3.65 14.53 -37.12
C VAL E 174 3.98 13.10 -37.57
N LEU E 175 5.27 12.76 -37.61
CA LEU E 175 5.66 11.43 -38.08
C LEU E 175 5.09 10.35 -37.19
N ASP E 176 5.16 10.56 -35.87
CA ASP E 176 4.58 9.61 -34.92
C ASP E 176 3.12 9.36 -35.26
N ALA E 177 2.36 10.45 -35.35
CA ALA E 177 0.91 10.36 -35.54
C ALA E 177 0.60 9.65 -36.85
N GLU E 178 1.37 9.96 -37.88
CA GLU E 178 1.10 9.40 -39.19
C GLU E 178 1.18 7.87 -39.17
N PHE E 179 1.88 7.32 -38.19
CA PHE E 179 2.10 5.88 -38.11
C PHE E 179 1.54 5.23 -36.84
N GLY E 180 0.86 6.03 -36.02
CA GLY E 180 0.29 5.53 -34.77
C GLY E 180 1.35 4.89 -33.90
N LEU E 181 2.45 5.63 -33.69
CA LEU E 181 3.59 5.13 -32.94
C LEU E 181 3.43 5.28 -31.42
N LYS E 182 2.85 6.38 -30.97
CA LYS E 182 2.71 6.61 -29.54
C LYS E 182 1.96 5.47 -28.87
N GLU E 183 0.89 5.02 -29.52
CA GLU E 183 0.05 3.97 -29.00
C GLU E 183 0.79 2.64 -29.09
N LYS E 184 1.61 2.49 -30.12
CA LYS E 184 2.40 1.28 -30.31
C LYS E 184 3.59 1.22 -29.32
N GLY E 185 3.94 2.36 -28.75
CA GLY E 185 4.99 2.41 -27.76
C GLY E 185 6.31 2.92 -28.30
N TYR E 186 6.26 3.66 -29.39
CA TYR E 186 7.48 4.19 -29.99
C TYR E 186 7.42 5.68 -30.31
N THR E 187 8.58 6.23 -30.67
CA THR E 187 8.63 7.58 -31.18
C THR E 187 9.80 7.69 -32.12
N SER E 188 9.65 8.51 -33.16
CA SER E 188 10.65 8.62 -34.22
C SER E 188 11.76 9.57 -33.80
N LEU E 189 12.97 9.33 -34.27
CA LEU E 189 14.11 10.12 -33.80
C LEU E 189 14.96 10.65 -34.95
N VAL E 190 15.21 9.81 -35.93
CA VAL E 190 16.05 10.18 -37.07
C VAL E 190 15.48 9.54 -38.32
N VAL E 191 15.50 10.27 -39.42
CA VAL E 191 15.13 9.69 -40.70
C VAL E 191 16.35 9.60 -41.59
N VAL E 192 16.54 8.43 -42.19
CA VAL E 192 17.68 8.24 -43.06
C VAL E 192 17.26 7.77 -44.44
N PRO E 193 17.13 8.73 -45.36
CA PRO E 193 16.98 8.37 -46.77
C PRO E 193 18.24 7.67 -47.19
N VAL E 194 18.09 6.62 -48.00
CA VAL E 194 19.21 5.85 -48.51
C VAL E 194 18.99 5.61 -50.00
N GLY E 195 20.05 5.71 -50.79
CA GLY E 195 19.96 5.43 -52.20
C GLY E 195 21.22 5.81 -52.94
N HIS E 196 21.07 6.53 -54.06
CA HIS E 196 22.24 6.99 -54.81
C HIS E 196 22.13 8.46 -55.11
N HIS E 197 23.23 9.19 -54.98
CA HIS E 197 23.19 10.62 -55.17
C HIS E 197 22.93 11.01 -56.63
N SER E 198 22.31 12.17 -56.79
CA SER E 198 22.09 12.79 -58.08
C SER E 198 23.34 13.51 -58.58
N VAL E 199 23.48 13.65 -59.90
CA VAL E 199 24.63 14.38 -60.44
C VAL E 199 24.67 15.81 -59.91
N GLU E 200 23.53 16.31 -59.46
CA GLU E 200 23.45 17.66 -58.92
C GLU E 200 23.53 17.71 -57.39
N ASP E 201 24.06 16.67 -56.77
CA ASP E 201 24.28 16.68 -55.32
C ASP E 201 25.46 17.59 -55.03
N PHE E 202 25.16 18.78 -54.54
CA PHE E 202 26.21 19.75 -54.27
C PHE E 202 27.27 19.20 -53.32
N ASN E 203 26.82 18.69 -52.18
CA ASN E 203 27.71 18.25 -51.13
C ASN E 203 28.76 17.23 -51.59
N ALA E 204 28.49 16.55 -52.69
CA ALA E 204 29.41 15.54 -53.22
C ALA E 204 30.70 16.13 -53.78
N GLY E 205 30.68 17.41 -54.07
CA GLY E 205 31.87 18.08 -54.60
C GLY E 205 32.59 18.95 -53.57
N LEU E 206 32.23 18.79 -52.29
CA LEU E 206 32.88 19.52 -51.20
C LEU E 206 33.80 18.61 -50.39
N PRO E 207 34.86 19.20 -49.81
CA PRO E 207 35.77 18.48 -48.91
C PRO E 207 35.10 18.16 -47.58
N LYS E 208 35.44 17.03 -46.95
CA LYS E 208 34.99 16.77 -45.58
C LYS E 208 35.65 17.80 -44.70
N SER E 209 34.94 18.25 -43.67
CA SER E 209 35.57 19.07 -42.65
C SER E 209 35.34 18.45 -41.27
N ARG E 210 36.43 18.24 -40.52
CA ARG E 210 36.36 17.85 -39.12
C ARG E 210 37.36 18.64 -38.29
N LEU E 211 37.08 18.85 -37.01
CA LEU E 211 38.04 19.55 -36.13
C LEU E 211 39.32 18.73 -36.01
N PRO E 212 40.46 19.41 -35.79
CA PRO E 212 41.68 18.61 -35.65
C PRO E 212 41.71 17.82 -34.32
N LEU E 213 42.42 16.69 -34.32
CA LEU E 213 42.56 15.85 -33.15
C LEU E 213 43.19 16.60 -31.98
N GLU E 214 44.11 17.51 -32.26
CA GLU E 214 44.73 18.32 -31.21
C GLU E 214 43.66 18.98 -30.35
N THR E 215 42.48 19.19 -30.91
CA THR E 215 41.35 19.75 -30.16
C THR E 215 40.50 18.68 -29.48
N THR E 216 40.25 17.57 -30.17
CA THR E 216 39.17 16.66 -29.77
C THR E 216 39.64 15.40 -29.04
N LEU E 217 40.93 15.08 -29.17
CA LEU E 217 41.47 13.86 -28.61
C LEU E 217 42.53 14.11 -27.55
N THR E 218 42.47 13.35 -26.47
CA THR E 218 43.54 13.32 -25.47
C THR E 218 44.12 11.91 -25.43
N GLU E 219 45.44 11.80 -25.49
CA GLU E 219 46.10 10.50 -25.40
C GLU E 219 46.78 10.31 -24.02
N VAL E 220 46.62 9.15 -23.43
CA VAL E 220 47.28 8.83 -22.15
C VAL E 220 47.77 7.40 -22.07
N ASN F 2 32.62 0.71 -51.84
CA ASN F 2 32.32 0.39 -53.27
C ASN F 2 31.36 -0.80 -53.42
N ALA F 3 31.46 -1.72 -52.46
CA ALA F 3 30.72 -2.97 -52.41
C ALA F 3 31.55 -3.92 -51.57
N ASP F 5 32.08 -6.21 -48.03
CA ASP F 5 31.18 -7.12 -47.30
C ASP F 5 31.03 -6.72 -45.84
N ILE F 6 30.26 -5.67 -45.60
CA ILE F 6 30.18 -5.09 -44.27
C ILE F 6 29.24 -5.86 -43.38
N VAL F 7 28.21 -6.45 -43.99
CA VAL F 7 27.27 -7.26 -43.22
C VAL F 7 27.96 -8.43 -42.55
N SER F 8 28.91 -9.05 -43.25
CA SER F 8 29.68 -10.13 -42.64
C SER F 8 30.35 -9.61 -41.38
N VAL F 9 30.86 -8.40 -41.43
CA VAL F 9 31.49 -7.80 -40.26
C VAL F 9 30.42 -7.63 -39.17
N ALA F 10 29.27 -7.12 -39.56
CA ALA F 10 28.17 -6.89 -38.64
C ALA F 10 27.78 -8.18 -37.95
N LEU F 11 27.83 -9.28 -38.69
CA LEU F 11 27.39 -10.57 -38.17
C LEU F 11 28.47 -11.30 -37.37
N GLN F 12 29.70 -10.82 -37.42
CA GLN F 12 30.78 -11.48 -36.70
C GLN F 12 31.16 -10.73 -35.42
N ARG F 13 30.97 -9.41 -35.41
CA ARG F 13 31.32 -8.63 -34.23
C ARG F 13 30.44 -9.02 -33.05
N TYR F 14 30.96 -8.81 -31.84
CA TYR F 14 30.26 -9.16 -30.62
C TYR F 14 30.82 -8.31 -29.48
N SER F 15 30.17 -8.31 -28.33
CA SER F 15 30.69 -7.55 -27.18
C SER F 15 31.66 -8.43 -26.44
N THR F 16 32.94 -8.15 -26.67
CA THR F 16 34.02 -8.85 -26.03
C THR F 16 33.83 -8.87 -24.54
N LYS F 17 34.00 -10.04 -23.93
CA LYS F 17 33.91 -10.20 -22.49
C LYS F 17 35.30 -10.33 -21.83
N ALA F 18 36.32 -10.71 -22.60
CA ALA F 18 37.68 -10.79 -22.07
C ALA F 18 38.71 -10.47 -23.13
N PHE F 19 39.63 -9.59 -22.82
CA PHE F 19 40.66 -9.19 -23.77
C PHE F 19 41.98 -9.87 -23.46
N ASP F 20 42.80 -10.09 -24.49
CA ASP F 20 44.13 -10.67 -24.34
C ASP F 20 45.09 -9.56 -24.02
N PRO F 21 45.68 -9.59 -22.82
CA PRO F 21 46.50 -8.44 -22.42
C PRO F 21 47.84 -8.36 -23.13
N SER F 22 48.20 -9.37 -23.91
CA SER F 22 49.47 -9.34 -24.64
C SER F 22 49.33 -8.83 -26.08
N LYS F 23 48.10 -8.56 -26.50
CA LYS F 23 47.88 -8.12 -27.87
C LYS F 23 47.59 -6.63 -28.00
N LYS F 24 48.37 -5.95 -28.84
CA LYS F 24 48.27 -4.51 -28.96
C LYS F 24 47.89 -4.14 -30.37
N LEU F 25 47.26 -2.99 -30.51
CA LEU F 25 47.04 -2.42 -31.82
C LEU F 25 48.39 -2.01 -32.39
N THR F 26 48.58 -2.24 -33.68
CA THR F 26 49.75 -1.69 -34.39
C THR F 26 49.61 -0.18 -34.43
N ALA F 27 50.71 0.52 -34.67
CA ALA F 27 50.67 1.98 -34.74
C ALA F 27 49.70 2.48 -35.82
N GLU F 28 49.57 1.71 -36.89
CA GLU F 28 48.67 2.08 -37.98
C GLU F 28 47.21 1.89 -37.57
N GLU F 29 46.94 0.78 -36.88
CA GLU F 29 45.62 0.53 -36.33
C GLU F 29 45.23 1.65 -35.38
N ALA F 30 46.19 2.10 -34.58
CA ALA F 30 45.94 3.14 -33.60
C ALA F 30 45.70 4.50 -34.26
N ASP F 31 46.35 4.78 -35.39
CA ASP F 31 46.04 6.00 -36.16
C ASP F 31 44.64 5.92 -36.73
N LYS F 32 44.30 4.75 -37.26
CA LYS F 32 43.01 4.55 -37.92
C LYS F 32 41.83 4.80 -36.98
N ILE F 33 41.91 4.27 -35.78
CA ILE F 33 40.78 4.39 -34.88
C ILE F 33 40.60 5.84 -34.49
N LYS F 34 41.69 6.60 -34.44
CA LYS F 34 41.52 8.02 -34.17
C LYS F 34 40.76 8.68 -35.33
N THR F 35 41.14 8.33 -36.56
CA THR F 35 40.41 8.81 -37.73
C THR F 35 38.93 8.46 -37.64
N LEU F 36 38.62 7.25 -37.22
CA LEU F 36 37.22 6.83 -37.05
C LEU F 36 36.47 7.75 -36.10
N LEU F 37 37.06 8.01 -34.95
CA LEU F 37 36.49 8.94 -33.99
C LEU F 37 36.25 10.31 -34.59
N GLN F 38 37.26 10.81 -35.31
CA GLN F 38 37.23 12.14 -35.87
C GLN F 38 36.18 12.32 -36.95
N TYR F 39 36.07 11.34 -37.83
CA TYR F 39 35.28 11.51 -39.03
C TYR F 39 33.84 11.07 -38.90
N SER F 40 33.42 10.79 -37.67
CA SER F 40 32.02 10.44 -37.45
C SER F 40 31.13 11.61 -37.90
N PRO F 41 29.99 11.31 -38.51
CA PRO F 41 29.06 12.41 -38.74
C PRO F 41 28.41 12.87 -37.43
N SER F 42 27.80 14.05 -37.44
CA SER F 42 27.06 14.54 -36.30
C SER F 42 26.08 15.60 -36.76
N SER F 43 24.99 15.79 -36.03
CA SER F 43 23.98 16.77 -36.43
C SER F 43 24.64 18.13 -36.71
N THR F 44 24.43 18.64 -37.93
CA THR F 44 25.03 19.88 -38.41
C THR F 44 26.57 19.88 -38.29
N ASN F 45 27.17 18.70 -38.21
CA ASN F 45 28.60 18.60 -38.05
C ASN F 45 29.10 19.35 -36.81
N SER F 46 28.24 19.48 -35.80
CA SER F 46 28.58 20.22 -34.59
C SER F 46 29.64 19.54 -33.73
N GLN F 47 29.89 18.26 -34.00
CA GLN F 47 30.94 17.50 -33.35
C GLN F 47 31.07 17.81 -31.85
N PRO F 48 29.99 17.58 -31.08
CA PRO F 48 29.94 18.01 -29.69
C PRO F 48 30.68 17.06 -28.75
N TRP F 49 31.96 16.81 -28.98
CA TRP F 49 32.63 15.72 -28.28
C TRP F 49 34.10 15.86 -28.00
N HIS F 50 34.58 15.01 -27.09
CA HIS F 50 35.99 14.84 -26.85
C HIS F 50 36.26 13.36 -26.67
N PHE F 51 37.48 12.93 -26.96
CA PHE F 51 37.86 11.53 -26.79
C PHE F 51 39.14 11.42 -25.97
N ILE F 52 39.13 10.48 -25.02
CA ILE F 52 40.35 10.11 -24.32
C ILE F 52 40.66 8.72 -24.81
N VAL F 53 41.89 8.54 -25.31
CA VAL F 53 42.34 7.24 -25.73
C VAL F 53 43.49 6.78 -24.85
N ALA F 54 43.21 5.83 -23.96
CA ALA F 54 44.20 5.27 -23.07
C ALA F 54 44.84 4.05 -23.71
N SER F 55 46.18 4.08 -23.83
CA SER F 55 46.92 2.98 -24.42
C SER F 55 48.12 2.55 -23.57
N THR F 56 48.42 3.29 -22.50
CA THR F 56 49.51 2.91 -21.61
C THR F 56 48.95 2.21 -20.39
N GLU F 57 49.83 1.54 -19.66
CA GLU F 57 49.43 0.94 -18.40
C GLU F 57 48.87 2.02 -17.48
N GLU F 58 49.58 3.13 -17.33
CA GLU F 58 49.18 4.16 -16.37
C GLU F 58 47.88 4.79 -16.81
N GLY F 59 47.76 5.02 -18.12
CA GLY F 59 46.57 5.68 -18.68
C GLY F 59 45.31 4.84 -18.50
N LYS F 60 45.40 3.56 -18.84
CA LYS F 60 44.30 2.64 -18.67
C LYS F 60 43.89 2.50 -17.20
N ALA F 61 44.86 2.53 -16.30
CA ALA F 61 44.55 2.43 -14.87
C ALA F 61 43.75 3.65 -14.40
N ARG F 62 44.09 4.83 -14.92
CA ARG F 62 43.30 6.01 -14.61
C ARG F 62 41.86 5.85 -15.08
N VAL F 63 41.67 5.31 -16.28
CA VAL F 63 40.30 5.14 -16.76
C VAL F 63 39.62 4.10 -15.92
N ALA F 64 40.36 3.05 -15.61
CA ALA F 64 39.85 1.93 -14.81
C ALA F 64 39.39 2.30 -13.40
N LYS F 65 39.87 3.43 -12.87
CA LYS F 65 39.37 3.89 -11.58
C LYS F 65 37.84 4.03 -11.61
N SER F 66 37.28 4.28 -12.80
CA SER F 66 35.85 4.51 -12.91
C SER F 66 35.06 3.21 -12.82
N ALA F 67 35.76 2.09 -12.84
CA ALA F 67 35.14 0.78 -12.70
C ALA F 67 35.25 0.27 -11.28
N ALA F 68 35.95 0.99 -10.42
CA ALA F 68 35.96 0.62 -9.01
C ALA F 68 34.55 0.85 -8.46
N GLY F 69 34.25 0.24 -7.33
CA GLY F 69 32.93 0.42 -6.76
C GLY F 69 31.95 -0.58 -7.36
N ASN F 70 30.86 -0.08 -7.92
CA ASN F 70 29.81 -0.98 -8.35
C ASN F 70 30.08 -1.69 -9.68
N TYR F 71 31.18 -1.35 -10.35
CA TYR F 71 31.38 -1.80 -11.72
C TYR F 71 32.63 -2.65 -11.91
N THR F 72 33.11 -3.26 -10.84
CA THR F 72 34.33 -4.03 -10.90
C THR F 72 34.28 -5.19 -11.90
N PHE F 73 33.09 -5.65 -12.24
CA PHE F 73 32.99 -6.65 -13.29
C PHE F 73 33.47 -6.13 -14.66
N ASN F 74 33.66 -4.83 -14.80
CA ASN F 74 34.14 -4.25 -16.06
C ASN F 74 35.62 -3.92 -15.97
N GLU F 75 36.19 -4.06 -14.79
CA GLU F 75 37.56 -3.63 -14.58
C GLU F 75 38.57 -4.32 -15.49
N ARG F 76 38.44 -5.64 -15.65
CA ARG F 76 39.42 -6.38 -16.42
C ARG F 76 39.43 -5.99 -17.89
N LYS F 77 38.25 -5.81 -18.48
CA LYS F 77 38.19 -5.34 -19.87
C LYS F 77 38.99 -4.04 -20.03
N LEU F 79 41.47 -2.90 -18.29
CA LEU F 79 42.88 -3.05 -18.00
C LEU F 79 43.57 -3.91 -19.04
N ASP F 80 42.87 -4.94 -19.55
CA ASP F 80 43.50 -5.89 -20.44
C ASP F 80 43.47 -5.48 -21.90
N ALA F 81 42.55 -4.60 -22.29
CA ALA F 81 42.48 -4.22 -23.70
C ALA F 81 43.69 -3.38 -24.07
N SER F 82 43.93 -3.25 -25.37
CA SER F 82 45.08 -2.48 -25.86
C SER F 82 44.87 -0.98 -25.70
N HIS F 83 43.79 -0.49 -26.33
CA HIS F 83 43.43 0.92 -26.30
C HIS F 83 42.02 1.05 -25.76
N VAL F 84 41.84 2.00 -24.85
CA VAL F 84 40.55 2.23 -24.23
C VAL F 84 40.08 3.63 -24.57
N VAL F 85 38.91 3.74 -25.20
CA VAL F 85 38.47 5.04 -25.65
C VAL F 85 37.32 5.50 -24.78
N VAL F 86 37.47 6.69 -24.21
CA VAL F 86 36.37 7.30 -23.47
C VAL F 86 35.71 8.34 -24.36
N PHE F 87 34.42 8.16 -24.61
CA PHE F 87 33.65 9.11 -25.41
C PHE F 87 33.04 10.13 -24.48
N CYS F 88 33.26 11.41 -24.77
CA CYS F 88 32.70 12.45 -23.93
C CYS F 88 31.90 13.44 -24.75
N ALA F 89 30.79 13.89 -24.17
CA ALA F 89 29.96 14.93 -24.78
C ALA F 89 30.29 16.29 -24.15
N LYS F 90 30.06 17.36 -24.91
CA LYS F 90 30.15 18.69 -24.32
C LYS F 90 28.98 18.91 -23.38
N THR F 91 29.23 19.63 -22.29
CA THR F 91 28.16 19.94 -21.35
C THR F 91 27.27 21.08 -21.84
N ALA F 92 27.76 21.87 -22.79
CA ALA F 92 26.99 22.97 -23.33
C ALA F 92 27.45 23.33 -24.72
N ASP F 94 28.35 26.07 -26.76
CA ASP F 94 28.69 27.48 -26.62
C ASP F 94 28.93 28.16 -27.97
N ASP F 95 28.64 29.46 -28.04
CA ASP F 95 28.91 30.27 -29.24
CA ASP F 95 28.86 30.20 -29.27
C ASP F 95 30.32 30.03 -29.74
N ALA F 96 31.25 29.93 -28.79
CA ALA F 96 32.64 29.69 -29.16
C ALA F 96 32.80 28.43 -30.02
N TRP F 97 32.12 27.35 -29.63
CA TRP F 97 32.21 26.08 -30.33
C TRP F 97 31.53 26.19 -31.70
N LEU F 98 30.35 26.80 -31.72
CA LEU F 98 29.63 27.04 -32.97
C LEU F 98 30.50 27.80 -33.96
N GLU F 99 31.30 28.72 -33.45
CA GLU F 99 32.19 29.52 -34.28
C GLU F 99 33.36 28.68 -34.80
N ARG F 100 33.97 27.91 -33.90
CA ARG F 100 35.10 27.04 -34.22
C ARG F 100 34.76 26.02 -35.32
N VAL F 101 33.53 25.52 -35.28
CA VAL F 101 33.11 24.53 -36.25
C VAL F 101 33.05 25.15 -37.63
N VAL F 102 32.28 26.22 -37.75
CA VAL F 102 32.11 26.89 -39.03
C VAL F 102 33.42 27.42 -39.57
N ASP F 103 34.26 27.99 -38.70
CA ASP F 103 35.57 28.46 -39.15
C ASP F 103 36.40 27.32 -39.71
N GLN F 104 36.27 26.14 -39.13
CA GLN F 104 37.04 24.99 -39.58
C GLN F 104 36.50 24.51 -40.93
N GLU F 105 35.18 24.49 -41.09
CA GLU F 105 34.62 24.18 -42.40
C GLU F 105 35.13 25.19 -43.44
N ASP F 106 35.22 26.46 -43.03
CA ASP F 106 35.75 27.48 -43.90
C ASP F 106 37.23 27.23 -44.22
N ALA F 107 38.01 26.87 -43.23
CA ALA F 107 39.42 26.55 -43.47
C ALA F 107 39.56 25.33 -44.37
N ASP F 108 38.56 24.46 -44.32
CA ASP F 108 38.63 23.24 -45.12
C ASP F 108 38.08 23.51 -46.50
N GLY F 109 37.59 24.73 -46.70
CA GLY F 109 37.24 25.22 -48.03
C GLY F 109 35.91 24.74 -48.52
N ARG F 110 34.93 24.71 -47.64
CA ARG F 110 33.61 24.24 -48.00
C ARG F 110 32.70 25.40 -48.43
N PHE F 111 33.21 26.62 -48.25
CA PHE F 111 32.42 27.82 -48.54
C PHE F 111 33.02 28.65 -49.68
N ALA F 112 32.29 28.73 -50.80
CA ALA F 112 32.75 29.49 -51.96
C ALA F 112 32.73 31.01 -51.72
N THR F 113 31.76 31.48 -50.94
CA THR F 113 31.61 32.89 -50.66
C THR F 113 31.26 33.15 -49.20
N PRO F 114 31.53 34.35 -48.71
CA PRO F 114 31.10 34.67 -47.35
C PRO F 114 29.60 34.45 -47.18
N GLU F 115 28.85 34.58 -48.28
CA GLU F 115 27.41 34.35 -48.27
C GLU F 115 27.11 32.90 -47.85
N ALA F 116 27.84 31.96 -48.45
CA ALA F 116 27.65 30.55 -48.17
C ALA F 116 27.95 30.24 -46.71
N LYS F 117 29.07 30.74 -46.23
CA LYS F 117 29.49 30.51 -44.86
C LYS F 117 28.43 31.03 -43.91
N ALA F 118 27.95 32.24 -44.15
CA ALA F 118 27.05 32.89 -43.21
C ALA F 118 25.72 32.16 -43.11
N ALA F 119 25.28 31.58 -44.23
CA ALA F 119 24.03 30.83 -44.28
C ALA F 119 24.17 29.53 -43.50
N ASN F 120 25.28 28.84 -43.71
CA ASN F 120 25.57 27.63 -42.99
C ASN F 120 25.60 27.87 -41.48
N ASP F 121 26.35 28.89 -41.07
CA ASP F 121 26.41 29.31 -39.68
C ASP F 121 25.03 29.67 -39.13
N LYS F 122 24.16 30.19 -39.99
CA LYS F 122 22.82 30.57 -39.53
C LYS F 122 21.99 29.31 -39.31
N GLY F 123 21.94 28.46 -40.33
CA GLY F 123 21.27 27.17 -40.25
C GLY F 123 21.64 26.39 -38.98
N ARG F 124 22.94 26.27 -38.72
CA ARG F 124 23.43 25.53 -37.55
C ARG F 124 22.96 26.17 -36.25
N ARG F 125 23.11 27.49 -36.15
CA ARG F 125 22.69 28.22 -34.96
C ARG F 125 21.18 28.12 -34.75
N PHE F 126 20.43 28.10 -35.85
CA PHE F 126 19.01 27.87 -35.72
C PHE F 126 18.85 26.61 -34.89
N PHE F 127 19.34 25.49 -35.42
CA PHE F 127 19.22 24.19 -34.76
C PHE F 127 19.73 24.21 -33.34
N ALA F 128 20.93 24.73 -33.15
CA ALA F 128 21.48 24.82 -31.81
C ALA F 128 20.54 25.55 -30.86
N ASP F 129 20.09 26.74 -31.24
CA ASP F 129 19.22 27.55 -30.37
C ASP F 129 17.95 26.81 -30.02
N HIS F 131 17.59 23.79 -29.52
CA HIS F 131 17.85 22.82 -28.47
C HIS F 131 18.21 23.49 -27.14
N ARG F 132 19.14 24.44 -27.16
CA ARG F 132 19.56 25.08 -25.92
C ARG F 132 18.49 25.99 -25.32
N VAL F 133 17.60 26.50 -26.16
CA VAL F 133 16.65 27.52 -25.75
C VAL F 133 15.18 27.06 -25.85
N SER F 134 14.74 26.70 -27.04
CA SER F 134 13.36 26.30 -27.20
C SER F 134 13.02 25.00 -26.47
N LEU F 135 13.78 23.93 -26.72
CA LEU F 135 13.45 22.63 -26.11
C LEU F 135 14.18 22.37 -24.80
N LYS F 136 15.29 23.07 -24.58
CA LYS F 136 16.10 22.84 -23.38
C LYS F 136 16.56 21.37 -23.29
N ASP F 137 17.01 20.82 -24.41
CA ASP F 137 17.47 19.45 -24.43
C ASP F 137 18.88 19.33 -25.04
N ASP F 138 19.63 20.41 -25.03
CA ASP F 138 20.92 20.37 -25.72
C ASP F 138 21.92 19.35 -25.14
N HIS F 139 21.80 19.01 -23.86
CA HIS F 139 22.64 17.95 -23.30
C HIS F 139 22.33 16.61 -23.96
N GLN F 140 21.05 16.25 -24.01
CA GLN F 140 20.65 14.98 -24.58
C GLN F 140 20.99 15.01 -26.05
N TRP F 141 20.76 16.15 -26.67
CA TRP F 141 20.97 16.30 -28.10
C TRP F 141 22.40 15.96 -28.43
N ALA F 143 24.56 14.33 -26.46
CA ALA F 143 24.86 12.97 -26.03
C ALA F 143 24.46 11.97 -27.13
N LYS F 144 23.33 12.25 -27.79
CA LYS F 144 22.93 11.42 -28.91
C LYS F 144 23.98 11.40 -30.03
N GLN F 145 24.66 12.52 -30.27
CA GLN F 145 25.66 12.54 -31.33
C GLN F 145 26.85 11.68 -30.93
N VAL F 146 27.21 11.70 -29.65
CA VAL F 146 28.30 10.90 -29.15
C VAL F 146 28.01 9.42 -29.35
N TYR F 147 26.78 9.02 -29.07
CA TYR F 147 26.36 7.65 -29.32
C TYR F 147 26.42 7.27 -30.80
N LEU F 148 25.95 8.16 -31.66
CA LEU F 148 26.07 7.95 -33.08
C LEU F 148 27.52 7.61 -33.38
N ASN F 149 28.42 8.39 -32.80
CA ASN F 149 29.84 8.21 -33.05
C ASN F 149 30.25 6.82 -32.55
N VAL F 150 29.77 6.45 -31.36
CA VAL F 150 30.06 5.14 -30.79
C VAL F 150 29.65 4.04 -31.74
N GLY F 151 28.47 4.17 -32.32
CA GLY F 151 27.92 3.15 -33.18
C GLY F 151 28.77 3.03 -34.43
N ASN F 152 29.21 4.16 -34.92
CA ASN F 152 30.05 4.17 -36.09
C ASN F 152 31.41 3.52 -35.76
N PHE F 153 31.92 3.80 -34.57
CA PHE F 153 33.19 3.27 -34.13
C PHE F 153 33.19 1.75 -33.99
N LEU F 154 32.13 1.22 -33.41
CA LEU F 154 32.12 -0.19 -33.10
C LEU F 154 32.15 -1.02 -34.38
N LEU F 155 31.42 -0.56 -35.38
CA LEU F 155 31.48 -1.22 -36.67
C LEU F 155 32.83 -0.91 -37.32
N GLY F 156 33.23 0.35 -37.26
CA GLY F 156 34.53 0.70 -37.80
C GLY F 156 35.59 -0.27 -37.33
N VAL F 157 35.77 -0.41 -36.02
CA VAL F 157 36.90 -1.21 -35.52
C VAL F 157 36.73 -2.70 -35.79
N ALA F 158 35.49 -3.19 -35.74
CA ALA F 158 35.21 -4.58 -36.12
C ALA F 158 35.67 -4.83 -37.56
N ALA F 159 35.36 -3.88 -38.45
CA ALA F 159 35.81 -3.98 -39.83
C ALA F 159 37.35 -4.04 -39.96
N GLY F 161 39.14 -5.65 -38.01
CA GLY F 161 39.52 -6.94 -37.46
C GLY F 161 39.77 -6.88 -35.97
N LEU F 162 39.42 -5.75 -35.35
CA LEU F 162 39.64 -5.55 -33.91
C LEU F 162 38.40 -5.92 -33.08
N ASP F 163 38.61 -6.26 -31.81
CA ASP F 163 37.54 -6.56 -30.88
C ASP F 163 37.25 -5.35 -30.02
N ALA F 164 35.98 -5.21 -29.62
CA ALA F 164 35.58 -4.06 -28.81
C ALA F 164 34.38 -4.40 -27.99
N VAL F 165 34.07 -3.52 -27.04
CA VAL F 165 32.87 -3.65 -26.24
C VAL F 165 32.52 -2.28 -25.70
N PRO F 166 31.28 -1.86 -25.88
CA PRO F 166 30.81 -0.59 -25.34
C PRO F 166 30.47 -0.78 -23.86
N ILE F 167 30.95 0.13 -23.01
CA ILE F 167 30.66 0.06 -21.60
C ILE F 167 29.94 1.29 -21.05
N GLU F 168 28.77 1.05 -20.47
CA GLU F 168 28.04 2.08 -19.73
C GLU F 168 28.24 1.91 -18.22
N GLY F 169 28.61 0.71 -17.80
CA GLY F 169 28.74 0.45 -16.39
C GLY F 169 30.06 0.98 -15.89
N PHE F 170 30.15 2.30 -15.73
CA PHE F 170 31.28 2.89 -15.02
C PHE F 170 30.75 4.10 -14.31
N ASP F 171 31.59 4.70 -13.47
CA ASP F 171 31.18 5.85 -12.70
C ASP F 171 31.73 7.10 -13.40
N ALA F 172 30.83 7.81 -14.07
CA ALA F 172 31.19 8.97 -14.86
C ALA F 172 31.69 10.11 -13.97
N GLU F 173 31.08 10.26 -12.80
CA GLU F 173 31.58 11.25 -11.87
C GLU F 173 33.05 11.00 -11.57
N VAL F 174 33.43 9.77 -11.25
CA VAL F 174 34.84 9.48 -10.96
C VAL F 174 35.69 9.71 -12.19
N LEU F 175 35.21 9.23 -13.34
CA LEU F 175 35.97 9.33 -14.57
C LEU F 175 36.17 10.79 -14.96
N ASP F 176 35.10 11.58 -14.87
CA ASP F 176 35.20 13.00 -15.09
C ASP F 176 36.25 13.61 -14.16
N ALA F 177 36.12 13.32 -12.86
CA ALA F 177 37.01 13.91 -11.89
C ALA F 177 38.47 13.59 -12.22
N GLU F 178 38.73 12.38 -12.69
CA GLU F 178 40.11 11.93 -12.88
C GLU F 178 40.76 12.62 -14.08
N PHE F 179 39.93 13.20 -14.95
CA PHE F 179 40.49 13.88 -16.11
C PHE F 179 40.13 15.36 -16.13
N GLY F 180 39.58 15.85 -15.03
CA GLY F 180 39.14 17.24 -14.93
C GLY F 180 38.22 17.63 -16.07
N LEU F 181 37.29 16.75 -16.39
CA LEU F 181 36.47 16.98 -17.57
C LEU F 181 35.51 18.15 -17.40
N LYS F 182 35.01 18.34 -16.19
CA LYS F 182 33.94 19.31 -15.95
C LYS F 182 34.36 20.73 -16.27
N GLU F 183 35.57 21.08 -15.86
CA GLU F 183 36.11 22.41 -16.06
C GLU F 183 36.39 22.58 -17.54
N LYS F 184 36.75 21.48 -18.21
CA LYS F 184 36.97 21.52 -19.66
C LYS F 184 35.66 21.57 -20.46
N GLY F 185 34.53 21.38 -19.79
CA GLY F 185 33.25 21.45 -20.49
C GLY F 185 32.83 20.14 -21.13
N TYR F 186 33.35 19.02 -20.63
CA TYR F 186 32.93 17.72 -21.13
C TYR F 186 32.44 16.81 -20.01
N THR F 187 31.64 15.82 -20.37
CA THR F 187 31.32 14.75 -19.44
C THR F 187 31.45 13.40 -20.14
N SER F 188 31.93 12.40 -19.41
CA SER F 188 32.15 11.08 -20.00
C SER F 188 30.86 10.27 -20.07
N LEU F 189 30.68 9.53 -21.15
CA LEU F 189 29.40 8.88 -21.44
C LEU F 189 29.54 7.39 -21.73
N VAL F 190 30.57 7.00 -22.49
CA VAL F 190 30.75 5.59 -22.84
C VAL F 190 32.23 5.28 -22.90
N VAL F 191 32.60 4.09 -22.40
CA VAL F 191 33.99 3.63 -22.45
C VAL F 191 34.04 2.44 -23.38
N VAL F 192 34.95 2.46 -24.35
CA VAL F 192 35.07 1.37 -25.29
C VAL F 192 36.51 0.86 -25.34
N PRO F 193 36.78 -0.24 -24.63
CA PRO F 193 38.05 -0.93 -24.76
C PRO F 193 38.13 -1.63 -26.12
N VAL F 194 39.30 -1.55 -26.74
CA VAL F 194 39.55 -2.08 -28.06
C VAL F 194 40.81 -2.93 -28.00
N GLY F 195 40.84 -4.03 -28.74
CA GLY F 195 42.01 -4.91 -28.74
C GLY F 195 41.65 -6.19 -29.44
N HIS F 196 42.13 -7.31 -28.89
CA HIS F 196 41.74 -8.62 -29.42
C HIS F 196 41.30 -9.47 -28.26
N HIS F 197 40.24 -10.25 -28.46
CA HIS F 197 39.73 -11.06 -27.37
C HIS F 197 40.69 -12.17 -27.06
N SER F 198 40.64 -12.67 -25.85
CA SER F 198 41.42 -13.83 -25.47
C SER F 198 40.69 -15.14 -25.80
N VAL F 199 41.48 -16.20 -25.94
CA VAL F 199 41.02 -17.57 -26.17
C VAL F 199 39.93 -17.97 -25.19
N GLU F 200 39.96 -17.40 -23.99
CA GLU F 200 39.01 -17.77 -22.95
C GLU F 200 37.63 -17.14 -23.13
N ASP F 201 37.52 -16.12 -23.97
CA ASP F 201 36.25 -15.49 -24.23
C ASP F 201 35.40 -16.38 -25.13
N PHE F 202 34.78 -17.36 -24.50
CA PHE F 202 33.88 -18.32 -25.14
C PHE F 202 32.79 -17.59 -25.91
N ASN F 203 32.44 -16.38 -25.48
CA ASN F 203 31.36 -15.61 -26.10
C ASN F 203 31.61 -15.27 -27.57
N ALA F 204 32.87 -15.33 -27.99
CA ALA F 204 33.20 -14.97 -29.36
C ALA F 204 32.55 -15.91 -30.37
N GLY F 205 32.25 -17.13 -29.96
CA GLY F 205 31.79 -18.14 -30.90
C GLY F 205 30.33 -18.52 -30.70
N LEU F 206 29.64 -17.82 -29.81
CA LEU F 206 28.22 -18.03 -29.58
C LEU F 206 27.40 -17.47 -30.73
N PRO F 207 26.23 -18.05 -30.98
CA PRO F 207 25.37 -17.52 -32.02
C PRO F 207 24.93 -16.11 -31.63
N LYS F 208 24.77 -15.24 -32.62
CA LYS F 208 24.26 -13.90 -32.37
C LYS F 208 22.76 -13.93 -32.15
N SER F 209 22.25 -13.05 -31.29
CA SER F 209 20.81 -12.99 -31.06
C SER F 209 20.23 -11.61 -31.23
N ARG F 210 19.19 -11.52 -32.03
CA ARG F 210 18.45 -10.29 -32.23
C ARG F 210 17.01 -10.67 -32.40
N LEU F 211 16.12 -9.74 -32.05
CA LEU F 211 14.70 -9.94 -32.25
C LEU F 211 14.43 -10.06 -33.74
N PRO F 212 13.36 -10.77 -34.09
CA PRO F 212 13.00 -10.94 -35.51
C PRO F 212 12.47 -9.63 -36.11
N LEU F 213 12.64 -9.45 -37.41
CA LEU F 213 12.16 -8.26 -38.08
C LEU F 213 10.65 -8.16 -38.00
N GLU F 214 10.00 -9.30 -37.88
CA GLU F 214 8.54 -9.29 -37.76
C GLU F 214 8.14 -8.40 -36.60
N THR F 215 8.97 -8.33 -35.57
CA THR F 215 8.70 -7.50 -34.41
C THR F 215 9.21 -6.06 -34.59
N THR F 216 10.39 -5.91 -35.16
CA THR F 216 11.09 -4.61 -35.08
C THR F 216 10.97 -3.70 -36.33
N LEU F 217 10.52 -4.27 -37.45
CA LEU F 217 10.48 -3.54 -38.71
C LEU F 217 9.09 -3.48 -39.33
N THR F 218 8.66 -2.28 -39.68
CA THR F 218 7.48 -2.09 -40.51
C THR F 218 7.90 -1.65 -41.92
N GLU F 219 7.49 -2.41 -42.94
CA GLU F 219 7.75 -2.05 -44.33
C GLU F 219 6.54 -1.39 -44.98
N VAL F 220 6.69 -0.16 -45.46
CA VAL F 220 5.63 0.47 -46.24
C VAL F 220 6.11 1.03 -47.58
N ALA G 3 11.69 15.63 -15.04
CA ALA G 3 12.27 15.10 -13.75
C ALA G 3 11.42 15.54 -12.55
N ASP G 5 10.54 16.95 -9.51
CA ASP G 5 10.82 17.80 -8.35
C ASP G 5 9.67 18.77 -8.20
N ILE G 6 8.74 18.44 -7.31
CA ILE G 6 7.48 19.16 -7.26
C ILE G 6 7.60 20.53 -6.58
N VAL G 7 8.57 20.70 -5.69
CA VAL G 7 8.75 22.01 -5.08
C VAL G 7 9.18 23.01 -6.16
N SER G 8 9.99 22.54 -7.08
CA SER G 8 10.42 23.37 -8.19
C SER G 8 9.18 23.84 -8.96
N VAL G 9 8.24 22.93 -9.18
CA VAL G 9 6.97 23.31 -9.82
C VAL G 9 6.25 24.38 -9.00
N ALA G 10 6.22 24.21 -7.68
CA ALA G 10 5.47 25.13 -6.83
C ALA G 10 5.99 26.54 -6.95
N LEU G 11 7.32 26.65 -7.04
CA LEU G 11 7.99 27.93 -7.03
C LEU G 11 7.97 28.61 -8.41
N GLN G 12 7.69 27.83 -9.45
CA GLN G 12 7.67 28.32 -10.83
C GLN G 12 6.26 28.67 -11.32
N ARG G 13 5.23 28.00 -10.81
CA ARG G 13 3.85 28.27 -11.24
C ARG G 13 3.38 29.64 -10.72
N TYR G 14 2.33 30.17 -11.32
CA TYR G 14 1.84 31.52 -11.01
C TYR G 14 0.50 31.67 -11.73
N SER G 15 -0.25 32.71 -11.39
CA SER G 15 -1.53 32.97 -12.03
C SER G 15 -1.35 33.67 -13.38
N THR G 16 -1.72 33.00 -14.46
CA THR G 16 -1.66 33.62 -15.77
C THR G 16 -2.83 34.57 -16.04
N LYS G 17 -2.54 35.79 -16.49
CA LYS G 17 -3.58 36.78 -16.77
C LYS G 17 -3.90 36.83 -18.26
N ALA G 18 -2.92 36.50 -19.10
CA ALA G 18 -3.14 36.58 -20.54
C ALA G 18 -2.79 35.28 -21.23
N PHE G 19 -3.78 34.71 -21.91
CA PHE G 19 -3.59 33.44 -22.61
C PHE G 19 -3.42 33.61 -24.12
N ASP G 20 -2.59 32.75 -24.69
CA ASP G 20 -2.42 32.68 -26.13
C ASP G 20 -3.52 31.82 -26.70
N PRO G 21 -4.48 32.44 -27.41
CA PRO G 21 -5.64 31.71 -27.93
C PRO G 21 -5.29 30.74 -29.04
N SER G 22 -4.03 30.75 -29.48
CA SER G 22 -3.60 29.88 -30.57
C SER G 22 -2.92 28.61 -30.07
N LYS G 23 -2.69 28.55 -28.76
CA LYS G 23 -2.04 27.40 -28.16
C LYS G 23 -3.05 26.53 -27.39
N LYS G 24 -3.37 25.37 -27.95
CA LYS G 24 -4.36 24.48 -27.34
C LYS G 24 -3.70 23.34 -26.58
N LEU G 25 -4.45 22.66 -25.72
CA LEU G 25 -3.99 21.43 -25.09
C LEU G 25 -3.99 20.28 -26.11
N THR G 26 -3.02 19.39 -26.02
CA THR G 26 -3.08 18.15 -26.82
C THR G 26 -4.28 17.34 -26.38
N ALA G 27 -4.66 16.37 -27.20
CA ALA G 27 -5.80 15.50 -26.87
C ALA G 27 -5.46 14.71 -25.61
N GLU G 28 -4.18 14.38 -25.45
CA GLU G 28 -3.73 13.63 -24.31
C GLU G 28 -3.71 14.49 -23.06
N GLU G 29 -3.42 15.77 -23.22
CA GLU G 29 -3.38 16.67 -22.06
C GLU G 29 -4.79 16.96 -21.58
N ALA G 30 -5.73 17.02 -22.53
CA ALA G 30 -7.13 17.22 -22.20
C ALA G 30 -7.64 16.07 -21.35
N ASP G 31 -7.25 14.84 -21.69
CA ASP G 31 -7.65 13.66 -20.94
C ASP G 31 -7.05 13.71 -19.55
N LYS G 32 -5.76 14.02 -19.49
CA LYS G 32 -5.07 14.10 -18.24
C LYS G 32 -5.73 15.08 -17.25
N ILE G 33 -6.14 16.26 -17.71
CA ILE G 33 -6.67 17.22 -16.75
C ILE G 33 -8.00 16.72 -16.22
N LYS G 34 -8.72 16.02 -17.08
CA LYS G 34 -9.93 15.37 -16.67
C LYS G 34 -9.60 14.34 -15.58
N THR G 35 -8.48 13.64 -15.73
CA THR G 35 -8.11 12.65 -14.75
C THR G 35 -7.76 13.30 -13.43
N LEU G 36 -7.12 14.46 -13.48
CA LEU G 36 -6.83 15.19 -12.27
C LEU G 36 -8.10 15.56 -11.53
N LEU G 37 -9.10 16.05 -12.24
CA LEU G 37 -10.35 16.44 -11.61
C LEU G 37 -10.97 15.25 -10.92
N GLN G 38 -10.95 14.11 -11.59
CA GLN G 38 -11.63 12.93 -11.15
C GLN G 38 -10.98 12.31 -9.92
N TYR G 39 -9.65 12.26 -9.90
CA TYR G 39 -8.93 11.48 -8.90
C TYR G 39 -8.43 12.31 -7.75
N SER G 40 -8.89 13.56 -7.68
CA SER G 40 -8.65 14.36 -6.48
C SER G 40 -9.20 13.64 -5.25
N PRO G 41 -8.50 13.77 -4.11
CA PRO G 41 -9.03 13.32 -2.84
C PRO G 41 -10.17 14.19 -2.33
N SER G 42 -10.96 13.66 -1.40
CA SER G 42 -12.05 14.39 -0.74
C SER G 42 -12.44 13.63 0.52
N SER G 43 -13.01 14.36 1.48
CA SER G 43 -13.48 13.74 2.72
C SER G 43 -14.34 12.51 2.44
N THR G 44 -13.90 11.38 2.99
CA THR G 44 -14.59 10.08 2.89
C THR G 44 -14.74 9.65 1.45
N ASN G 45 -14.00 10.32 0.57
CA ASN G 45 -14.12 10.10 -0.87
C ASN G 45 -15.53 10.41 -1.36
N SER G 46 -16.16 11.38 -0.71
CA SER G 46 -17.53 11.76 -1.02
C SER G 46 -17.67 12.44 -2.38
N GLN G 47 -16.57 12.97 -2.90
CA GLN G 47 -16.58 13.48 -4.29
C GLN G 47 -17.78 14.39 -4.60
N PRO G 48 -18.03 15.39 -3.76
CA PRO G 48 -19.28 16.15 -3.83
C PRO G 48 -19.28 17.21 -4.91
N TRP G 49 -18.91 16.86 -6.12
CA TRP G 49 -18.61 17.89 -7.09
C TRP G 49 -19.07 17.56 -8.52
N HIS G 50 -19.13 18.60 -9.35
CA HIS G 50 -19.34 18.42 -10.78
C HIS G 50 -18.42 19.39 -11.52
N PHE G 51 -17.94 18.98 -12.68
CA PHE G 51 -17.04 19.82 -13.46
C PHE G 51 -17.59 20.09 -14.85
N ILE G 52 -17.49 21.35 -15.25
CA ILE G 52 -17.74 21.74 -16.62
C ILE G 52 -16.41 22.09 -17.27
N VAL G 53 -16.08 21.37 -18.35
CA VAL G 53 -14.88 21.67 -19.11
C VAL G 53 -15.25 22.25 -20.48
N ALA G 54 -15.12 23.56 -20.60
CA ALA G 54 -15.43 24.27 -21.84
C ALA G 54 -14.18 24.33 -22.70
N SER G 55 -14.29 23.83 -23.93
CA SER G 55 -13.13 23.85 -24.83
C SER G 55 -13.45 24.40 -26.21
N THR G 56 -14.73 24.61 -26.51
CA THR G 56 -15.14 25.18 -27.78
C THR G 56 -15.37 26.66 -27.59
N GLU G 57 -15.25 27.44 -28.67
CA GLU G 57 -15.53 28.86 -28.60
C GLU G 57 -16.92 29.15 -28.04
N GLU G 58 -17.92 28.43 -28.52
CA GLU G 58 -19.29 28.56 -28.01
CA GLU G 58 -19.26 28.64 -27.98
C GLU G 58 -19.34 28.25 -26.50
N GLY G 59 -18.66 27.18 -26.12
CA GLY G 59 -18.62 26.76 -24.71
C GLY G 59 -18.04 27.81 -23.78
N LYS G 60 -16.80 28.21 -24.05
CA LYS G 60 -16.12 29.20 -23.24
C LYS G 60 -16.92 30.51 -23.13
N ALA G 61 -17.58 30.89 -24.22
CA ALA G 61 -18.35 32.12 -24.23
C ALA G 61 -19.52 32.05 -23.27
N ARG G 62 -20.19 30.89 -23.23
CA ARG G 62 -21.26 30.68 -22.27
C ARG G 62 -20.71 30.85 -20.86
N VAL G 63 -19.55 30.29 -20.60
CA VAL G 63 -18.92 30.45 -19.31
C VAL G 63 -18.59 31.93 -19.10
N ALA G 64 -17.96 32.52 -20.12
CA ALA G 64 -17.49 33.90 -20.08
C ALA G 64 -18.57 34.92 -19.70
N LYS G 65 -19.84 34.55 -19.89
CA LYS G 65 -20.92 35.47 -19.59
C LYS G 65 -20.96 35.80 -18.10
N SER G 66 -20.33 34.96 -17.28
CA SER G 66 -20.36 35.12 -15.84
C SER G 66 -19.38 36.19 -15.44
N ALA G 67 -18.58 36.62 -16.40
CA ALA G 67 -17.59 37.67 -16.19
C ALA G 67 -18.15 38.98 -16.71
N ALA G 68 -19.11 39.55 -15.98
CA ALA G 68 -19.74 40.79 -16.40
C ALA G 68 -19.84 41.75 -15.24
N GLY G 69 -20.12 43.01 -15.52
CA GLY G 69 -20.18 44.01 -14.48
C GLY G 69 -18.82 44.24 -13.84
N ASN G 70 -18.64 43.72 -12.63
CA ASN G 70 -17.40 43.96 -11.89
C ASN G 70 -16.27 43.04 -12.34
N TYR G 71 -16.61 41.95 -13.01
CA TYR G 71 -15.62 40.94 -13.32
C TYR G 71 -15.33 40.89 -14.81
N THR G 72 -15.55 42.01 -15.47
CA THR G 72 -15.34 42.14 -16.91
C THR G 72 -13.88 41.84 -17.33
N PHE G 73 -12.93 42.18 -16.46
CA PHE G 73 -11.52 41.91 -16.73
C PHE G 73 -11.18 40.42 -16.79
N ASN G 74 -12.08 39.56 -16.35
CA ASN G 74 -11.84 38.12 -16.40
C ASN G 74 -12.35 37.45 -17.67
N GLU G 75 -13.13 38.19 -18.46
CA GLU G 75 -13.67 37.66 -19.70
C GLU G 75 -12.59 37.12 -20.63
N ARG G 76 -11.59 37.95 -20.93
CA ARG G 76 -10.53 37.57 -21.86
C ARG G 76 -9.82 36.26 -21.51
N LYS G 77 -9.62 36.03 -20.21
CA LYS G 77 -8.98 34.81 -19.72
C LYS G 77 -9.83 33.60 -20.08
N LEU G 79 -12.02 33.35 -22.43
CA LEU G 79 -12.16 33.15 -23.87
C LEU G 79 -10.85 32.71 -24.52
N ASP G 80 -9.73 33.23 -24.02
CA ASP G 80 -8.48 33.01 -24.73
C ASP G 80 -7.80 31.70 -24.35
N ALA G 81 -8.21 31.11 -23.24
CA ALA G 81 -7.59 29.86 -22.78
C ALA G 81 -8.04 28.70 -23.66
N SER G 82 -7.27 27.63 -23.68
CA SER G 82 -7.64 26.42 -24.40
C SER G 82 -8.85 25.75 -23.73
N HIS G 83 -8.69 25.38 -22.47
CA HIS G 83 -9.76 24.76 -21.71
C HIS G 83 -10.09 25.55 -20.46
N VAL G 84 -11.38 25.71 -20.21
CA VAL G 84 -11.83 26.40 -19.04
C VAL G 84 -12.63 25.45 -18.15
N VAL G 85 -12.13 25.20 -16.95
CA VAL G 85 -12.82 24.31 -16.01
C VAL G 85 -13.68 25.07 -15.02
N VAL G 86 -14.95 24.69 -14.92
CA VAL G 86 -15.80 25.23 -13.87
C VAL G 86 -15.99 24.16 -12.79
N PHE G 87 -15.60 24.51 -11.57
CA PHE G 87 -15.68 23.64 -10.42
C PHE G 87 -16.98 23.90 -9.70
N CYS G 88 -17.76 22.84 -9.48
CA CYS G 88 -19.04 22.98 -8.82
C CYS G 88 -19.19 22.00 -7.67
N ALA G 89 -19.87 22.47 -6.62
CA ALA G 89 -20.17 21.64 -5.47
C ALA G 89 -21.64 21.28 -5.49
N LYS G 90 -21.95 20.14 -4.91
CA LYS G 90 -23.32 19.76 -4.69
C LYS G 90 -23.95 20.78 -3.76
N THR G 91 -25.25 21.02 -3.93
CA THR G 91 -25.96 21.93 -3.05
C THR G 91 -26.44 21.24 -1.78
N ALA G 92 -26.46 19.92 -1.79
CA ALA G 92 -26.82 19.17 -0.58
C ALA G 92 -26.27 17.76 -0.65
N ASP G 94 -27.03 14.32 -0.36
CA ASP G 94 -28.24 13.50 -0.31
C ASP G 94 -27.87 12.03 -0.13
N ASP G 95 -28.81 11.23 0.39
CA ASP G 95 -28.53 9.83 0.66
C ASP G 95 -28.11 9.12 -0.60
N ALA G 96 -28.78 9.43 -1.71
CA ALA G 96 -28.52 8.74 -2.99
C ALA G 96 -27.07 8.89 -3.46
N TRP G 97 -26.44 10.01 -3.14
CA TRP G 97 -25.05 10.23 -3.51
C TRP G 97 -24.12 9.39 -2.63
N LEU G 98 -24.43 9.33 -1.35
CA LEU G 98 -23.66 8.49 -0.45
C LEU G 98 -23.73 7.03 -0.90
N GLU G 99 -24.92 6.58 -1.27
CA GLU G 99 -25.07 5.23 -1.79
C GLU G 99 -24.21 5.05 -3.04
N ARG G 100 -24.27 6.03 -3.95
CA ARG G 100 -23.56 5.94 -5.22
C ARG G 100 -22.05 5.80 -5.03
N VAL G 101 -21.52 6.52 -4.05
CA VAL G 101 -20.10 6.45 -3.80
C VAL G 101 -19.69 5.08 -3.28
N VAL G 102 -20.37 4.58 -2.26
CA VAL G 102 -19.98 3.31 -1.68
C VAL G 102 -20.16 2.18 -2.68
N ASP G 103 -21.26 2.20 -3.43
CA ASP G 103 -21.50 1.19 -4.46
C ASP G 103 -20.37 1.16 -5.49
N GLN G 104 -19.84 2.34 -5.82
CA GLN G 104 -18.75 2.45 -6.78
C GLN G 104 -17.47 1.89 -6.18
N GLU G 105 -17.23 2.20 -4.91
CA GLU G 105 -16.07 1.64 -4.24
C GLU G 105 -16.17 0.11 -4.26
N ASP G 106 -17.40 -0.38 -4.10
CA ASP G 106 -17.64 -1.81 -4.13
C ASP G 106 -17.35 -2.37 -5.53
N ALA G 107 -17.95 -1.77 -6.56
CA ALA G 107 -17.68 -2.19 -7.93
C ALA G 107 -16.18 -2.22 -8.22
N ASP G 108 -15.43 -1.28 -7.63
CA ASP G 108 -14.00 -1.19 -7.88
C ASP G 108 -13.19 -2.20 -7.07
N GLY G 109 -13.83 -2.94 -6.17
CA GLY G 109 -13.16 -4.02 -5.48
C GLY G 109 -12.40 -3.57 -4.23
N ARG G 110 -12.90 -2.53 -3.57
CA ARG G 110 -12.26 -2.07 -2.33
C ARG G 110 -12.74 -2.83 -1.08
N PHE G 111 -13.74 -3.69 -1.24
CA PHE G 111 -14.34 -4.38 -0.08
C PHE G 111 -14.26 -5.92 -0.17
N ALA G 112 -13.51 -6.52 0.76
CA ALA G 112 -13.36 -7.97 0.75
C ALA G 112 -14.65 -8.68 1.13
N THR G 113 -15.49 -8.02 1.91
CA THR G 113 -16.71 -8.66 2.41
C THR G 113 -17.86 -7.69 2.38
N PRO G 114 -19.10 -8.21 2.32
CA PRO G 114 -20.30 -7.39 2.46
C PRO G 114 -20.24 -6.53 3.72
N GLU G 115 -19.65 -7.06 4.78
CA GLU G 115 -19.54 -6.34 6.04
C GLU G 115 -18.62 -5.14 5.92
N ALA G 116 -17.45 -5.34 5.29
CA ALA G 116 -16.53 -4.23 5.06
C ALA G 116 -17.21 -3.08 4.31
N LYS G 117 -18.09 -3.41 3.38
CA LYS G 117 -18.81 -2.40 2.61
C LYS G 117 -19.79 -1.64 3.52
N ALA G 118 -20.53 -2.38 4.33
CA ALA G 118 -21.52 -1.79 5.22
C ALA G 118 -20.83 -0.82 6.17
N ALA G 119 -19.69 -1.23 6.71
CA ALA G 119 -18.92 -0.41 7.62
C ALA G 119 -18.40 0.84 6.92
N ASN G 120 -18.01 0.73 5.66
CA ASN G 120 -17.51 1.90 4.96
C ASN G 120 -18.64 2.89 4.83
N ASP G 121 -19.82 2.36 4.52
CA ASP G 121 -21.04 3.15 4.43
C ASP G 121 -21.35 3.89 5.73
N LYS G 122 -21.38 3.17 6.85
CA LYS G 122 -21.65 3.79 8.15
C LYS G 122 -20.60 4.86 8.45
N GLY G 123 -19.35 4.55 8.11
CA GLY G 123 -18.25 5.47 8.38
C GLY G 123 -18.49 6.78 7.67
N ARG G 124 -18.89 6.69 6.41
CA ARG G 124 -19.15 7.88 5.64
C ARG G 124 -20.34 8.66 6.21
N ARG G 125 -21.44 7.95 6.49
CA ARG G 125 -22.63 8.60 7.02
C ARG G 125 -22.39 9.20 8.41
N PHE G 126 -21.46 8.62 9.17
CA PHE G 126 -21.05 9.22 10.44
C PHE G 126 -20.59 10.65 10.22
N PHE G 127 -19.81 10.85 9.17
CA PHE G 127 -19.27 12.17 8.87
C PHE G 127 -20.32 12.99 8.16
N ALA G 128 -21.03 12.39 7.21
CA ALA G 128 -22.07 13.12 6.50
C ALA G 128 -23.08 13.73 7.48
N ASP G 129 -23.54 12.93 8.44
CA ASP G 129 -24.61 13.37 9.35
C ASP G 129 -24.11 14.43 10.30
N HIS G 131 -22.45 16.76 9.46
CA HIS G 131 -22.65 18.00 8.74
C HIS G 131 -24.11 18.21 8.35
N ARG G 132 -24.77 17.16 7.92
CA ARG G 132 -26.15 17.29 7.47
C ARG G 132 -27.10 17.60 8.63
N VAL G 133 -26.92 16.89 9.73
CA VAL G 133 -27.89 16.91 10.81
C VAL G 133 -27.46 17.79 11.97
N SER G 134 -26.22 17.64 12.40
CA SER G 134 -25.77 18.32 13.59
C SER G 134 -25.34 19.75 13.33
N LEU G 135 -24.23 19.96 12.58
CA LEU G 135 -23.69 21.31 12.29
C LEU G 135 -24.49 22.09 11.26
N LYS G 136 -25.25 21.37 10.45
CA LYS G 136 -26.05 21.98 9.37
C LYS G 136 -25.17 22.75 8.39
N ASP G 137 -23.96 22.27 8.14
CA ASP G 137 -23.04 22.99 7.26
C ASP G 137 -22.51 22.17 6.09
N ASP G 138 -23.35 21.27 5.56
CA ASP G 138 -22.89 20.37 4.51
C ASP G 138 -22.56 21.11 3.23
N HIS G 139 -23.31 22.16 2.94
CA HIS G 139 -23.06 23.03 1.78
C HIS G 139 -21.62 23.53 1.78
N GLN G 140 -21.17 24.04 2.93
CA GLN G 140 -19.82 24.55 3.07
C GLN G 140 -18.80 23.44 3.13
N TRP G 141 -19.20 22.31 3.70
CA TRP G 141 -18.33 21.16 3.79
C TRP G 141 -17.96 20.66 2.41
N ALA G 143 -18.25 22.42 -0.35
CA ALA G 143 -17.55 23.48 -1.02
C ALA G 143 -16.07 23.35 -0.74
N LYS G 144 -15.72 23.02 0.51
CA LYS G 144 -14.32 22.90 0.88
C LYS G 144 -13.64 21.74 0.17
N GLN G 145 -14.39 20.66 -0.05
CA GLN G 145 -13.86 19.52 -0.81
C GLN G 145 -13.54 19.97 -2.22
N VAL G 146 -14.36 20.87 -2.75
CA VAL G 146 -14.14 21.37 -4.11
C VAL G 146 -12.84 22.20 -4.19
N TYR G 147 -12.57 23.01 -3.17
CA TYR G 147 -11.36 23.80 -3.16
C TYR G 147 -10.14 22.90 -3.05
N LEU G 148 -10.25 21.84 -2.26
CA LEU G 148 -9.18 20.86 -2.17
C LEU G 148 -8.89 20.40 -3.60
N ASN G 149 -9.94 20.05 -4.32
CA ASN G 149 -9.78 19.66 -5.71
C ASN G 149 -9.13 20.75 -6.53
N VAL G 150 -9.55 21.99 -6.34
CA VAL G 150 -8.96 23.09 -7.06
C VAL G 150 -7.45 23.14 -6.80
N GLY G 151 -7.08 23.01 -5.53
CA GLY G 151 -5.67 23.05 -5.16
C GLY G 151 -4.89 21.93 -5.81
N ASN G 152 -5.44 20.72 -5.76
CA ASN G 152 -4.83 19.58 -6.41
C ASN G 152 -4.65 19.85 -7.91
N PHE G 153 -5.67 20.46 -8.50
CA PHE G 153 -5.69 20.69 -9.92
C PHE G 153 -4.65 21.72 -10.35
N LEU G 154 -4.56 22.82 -9.62
CA LEU G 154 -3.61 23.86 -9.98
C LEU G 154 -2.20 23.32 -10.01
N LEU G 155 -1.86 22.49 -9.03
CA LEU G 155 -0.51 21.96 -8.93
C LEU G 155 -0.28 20.94 -10.02
N GLY G 156 -1.30 20.14 -10.30
CA GLY G 156 -1.20 19.13 -11.33
C GLY G 156 -0.93 19.72 -12.71
N VAL G 157 -1.73 20.70 -13.12
CA VAL G 157 -1.58 21.25 -14.46
C VAL G 157 -0.24 21.97 -14.60
N ALA G 158 0.21 22.62 -13.53
CA ALA G 158 1.52 23.23 -13.58
C ALA G 158 2.56 22.16 -13.86
N ALA G 159 2.41 21.03 -13.16
CA ALA G 159 3.36 19.93 -13.27
C ALA G 159 3.32 19.35 -14.68
N GLY G 161 3.10 21.30 -17.14
CA GLY G 161 3.65 22.36 -17.97
C GLY G 161 2.61 23.32 -18.51
N LEU G 162 1.38 23.26 -18.00
CA LEU G 162 0.33 24.16 -18.44
C LEU G 162 0.20 25.40 -17.56
N ASP G 163 -0.49 26.41 -18.08
CA ASP G 163 -0.74 27.65 -17.36
C ASP G 163 -2.21 27.76 -17.00
N ALA G 164 -2.48 28.41 -15.89
CA ALA G 164 -3.82 28.44 -15.36
C ALA G 164 -3.96 29.58 -14.37
N VAL G 165 -5.21 29.86 -13.98
CA VAL G 165 -5.49 30.83 -12.94
C VAL G 165 -6.82 30.49 -12.25
N PRO G 166 -6.83 30.54 -10.90
CA PRO G 166 -8.10 30.27 -10.20
C PRO G 166 -8.93 31.53 -10.10
N ILE G 167 -10.09 31.53 -10.72
CA ILE G 167 -10.92 32.72 -10.71
C ILE G 167 -12.14 32.55 -9.84
N GLU G 168 -12.28 33.47 -8.89
CA GLU G 168 -13.46 33.60 -8.06
C GLU G 168 -14.24 34.83 -8.49
N GLY G 169 -13.58 35.72 -9.23
CA GLY G 169 -14.22 36.94 -9.74
C GLY G 169 -15.13 36.66 -10.93
N PHE G 170 -16.30 36.11 -10.65
CA PHE G 170 -17.32 35.85 -11.65
C PHE G 170 -18.65 35.78 -10.93
N ASP G 171 -19.75 35.95 -11.65
CA ASP G 171 -21.09 35.92 -11.05
C ASP G 171 -21.60 34.49 -11.07
N ALA G 172 -21.56 33.85 -9.90
CA ALA G 172 -21.93 32.45 -9.78
C ALA G 172 -23.39 32.19 -10.14
N GLU G 173 -24.29 33.12 -9.78
CA GLU G 173 -25.71 32.98 -10.11
C GLU G 173 -25.87 32.96 -11.62
N VAL G 174 -25.11 33.79 -12.31
CA VAL G 174 -25.21 33.88 -13.75
C VAL G 174 -24.72 32.57 -14.35
N LEU G 175 -23.55 32.14 -13.88
CA LEU G 175 -22.98 30.88 -14.35
C LEU G 175 -23.94 29.72 -14.09
N ASP G 176 -24.48 29.65 -12.88
CA ASP G 176 -25.37 28.53 -12.55
C ASP G 176 -26.57 28.51 -13.51
N ALA G 177 -27.22 29.66 -13.68
CA ALA G 177 -28.36 29.78 -14.60
C ALA G 177 -28.02 29.42 -16.04
N GLU G 178 -26.83 29.83 -16.49
CA GLU G 178 -26.38 29.54 -17.85
C GLU G 178 -26.27 28.03 -18.11
N PHE G 179 -25.99 27.26 -17.05
CA PHE G 179 -25.82 25.83 -17.20
C PHE G 179 -26.87 25.00 -16.47
N GLY G 180 -27.85 25.67 -15.88
CA GLY G 180 -28.98 25.00 -15.25
C GLY G 180 -28.57 24.20 -14.03
N LEU G 181 -27.56 24.70 -13.33
CA LEU G 181 -26.91 23.94 -12.24
C LEU G 181 -27.83 23.72 -11.04
N LYS G 182 -28.50 24.77 -10.58
CA LYS G 182 -29.40 24.68 -9.43
C LYS G 182 -30.33 23.48 -9.52
N GLU G 183 -31.01 23.33 -10.66
CA GLU G 183 -31.93 22.22 -10.85
C GLU G 183 -31.21 20.88 -10.88
N LYS G 184 -30.01 20.85 -11.45
CA LYS G 184 -29.21 19.63 -11.47
C LYS G 184 -28.63 19.32 -10.09
N GLY G 185 -28.63 20.29 -9.19
CA GLY G 185 -28.17 20.09 -7.82
C GLY G 185 -26.77 20.58 -7.50
N TYR G 186 -26.24 21.45 -8.36
CA TYR G 186 -24.88 21.97 -8.17
C TYR G 186 -24.83 23.48 -8.14
N THR G 187 -23.68 24.01 -7.75
CA THR G 187 -23.45 25.43 -7.75
C THR G 187 -21.96 25.63 -8.02
N SER G 188 -21.65 26.63 -8.85
CA SER G 188 -20.29 26.87 -9.30
C SER G 188 -19.50 27.67 -8.28
N LEU G 189 -18.22 27.35 -8.14
CA LEU G 189 -17.44 28.01 -7.11
C LEU G 189 -16.20 28.65 -7.68
N VAL G 190 -15.56 27.98 -8.62
CA VAL G 190 -14.28 28.47 -9.14
C VAL G 190 -14.16 28.14 -10.62
N VAL G 191 -13.66 29.10 -11.39
CA VAL G 191 -13.37 28.90 -12.80
C VAL G 191 -11.85 28.92 -12.97
N VAL G 192 -11.33 27.93 -13.66
CA VAL G 192 -9.90 27.85 -13.89
C VAL G 192 -9.63 27.68 -15.37
N PRO G 193 -9.25 28.78 -16.04
CA PRO G 193 -8.77 28.73 -17.40
C PRO G 193 -7.43 28.02 -17.44
N VAL G 194 -7.22 27.21 -18.46
CA VAL G 194 -6.02 26.42 -18.57
C VAL G 194 -5.56 26.51 -20.01
N GLY G 195 -4.26 26.71 -20.20
CA GLY G 195 -3.68 26.78 -21.52
C GLY G 195 -2.23 27.21 -21.43
N HIS G 196 -1.83 28.12 -22.31
CA HIS G 196 -0.48 28.68 -22.31
C HIS G 196 -0.48 30.21 -22.31
N HIS G 197 0.38 30.80 -21.49
CA HIS G 197 0.46 32.25 -21.38
C HIS G 197 0.90 32.86 -22.71
N SER G 198 0.43 34.06 -23.02
CA SER G 198 0.97 34.77 -24.18
C SER G 198 2.22 35.53 -23.75
N VAL G 199 2.97 36.02 -24.73
CA VAL G 199 4.20 36.77 -24.43
C VAL G 199 3.88 38.10 -23.77
N GLU G 200 2.59 38.44 -23.71
CA GLU G 200 2.17 39.63 -22.99
C GLU G 200 1.47 39.31 -21.67
N ASP G 201 1.80 38.17 -21.08
CA ASP G 201 1.34 37.85 -19.73
C ASP G 201 2.45 38.28 -18.79
N PHE G 202 2.31 39.46 -18.20
CA PHE G 202 3.46 40.02 -17.53
C PHE G 202 3.68 39.46 -16.14
N ASN G 203 2.61 38.98 -15.51
CA ASN G 203 2.74 38.34 -14.21
C ASN G 203 3.81 37.25 -14.31
N ALA G 204 4.08 36.79 -15.52
CA ALA G 204 5.15 35.81 -15.72
C ALA G 204 6.52 36.44 -15.47
N GLY G 205 6.58 37.76 -15.44
CA GLY G 205 7.83 38.49 -15.22
C GLY G 205 8.00 38.98 -13.79
N LEU G 206 6.95 38.84 -12.98
CA LEU G 206 7.02 39.20 -11.57
C LEU G 206 7.54 38.03 -10.74
N PRO G 207 8.19 38.34 -9.62
CA PRO G 207 8.63 37.26 -8.75
C PRO G 207 7.48 36.85 -7.83
N LYS G 208 7.48 35.60 -7.39
CA LYS G 208 6.47 35.13 -6.45
C LYS G 208 6.64 35.84 -5.12
N SER G 209 5.53 36.05 -4.43
CA SER G 209 5.58 36.58 -3.09
C SER G 209 4.67 35.82 -2.13
N ARG G 210 5.27 35.29 -1.06
CA ARG G 210 4.52 34.74 0.08
C ARG G 210 5.06 35.30 1.39
N LEU G 211 4.20 35.33 2.40
CA LEU G 211 4.64 35.69 3.75
C LEU G 211 5.73 34.72 4.21
N PRO G 212 6.63 35.21 5.07
CA PRO G 212 7.72 34.35 5.51
C PRO G 212 7.22 33.31 6.51
N LEU G 213 7.79 32.12 6.45
CA LEU G 213 7.52 31.04 7.42
C LEU G 213 7.58 31.51 8.85
N GLU G 214 8.45 32.48 9.12
CA GLU G 214 8.59 33.08 10.45
C GLU G 214 7.22 33.47 11.00
N THR G 215 6.28 33.78 10.11
CA THR G 215 4.97 34.26 10.51
C THR G 215 3.89 33.17 10.55
N THR G 216 4.00 32.24 9.61
CA THR G 216 2.89 31.39 9.25
C THR G 216 3.08 29.93 9.70
N LEU G 217 4.25 29.64 10.25
CA LEU G 217 4.56 28.26 10.60
C LEU G 217 5.01 28.12 12.03
N THR G 218 4.33 27.26 12.78
CA THR G 218 4.77 26.87 14.11
C THR G 218 5.24 25.42 14.11
N GLU G 219 6.44 25.23 14.64
CA GLU G 219 7.14 23.97 14.58
C GLU G 219 7.22 23.36 15.98
N VAL G 220 6.75 22.12 16.14
CA VAL G 220 6.83 21.45 17.46
C VAL G 220 7.16 19.96 17.40
N SER H 1 16.54 13.68 -17.45
CA SER H 1 15.71 12.51 -17.06
C SER H 1 14.28 12.60 -17.59
N ASN H 2 13.45 11.64 -17.20
CA ASN H 2 12.07 11.51 -17.70
C ASN H 2 11.20 12.72 -17.37
N ALA H 3 10.20 12.98 -18.20
CA ALA H 3 9.23 14.03 -17.91
C ALA H 3 8.52 13.70 -16.61
N ASP H 5 5.60 12.86 -14.47
CA ASP H 5 4.32 12.23 -14.74
C ASP H 5 3.38 12.41 -13.57
N ILE H 6 2.78 13.59 -13.47
CA ILE H 6 1.97 13.95 -12.32
C ILE H 6 0.68 13.13 -12.21
N VAL H 7 0.04 12.86 -13.34
CA VAL H 7 -1.17 12.04 -13.37
C VAL H 7 -0.85 10.66 -12.79
N SER H 8 0.35 10.17 -13.07
CA SER H 8 0.78 8.91 -12.54
C SER H 8 0.76 8.97 -11.02
N VAL H 9 1.17 10.13 -10.47
CA VAL H 9 1.26 10.32 -9.03
C VAL H 9 -0.13 10.44 -8.40
N ALA H 10 -1.03 11.13 -9.08
CA ALA H 10 -2.44 11.20 -8.69
C ALA H 10 -3.05 9.82 -8.59
N LEU H 11 -2.69 8.95 -9.53
CA LEU H 11 -3.22 7.60 -9.57
C LEU H 11 -2.61 6.63 -8.54
N GLN H 12 -1.47 6.99 -7.95
CA GLN H 12 -0.82 6.08 -7.03
C GLN H 12 -1.11 6.43 -5.58
N ARG H 13 -1.25 7.73 -5.28
CA ARG H 13 -1.48 8.18 -3.91
C ARG H 13 -2.85 7.72 -3.40
N TYR H 14 -3.02 7.78 -2.09
CA TYR H 14 -4.24 7.30 -1.45
C TYR H 14 -4.20 7.81 -0.01
N SER H 15 -5.30 7.64 0.71
CA SER H 15 -5.37 8.10 2.10
C SER H 15 -4.80 7.03 3.01
N THR H 16 -3.64 7.31 3.60
CA THR H 16 -2.94 6.32 4.42
C THR H 16 -3.67 6.05 5.73
N LYS H 17 -3.88 4.78 6.06
CA LYS H 17 -4.60 4.45 7.29
C LYS H 17 -3.67 3.97 8.41
N ALA H 18 -2.47 3.56 8.05
CA ALA H 18 -1.50 3.11 9.05
C ALA H 18 -0.13 3.56 8.64
N PHE H 19 0.54 4.25 9.55
CA PHE H 19 1.90 4.72 9.36
C PHE H 19 2.92 3.86 10.11
N ASP H 20 4.12 3.73 9.53
CA ASP H 20 5.23 3.08 10.19
C ASP H 20 6.07 4.15 10.91
N PRO H 21 6.14 4.08 12.24
CA PRO H 21 6.78 5.19 12.93
C PRO H 21 8.30 5.08 12.90
N SER H 22 8.83 4.02 12.27
CA SER H 22 10.26 3.88 12.07
C SER H 22 10.76 4.69 10.87
N LYS H 23 9.86 4.93 9.93
CA LYS H 23 10.21 5.57 8.68
C LYS H 23 9.97 7.08 8.77
N LYS H 24 10.99 7.83 9.16
CA LYS H 24 10.87 9.28 9.33
C LYS H 24 11.13 10.00 8.01
N LEU H 25 10.73 11.28 7.91
CA LEU H 25 11.05 12.08 6.73
C LEU H 25 12.49 12.48 6.84
N THR H 26 13.17 12.65 5.72
CA THR H 26 14.53 13.24 5.74
C THR H 26 14.42 14.73 6.06
N ALA H 27 15.53 15.36 6.44
CA ALA H 27 15.50 16.78 6.81
C ALA H 27 15.23 17.66 5.59
N GLU H 28 15.57 17.15 4.41
CA GLU H 28 15.26 17.85 3.16
C GLU H 28 13.78 17.71 2.81
N GLU H 29 13.23 16.53 3.06
CA GLU H 29 11.81 16.35 2.87
C GLU H 29 11.05 17.26 3.81
N ALA H 30 11.57 17.42 5.01
CA ALA H 30 10.93 18.28 5.99
C ALA H 30 10.86 19.73 5.51
N ASP H 31 11.98 20.26 5.00
CA ASP H 31 11.98 21.65 4.54
C ASP H 31 11.11 21.85 3.29
N LYS H 32 11.13 20.87 2.41
CA LYS H 32 10.32 20.93 1.20
C LYS H 32 8.83 21.00 1.53
N ILE H 33 8.36 20.16 2.45
CA ILE H 33 6.93 20.18 2.75
C ILE H 33 6.50 21.54 3.28
N LYS H 34 7.42 22.27 3.89
CA LYS H 34 7.10 23.59 4.41
C LYS H 34 7.04 24.61 3.28
N THR H 35 7.80 24.36 2.22
CA THR H 35 7.76 25.24 1.07
C THR H 35 6.40 25.05 0.36
N LEU H 36 5.96 23.80 0.24
CA LEU H 36 4.62 23.50 -0.25
C LEU H 36 3.51 24.26 0.49
N LEU H 37 3.60 24.30 1.81
CA LEU H 37 2.60 24.99 2.58
C LEU H 37 2.64 26.48 2.24
N GLN H 38 3.86 26.98 2.06
CA GLN H 38 4.06 28.42 1.91
C GLN H 38 3.53 28.90 0.56
N TYR H 39 3.91 28.18 -0.48
CA TYR H 39 3.74 28.63 -1.85
C TYR H 39 2.41 28.29 -2.50
N SER H 40 1.51 27.69 -1.72
CA SER H 40 0.15 27.47 -2.18
C SER H 40 -0.43 28.77 -2.67
N PRO H 41 -1.16 28.74 -3.78
CA PRO H 41 -1.86 29.94 -4.19
C PRO H 41 -3.03 30.20 -3.25
N SER H 42 -3.65 31.37 -3.40
CA SER H 42 -4.82 31.73 -2.63
C SER H 42 -5.45 32.98 -3.20
N SER H 43 -6.76 33.10 -3.04
CA SER H 43 -7.50 34.19 -3.65
C SER H 43 -6.85 35.50 -3.27
N THR H 44 -6.34 36.23 -4.27
CA THR H 44 -5.82 37.55 -3.97
C THR H 44 -4.47 37.45 -3.27
N ASN H 45 -3.91 36.24 -3.28
CA ASN H 45 -2.72 35.93 -2.50
C ASN H 45 -2.88 36.39 -1.05
N SER H 46 -4.07 36.20 -0.50
CA SER H 46 -4.34 36.69 0.85
C SER H 46 -3.80 35.79 1.95
N GLN H 47 -3.35 34.58 1.60
CA GLN H 47 -2.71 33.68 2.54
C GLN H 47 -3.28 33.72 3.95
N PRO H 48 -4.60 33.47 4.08
CA PRO H 48 -5.25 33.62 5.36
C PRO H 48 -5.03 32.38 6.24
N TRP H 49 -3.77 32.08 6.56
CA TRP H 49 -3.50 30.80 7.17
C TRP H 49 -2.34 30.72 8.14
N HIS H 50 -2.37 29.67 8.95
CA HIS H 50 -1.25 29.31 9.79
C HIS H 50 -1.06 27.80 9.79
N PHE H 51 0.17 27.34 9.92
CA PHE H 51 0.45 25.91 9.93
C PHE H 51 1.24 25.51 11.16
N ILE H 52 0.80 24.42 11.78
CA ILE H 52 1.60 23.80 12.82
C ILE H 52 2.16 22.49 12.25
N VAL H 53 3.48 22.36 12.30
CA VAL H 53 4.13 21.12 11.95
C VAL H 53 4.70 20.46 13.19
N ALA H 54 4.08 19.37 13.61
CA ALA H 54 4.58 18.57 14.73
C ALA H 54 5.46 17.44 14.23
N SER H 55 6.72 17.45 14.67
CA SER H 55 7.69 16.42 14.25
C SER H 55 8.21 15.57 15.43
N THR H 56 8.11 16.12 16.64
CA THR H 56 8.55 15.42 17.86
C THR H 56 7.46 14.54 18.46
N GLU H 57 7.84 13.64 19.36
CA GLU H 57 6.86 12.83 20.09
C GLU H 57 6.00 13.70 20.99
N GLU H 58 6.62 14.62 21.71
CA GLU H 58 5.85 15.53 22.54
C GLU H 58 4.92 16.36 21.66
N GLY H 59 5.41 16.73 20.48
CA GLY H 59 4.64 17.58 19.58
C GLY H 59 3.38 16.90 19.05
N LYS H 60 3.57 15.69 18.52
CA LYS H 60 2.47 14.95 17.94
C LYS H 60 1.44 14.59 19.01
N ALA H 61 1.92 14.42 20.25
CA ALA H 61 1.05 14.10 21.38
C ALA H 61 0.13 15.27 21.67
N ARG H 62 0.66 16.50 21.63
CA ARG H 62 -0.19 17.68 21.86
C ARG H 62 -1.27 17.75 20.80
N VAL H 63 -0.90 17.46 19.55
CA VAL H 63 -1.87 17.50 18.48
C VAL H 63 -2.89 16.37 18.65
N ALA H 64 -2.37 15.16 18.88
CA ALA H 64 -3.21 13.97 19.07
C ALA H 64 -4.28 14.14 20.17
N LYS H 65 -4.09 15.10 21.06
CA LYS H 65 -5.07 15.35 22.10
C LYS H 65 -6.40 15.77 21.51
N SER H 66 -6.35 16.23 20.27
CA SER H 66 -7.52 16.71 19.57
C SER H 66 -8.38 15.53 19.11
N ALA H 67 -7.80 14.33 19.17
CA ALA H 67 -8.46 13.12 18.71
C ALA H 67 -9.21 12.42 19.82
N ALA H 68 -9.14 12.97 21.03
CA ALA H 68 -9.88 12.42 22.15
C ALA H 68 -11.36 12.73 21.94
N GLY H 69 -12.21 12.17 22.80
CA GLY H 69 -13.63 12.40 22.69
C GLY H 69 -14.21 11.56 21.57
N ASN H 70 -14.84 12.19 20.60
CA ASN H 70 -15.54 11.45 19.57
C ASN H 70 -14.64 11.02 18.43
N TYR H 71 -13.33 11.26 18.55
CA TYR H 71 -12.44 11.01 17.42
C TYR H 71 -11.24 10.15 17.75
N THR H 72 -11.36 9.38 18.84
CA THR H 72 -10.27 8.50 19.28
C THR H 72 -9.75 7.60 18.14
N PHE H 73 -10.58 7.34 17.14
CA PHE H 73 -10.16 6.47 16.03
C PHE H 73 -9.10 7.10 15.12
N ASN H 74 -8.88 8.40 15.29
CA ASN H 74 -7.86 9.09 14.54
C ASN H 74 -6.57 9.28 15.31
N GLU H 75 -6.53 8.81 16.55
CA GLU H 75 -5.37 9.09 17.38
C GLU H 75 -4.09 8.42 16.89
N ARG H 76 -4.19 7.16 16.50
CA ARG H 76 -3.01 6.39 16.14
CA ARG H 76 -3.01 6.39 16.14
C ARG H 76 -2.33 6.97 14.90
N LYS H 77 -3.14 7.40 13.93
CA LYS H 77 -2.61 8.02 12.72
C LYS H 77 -1.82 9.27 13.05
N LEU H 79 -0.19 9.78 15.87
CA LEU H 79 0.98 9.51 16.69
C LEU H 79 2.06 8.82 15.88
N ASP H 80 1.63 7.99 14.93
CA ASP H 80 2.56 7.14 14.21
C ASP H 80 3.27 7.81 13.04
N ALA H 81 2.63 8.79 12.42
CA ALA H 81 3.25 9.49 11.28
C ALA H 81 4.48 10.29 11.71
N SER H 82 5.47 10.32 10.82
CA SER H 82 6.67 11.13 11.04
C SER H 82 6.36 12.57 11.37
N HIS H 83 5.56 13.22 10.53
CA HIS H 83 5.25 14.63 10.67
C HIS H 83 3.76 14.83 10.60
N VAL H 84 3.22 15.73 11.41
CA VAL H 84 1.80 15.98 11.41
C VAL H 84 1.57 17.45 11.17
N VAL H 85 0.71 17.76 10.19
CA VAL H 85 0.43 19.15 9.83
C VAL H 85 -0.97 19.60 10.20
N VAL H 86 -1.05 20.69 10.95
CA VAL H 86 -2.33 21.29 11.27
C VAL H 86 -2.52 22.54 10.42
N PHE H 87 -3.54 22.52 9.55
CA PHE H 87 -3.89 23.68 8.75
C PHE H 87 -4.92 24.54 9.46
N CYS H 88 -4.60 25.81 9.67
CA CYS H 88 -5.53 26.71 10.33
C CYS H 88 -5.86 27.90 9.45
N ALA H 89 -7.09 28.39 9.57
CA ALA H 89 -7.51 29.58 8.88
C ALA H 89 -7.47 30.73 9.85
N LYS H 90 -7.32 31.94 9.33
CA LYS H 90 -7.45 33.15 10.13
C LYS H 90 -8.89 33.24 10.58
N THR H 91 -9.08 33.91 11.71
CA THR H 91 -10.40 34.16 12.24
C THR H 91 -11.05 35.38 11.59
N ALA H 92 -10.22 36.36 11.23
CA ALA H 92 -10.71 37.57 10.59
C ALA H 92 -9.73 38.04 9.54
N ASP H 94 -8.26 41.16 8.81
CA ASP H 94 -8.11 42.49 9.39
C ASP H 94 -7.26 43.36 8.47
N ASP H 95 -7.43 44.67 8.58
CA ASP H 95 -6.59 45.59 7.82
CA ASP H 95 -6.58 45.63 7.86
C ASP H 95 -5.11 45.24 8.01
N ALA H 96 -4.69 44.99 9.24
CA ALA H 96 -3.29 44.66 9.50
C ALA H 96 -2.76 43.57 8.55
N TRP H 97 -3.55 42.53 8.33
CA TRP H 97 -3.11 41.39 7.53
C TRP H 97 -3.10 41.75 6.04
N LEU H 98 -4.11 42.50 5.61
CA LEU H 98 -4.16 43.04 4.26
C LEU H 98 -2.90 43.85 4.00
N GLU H 99 -2.60 44.76 4.92
CA GLU H 99 -1.41 45.58 4.82
C GLU H 99 -0.17 44.71 4.76
N ARG H 100 -0.13 43.70 5.63
CA ARG H 100 1.04 42.83 5.72
C ARG H 100 1.29 42.13 4.39
N VAL H 101 0.21 41.67 3.76
CA VAL H 101 0.34 40.93 2.52
C VAL H 101 0.81 41.85 1.41
N VAL H 102 0.15 43.00 1.26
CA VAL H 102 0.54 43.91 0.20
C VAL H 102 1.97 44.43 0.35
N ASP H 103 2.43 44.62 1.60
CA ASP H 103 3.81 45.07 1.84
C ASP H 103 4.82 43.98 1.48
N GLN H 104 4.42 42.73 1.70
CA GLN H 104 5.30 41.61 1.42
C GLN H 104 5.48 41.46 -0.09
N GLU H 105 4.40 41.73 -0.82
CA GLU H 105 4.45 41.75 -2.28
C GLU H 105 5.32 42.90 -2.78
N ASP H 106 5.31 44.01 -2.06
CA ASP H 106 6.17 45.16 -2.36
C ASP H 106 7.62 44.77 -2.11
N ALA H 107 7.89 44.23 -0.92
CA ALA H 107 9.25 43.87 -0.54
C ALA H 107 9.82 42.83 -1.48
N ASP H 108 8.93 42.02 -2.05
CA ASP H 108 9.35 40.99 -3.00
C ASP H 108 9.55 41.54 -4.41
N GLY H 109 9.13 42.79 -4.62
CA GLY H 109 9.42 43.52 -5.86
C GLY H 109 8.39 43.30 -6.96
N ARG H 110 7.13 43.18 -6.58
CA ARG H 110 6.07 42.93 -7.53
C ARG H 110 5.51 44.23 -8.10
N PHE H 111 5.85 45.35 -7.46
CA PHE H 111 5.33 46.66 -7.84
C PHE H 111 6.41 47.62 -8.32
N ALA H 112 6.28 48.10 -9.55
CA ALA H 112 7.25 49.00 -10.14
C ALA H 112 7.01 50.46 -9.75
N THR H 113 5.79 50.76 -9.30
CA THR H 113 5.40 52.12 -8.95
C THR H 113 4.46 52.09 -7.76
N PRO H 114 4.36 53.21 -7.04
CA PRO H 114 3.34 53.30 -5.99
C PRO H 114 1.95 53.08 -6.56
N GLU H 115 1.74 53.48 -7.81
CA GLU H 115 0.42 53.36 -8.43
C GLU H 115 0.05 51.90 -8.67
N ALA H 116 1.05 51.05 -8.89
CA ALA H 116 0.81 49.62 -9.08
C ALA H 116 0.42 49.01 -7.73
N LYS H 117 1.20 49.33 -6.70
CA LYS H 117 0.92 48.85 -5.36
C LYS H 117 -0.46 49.27 -4.88
N ALA H 118 -0.79 50.55 -5.07
CA ALA H 118 -2.07 51.04 -4.59
C ALA H 118 -3.23 50.35 -5.29
N ALA H 119 -3.09 50.09 -6.58
CA ALA H 119 -4.16 49.43 -7.31
C ALA H 119 -4.32 48.00 -6.83
N ASN H 120 -3.18 47.35 -6.56
CA ASN H 120 -3.19 45.99 -6.04
C ASN H 120 -3.91 45.93 -4.69
N ASP H 121 -3.57 46.87 -3.81
CA ASP H 121 -4.21 46.97 -2.50
C ASP H 121 -5.72 47.21 -2.61
N LYS H 122 -6.10 48.20 -3.41
CA LYS H 122 -7.49 48.53 -3.61
C LYS H 122 -8.27 47.31 -4.12
N GLY H 123 -7.67 46.58 -5.05
CA GLY H 123 -8.30 45.40 -5.61
C GLY H 123 -8.52 44.32 -4.56
N ARG H 124 -7.47 44.03 -3.79
CA ARG H 124 -7.60 43.05 -2.72
C ARG H 124 -8.65 43.50 -1.71
N ARG H 125 -8.54 44.72 -1.23
CA ARG H 125 -9.52 45.21 -0.24
C ARG H 125 -10.96 45.18 -0.74
N PHE H 126 -11.16 45.35 -2.04
CA PHE H 126 -12.49 45.23 -2.61
C PHE H 126 -13.04 43.84 -2.36
N PHE H 127 -12.35 42.81 -2.86
CA PHE H 127 -12.69 41.42 -2.60
C PHE H 127 -12.91 41.12 -1.12
N ALA H 128 -11.99 41.57 -0.26
CA ALA H 128 -12.06 41.29 1.16
C ALA H 128 -13.31 41.90 1.78
N ASP H 129 -13.63 43.13 1.40
CA ASP H 129 -14.79 43.82 1.95
C ASP H 129 -16.07 43.21 1.41
N HIS H 131 -16.48 40.16 0.88
CA HIS H 131 -16.71 38.98 1.70
C HIS H 131 -17.10 39.30 3.14
N ARG H 132 -16.36 40.20 3.78
CA ARG H 132 -16.56 40.48 5.22
C ARG H 132 -17.70 41.46 5.53
N VAL H 133 -17.99 42.37 4.60
CA VAL H 133 -19.04 43.36 4.81
C VAL H 133 -20.31 42.99 4.05
N SER H 134 -20.19 42.86 2.74
CA SER H 134 -21.34 42.63 1.89
C SER H 134 -21.93 41.22 2.08
N LEU H 135 -21.15 40.21 1.74
CA LEU H 135 -21.63 38.82 1.77
C LEU H 135 -21.68 38.22 3.17
N LYS H 136 -20.94 38.80 4.11
CA LYS H 136 -20.94 38.31 5.49
C LYS H 136 -20.46 36.86 5.43
N ASP H 137 -19.29 36.67 4.82
CA ASP H 137 -18.91 35.41 4.20
C ASP H 137 -17.47 35.06 4.53
N ASP H 138 -16.74 35.97 5.17
CA ASP H 138 -15.30 35.84 5.23
C ASP H 138 -14.73 34.54 5.85
N HIS H 139 -15.33 34.01 6.91
CA HIS H 139 -14.79 32.79 7.52
C HIS H 139 -14.74 31.66 6.49
N GLN H 140 -15.86 31.45 5.81
CA GLN H 140 -15.95 30.39 4.82
C GLN H 140 -14.96 30.68 3.66
N TRP H 141 -14.95 31.91 3.17
CA TRP H 141 -14.01 32.32 2.14
C TRP H 141 -12.57 31.96 2.50
N ALA H 143 -11.64 29.77 4.80
CA ALA H 143 -11.54 28.33 5.01
C ALA H 143 -11.31 27.62 3.66
N LYS H 144 -11.95 28.13 2.61
CA LYS H 144 -11.73 27.57 1.28
C LYS H 144 -10.26 27.70 0.83
N GLN H 145 -9.64 28.85 1.08
CA GLN H 145 -8.25 29.02 0.70
C GLN H 145 -7.37 27.99 1.40
N VAL H 146 -7.66 27.71 2.66
CA VAL H 146 -6.92 26.72 3.39
C VAL H 146 -7.12 25.33 2.79
N TYR H 147 -8.33 25.01 2.33
CA TYR H 147 -8.58 23.72 1.68
C TYR H 147 -7.88 23.59 0.35
N LEU H 148 -7.82 24.69 -0.38
CA LEU H 148 -7.06 24.74 -1.60
C LEU H 148 -5.60 24.33 -1.30
N ASN H 149 -5.02 24.95 -0.29
CA ASN H 149 -3.68 24.60 0.21
C ASN H 149 -3.50 23.12 0.50
N VAL H 150 -4.50 22.54 1.17
CA VAL H 150 -4.49 21.13 1.53
C VAL H 150 -4.40 20.29 0.25
N GLY H 151 -5.21 20.64 -0.74
CA GLY H 151 -5.21 19.93 -2.02
C GLY H 151 -3.84 20.03 -2.67
N ASN H 152 -3.30 21.23 -2.68
CA ASN H 152 -1.95 21.43 -3.17
C ASN H 152 -0.97 20.55 -2.41
N PHE H 153 -1.05 20.61 -1.08
CA PHE H 153 -0.22 19.78 -0.23
C PHE H 153 -0.37 18.26 -0.46
N LEU H 154 -1.60 17.77 -0.53
CA LEU H 154 -1.74 16.34 -0.69
C LEU H 154 -1.04 15.85 -1.96
N LEU H 155 -1.28 16.56 -3.06
CA LEU H 155 -0.64 16.16 -4.31
C LEU H 155 0.87 16.29 -4.21
N GLY H 156 1.34 17.37 -3.58
CA GLY H 156 2.76 17.67 -3.51
C GLY H 156 3.54 16.58 -2.82
N VAL H 157 3.21 16.33 -1.54
CA VAL H 157 3.91 15.32 -0.76
C VAL H 157 3.85 13.95 -1.43
N ALA H 158 2.72 13.63 -2.03
CA ALA H 158 2.64 12.42 -2.84
C ALA H 158 3.74 12.42 -3.88
N ALA H 159 3.89 13.52 -4.59
CA ALA H 159 4.93 13.61 -5.63
C ALA H 159 6.33 13.38 -5.03
N GLY H 161 7.04 11.29 -2.95
CA GLY H 161 7.10 9.90 -2.47
C GLY H 161 6.68 9.64 -1.01
N LEU H 162 6.02 10.63 -0.40
CA LEU H 162 5.52 10.52 0.97
C LEU H 162 4.05 10.08 1.02
N ASP H 163 3.65 9.54 2.16
CA ASP H 163 2.27 9.13 2.38
C ASP H 163 1.62 10.15 3.31
N ALA H 164 0.33 10.40 3.13
CA ALA H 164 -0.37 11.35 3.99
C ALA H 164 -1.84 10.97 4.07
N VAL H 165 -2.57 11.62 4.97
CA VAL H 165 -4.01 11.44 5.11
C VAL H 165 -4.59 12.73 5.67
N PRO H 166 -5.59 13.30 4.98
CA PRO H 166 -6.29 14.49 5.46
C PRO H 166 -7.35 14.11 6.49
N ILE H 167 -7.26 14.67 7.67
CA ILE H 167 -8.16 14.33 8.76
C ILE H 167 -9.00 15.54 9.16
N GLU H 168 -10.31 15.38 9.11
CA GLU H 168 -11.25 16.39 9.55
CA GLU H 168 -11.23 16.40 9.56
C GLU H 168 -11.89 15.92 10.84
N GLY H 169 -11.66 14.66 11.17
CA GLY H 169 -12.24 14.07 12.36
C GLY H 169 -11.36 14.32 13.57
N PHE H 170 -11.50 15.51 14.14
CA PHE H 170 -10.76 15.91 15.33
C PHE H 170 -11.51 17.05 15.98
N ASP H 171 -11.20 17.33 17.23
CA ASP H 171 -11.88 18.38 17.98
C ASP H 171 -11.15 19.69 17.80
N ALA H 172 -11.72 20.59 17.01
CA ALA H 172 -11.09 21.88 16.72
C ALA H 172 -10.97 22.73 17.98
N GLU H 173 -12.04 22.79 18.76
CA GLU H 173 -11.99 23.53 20.03
C GLU H 173 -10.81 23.06 20.86
N VAL H 174 -10.65 21.75 20.98
CA VAL H 174 -9.60 21.23 21.83
C VAL H 174 -8.24 21.60 21.25
N LEU H 175 -8.08 21.31 19.96
CA LEU H 175 -6.82 21.58 19.25
C LEU H 175 -6.40 23.05 19.35
N ASP H 176 -7.39 23.95 19.20
CA ASP H 176 -7.15 25.37 19.31
C ASP H 176 -6.66 25.70 20.71
N ALA H 177 -7.39 25.26 21.72
CA ALA H 177 -6.97 25.45 23.10
C ALA H 177 -5.52 25.02 23.29
N GLU H 178 -5.20 23.80 22.86
CA GLU H 178 -3.87 23.25 23.05
C GLU H 178 -2.80 24.22 22.56
N PHE H 179 -3.13 24.99 21.53
CA PHE H 179 -2.14 25.88 20.92
C PHE H 179 -2.47 27.37 21.04
N GLY H 180 -3.44 27.70 21.89
CA GLY H 180 -3.85 29.08 22.07
C GLY H 180 -4.07 29.79 20.76
N LEU H 181 -4.83 29.16 19.87
CA LEU H 181 -5.05 29.71 18.53
C LEU H 181 -6.05 30.86 18.46
N LYS H 182 -7.16 30.75 19.19
CA LYS H 182 -8.19 31.79 19.12
C LYS H 182 -7.55 33.15 19.43
N GLU H 183 -6.67 33.15 20.42
CA GLU H 183 -6.01 34.37 20.83
C GLU H 183 -5.08 34.89 19.74
N LYS H 184 -4.33 33.98 19.12
CA LYS H 184 -3.39 34.36 18.06
C LYS H 184 -4.11 34.72 16.76
N GLY H 185 -5.42 34.49 16.71
CA GLY H 185 -6.23 34.86 15.56
C GLY H 185 -6.44 33.79 14.50
N TYR H 186 -6.36 32.52 14.91
CA TYR H 186 -6.54 31.42 13.97
C TYR H 186 -7.46 30.33 14.50
N THR H 187 -7.92 29.44 13.62
CA THR H 187 -8.65 28.26 14.03
C THR H 187 -8.27 27.03 13.20
N SER H 188 -8.17 25.88 13.86
CA SER H 188 -7.71 24.66 13.19
C SER H 188 -8.81 24.05 12.31
N LEU H 189 -8.42 23.55 11.14
CA LEU H 189 -9.38 23.10 10.15
C LEU H 189 -9.13 21.67 9.67
N VAL H 190 -7.88 21.34 9.38
CA VAL H 190 -7.52 20.01 8.89
C VAL H 190 -6.19 19.55 9.48
N VAL H 191 -6.10 18.25 9.78
CA VAL H 191 -4.84 17.73 10.27
C VAL H 191 -4.36 16.72 9.26
N VAL H 192 -3.08 16.79 8.90
CA VAL H 192 -2.54 15.92 7.87
C VAL H 192 -1.28 15.20 8.33
N PRO H 193 -1.42 13.97 8.82
CA PRO H 193 -0.18 13.26 9.11
C PRO H 193 0.56 12.95 7.82
N VAL H 194 1.89 12.98 7.88
CA VAL H 194 2.76 12.72 6.73
C VAL H 194 3.93 11.79 7.14
N GLY H 195 4.26 10.83 6.28
CA GLY H 195 5.32 9.87 6.56
C GLY H 195 5.23 8.72 5.58
N HIS H 196 5.38 7.49 6.06
CA HIS H 196 5.28 6.33 5.17
C HIS H 196 4.35 5.26 5.73
N HIS H 197 3.56 4.62 4.89
CA HIS H 197 2.64 3.61 5.36
C HIS H 197 3.36 2.35 5.86
N SER H 198 2.77 1.66 6.82
CA SER H 198 3.37 0.42 7.27
C SER H 198 2.72 -0.77 6.57
N VAL H 199 3.29 -1.95 6.76
CA VAL H 199 2.71 -3.14 6.17
C VAL H 199 1.36 -3.47 6.80
N GLU H 200 0.96 -2.71 7.82
CA GLU H 200 -0.37 -2.90 8.42
C GLU H 200 -1.43 -2.18 7.61
N ASP H 201 -1.02 -1.27 6.73
CA ASP H 201 -1.96 -0.54 5.92
C ASP H 201 -2.34 -1.32 4.69
N PHE H 202 -3.46 -2.02 4.72
CA PHE H 202 -3.83 -2.78 3.55
C PHE H 202 -4.44 -1.90 2.46
N ASN H 203 -4.68 -0.63 2.78
CA ASN H 203 -5.33 0.26 1.83
C ASN H 203 -4.41 0.64 0.67
N ALA H 204 -3.12 0.70 0.95
CA ALA H 204 -2.11 0.97 -0.07
C ALA H 204 -2.24 0.05 -1.28
N GLY H 205 -2.72 -1.18 -1.09
CA GLY H 205 -2.85 -2.11 -2.20
C GLY H 205 -4.24 -2.21 -2.82
N LEU H 206 -5.16 -1.35 -2.40
CA LEU H 206 -6.52 -1.41 -2.93
C LEU H 206 -6.64 -0.58 -4.20
N PRO H 207 -7.47 -1.03 -5.15
CA PRO H 207 -7.70 -0.24 -6.34
C PRO H 207 -8.28 1.10 -5.91
N LYS H 208 -7.91 2.19 -6.58
CA LYS H 208 -8.58 3.47 -6.33
C LYS H 208 -10.00 3.41 -6.85
N SER H 209 -10.89 4.20 -6.27
CA SER H 209 -12.27 4.31 -6.72
C SER H 209 -12.69 5.76 -6.90
N ARG H 210 -13.34 6.04 -8.03
CA ARG H 210 -13.88 7.35 -8.31
C ARG H 210 -15.12 7.17 -9.15
N LEU H 211 -16.10 8.04 -8.97
CA LEU H 211 -17.26 8.03 -9.86
C LEU H 211 -16.77 8.28 -11.29
N PRO H 212 -17.45 7.69 -12.28
CA PRO H 212 -17.02 7.87 -13.67
C PRO H 212 -17.26 9.29 -14.16
N LEU H 213 -16.38 9.76 -15.02
CA LEU H 213 -16.53 11.10 -15.61
C LEU H 213 -17.92 11.32 -16.16
N GLU H 214 -18.54 10.26 -16.66
CA GLU H 214 -19.87 10.39 -17.22
C GLU H 214 -20.86 10.99 -16.21
N THR H 215 -20.58 10.88 -14.93
CA THR H 215 -21.46 11.46 -13.93
C THR H 215 -20.98 12.86 -13.55
N THR H 216 -19.67 12.99 -13.38
CA THR H 216 -19.14 14.21 -12.76
C THR H 216 -18.72 15.28 -13.79
N LEU H 217 -18.68 14.91 -15.08
CA LEU H 217 -18.11 15.80 -16.08
C LEU H 217 -19.04 16.14 -17.23
N THR H 218 -19.22 17.44 -17.45
CA THR H 218 -19.92 17.96 -18.63
C THR H 218 -18.93 18.69 -19.54
N GLU H 219 -18.65 18.12 -20.70
CA GLU H 219 -17.81 18.80 -21.69
C GLU H 219 -18.69 19.70 -22.54
N VAL H 220 -18.16 20.86 -22.93
CA VAL H 220 -18.97 21.81 -23.69
C VAL H 220 -18.08 22.76 -24.51
#